data_1DVO
# 
_entry.id   1DVO 
# 
_audit_conform.dict_name       mmcif_pdbx.dic 
_audit_conform.dict_version    5.385 
_audit_conform.dict_location   http://mmcif.pdb.org/dictionaries/ascii/mmcif_pdbx.dic 
# 
loop_
_database_2.database_id 
_database_2.database_code 
_database_2.pdbx_database_accession 
_database_2.pdbx_DOI 
PDB   1DVO         pdb_00001dvo 10.2210/pdb1dvo/pdb 
RCSB  RCSB010413   ?            ?                   
WWPDB D_1000010413 ?            ?                   
# 
loop_
_pdbx_audit_revision_history.ordinal 
_pdbx_audit_revision_history.data_content_type 
_pdbx_audit_revision_history.major_revision 
_pdbx_audit_revision_history.minor_revision 
_pdbx_audit_revision_history.revision_date 
1 'Structure model' 1 0 2000-07-19 
2 'Structure model' 1 1 2008-04-27 
3 'Structure model' 1 2 2011-07-13 
4 'Structure model' 1 3 2021-11-03 
5 'Structure model' 1 4 2024-02-07 
# 
_pdbx_audit_revision_details.ordinal             1 
_pdbx_audit_revision_details.revision_ordinal    1 
_pdbx_audit_revision_details.data_content_type   'Structure model' 
_pdbx_audit_revision_details.provider            repository 
_pdbx_audit_revision_details.type                'Initial release' 
_pdbx_audit_revision_details.description         ? 
_pdbx_audit_revision_details.details             ? 
# 
loop_
_pdbx_audit_revision_group.ordinal 
_pdbx_audit_revision_group.revision_ordinal 
_pdbx_audit_revision_group.data_content_type 
_pdbx_audit_revision_group.group 
1 2 'Structure model' 'Version format compliance' 
2 3 'Structure model' 'Version format compliance' 
3 4 'Structure model' 'Database references'       
4 5 'Structure model' 'Data collection'           
# 
loop_
_pdbx_audit_revision_category.ordinal 
_pdbx_audit_revision_category.revision_ordinal 
_pdbx_audit_revision_category.data_content_type 
_pdbx_audit_revision_category.category 
1 4 'Structure model' database_2         
2 4 'Structure model' struct_ref_seq_dif 
3 5 'Structure model' chem_comp_atom     
4 5 'Structure model' chem_comp_bond     
# 
loop_
_pdbx_audit_revision_item.ordinal 
_pdbx_audit_revision_item.revision_ordinal 
_pdbx_audit_revision_item.data_content_type 
_pdbx_audit_revision_item.item 
1 4 'Structure model' '_database_2.pdbx_DOI'                
2 4 'Structure model' '_database_2.pdbx_database_accession' 
3 4 'Structure model' '_struct_ref_seq_dif.details'         
# 
_pdbx_database_status.status_code                     REL 
_pdbx_database_status.entry_id                        1DVO 
_pdbx_database_status.recvd_initial_deposition_date   2000-01-21 
_pdbx_database_status.deposit_site                    RCSB 
_pdbx_database_status.process_site                    RCSB 
_pdbx_database_status.status_code_sf                  REL 
_pdbx_database_status.SG_entry                        . 
_pdbx_database_status.pdb_format_compatible           Y 
_pdbx_database_status.status_code_mr                  ? 
_pdbx_database_status.status_code_cs                  ? 
_pdbx_database_status.status_code_nmr_data            ? 
_pdbx_database_status.methods_development_category    ? 
# 
loop_
_audit_author.name 
_audit_author.pdbx_ordinal 
'Ghetu, A.F.'    1 
'Gubbins, M.J.'  2 
'Frost, L.S.'    3 
'Glover, J.N.M.' 4 
# 
_citation.id                        primary 
_citation.title                     'Crystal structure of the bacterial conjugation repressor finO.' 
_citation.journal_abbrev            Nat.Struct.Biol. 
_citation.journal_volume            7 
_citation.page_first                565 
_citation.page_last                 569 
_citation.year                      2000 
_citation.journal_id_ASTM           NSBIEW 
_citation.country                   US 
_citation.journal_id_ISSN           1072-8368 
_citation.journal_id_CSD            2024 
_citation.book_publisher            ? 
_citation.pdbx_database_id_PubMed   10876242 
_citation.pdbx_database_id_DOI      10.1038/76790 
# 
loop_
_citation_author.citation_id 
_citation_author.name 
_citation_author.ordinal 
_citation_author.identifier_ORCID 
primary 'Ghetu, A.F.'   1 ? 
primary 'Gubbins, M.J.' 2 ? 
primary 'Frost, L.S.'   3 ? 
primary 'Glover, J.N.'  4 ? 
# 
loop_
_entity.id 
_entity.type 
_entity.src_method 
_entity.pdbx_description 
_entity.formula_weight 
_entity.pdbx_number_of_molecules 
_entity.pdbx_ec 
_entity.pdbx_mutation 
_entity.pdbx_fragment 
_entity.details 
1 polymer man 'FERTILITY INHIBITION PROTEIN O' 17374.115 1   ? L124M ? ? 
2 water   nat water                            18.015    209 ? ?     ? ? 
# 
_entity_name_com.entity_id   1 
_entity_name_com.name        FINO 
# 
_entity_poly.entity_id                      1 
_entity_poly.type                           'polypeptide(L)' 
_entity_poly.nstd_linkage                   no 
_entity_poly.nstd_monomer                   no 
_entity_poly.pdbx_seq_one_letter_code       
;PPKWKVKKQKLAEKAAREAELTAKKAQARQALSIYLNLPTLDEAVNTLKPWWPGLFDGDTPRLLACGIRDVLLEDVAQRN
IPLSHKKLRRAMKAITRSESYLCAMKAGACRYDTEGYVTEHISQEEEVYAAERLDKIRRQNRIKAELQAVLD
;
_entity_poly.pdbx_seq_one_letter_code_can   
;PPKWKVKKQKLAEKAAREAELTAKKAQARQALSIYLNLPTLDEAVNTLKPWWPGLFDGDTPRLLACGIRDVLLEDVAQRN
IPLSHKKLRRAMKAITRSESYLCAMKAGACRYDTEGYVTEHISQEEEVYAAERLDKIRRQNRIKAELQAVLD
;
_entity_poly.pdbx_strand_id                 A 
_entity_poly.pdbx_target_identifier         ? 
# 
_pdbx_entity_nonpoly.entity_id   2 
_pdbx_entity_nonpoly.name        water 
_pdbx_entity_nonpoly.comp_id     HOH 
# 
loop_
_entity_poly_seq.entity_id 
_entity_poly_seq.num 
_entity_poly_seq.mon_id 
_entity_poly_seq.hetero 
1 1   PRO n 
1 2   PRO n 
1 3   LYS n 
1 4   TRP n 
1 5   LYS n 
1 6   VAL n 
1 7   LYS n 
1 8   LYS n 
1 9   GLN n 
1 10  LYS n 
1 11  LEU n 
1 12  ALA n 
1 13  GLU n 
1 14  LYS n 
1 15  ALA n 
1 16  ALA n 
1 17  ARG n 
1 18  GLU n 
1 19  ALA n 
1 20  GLU n 
1 21  LEU n 
1 22  THR n 
1 23  ALA n 
1 24  LYS n 
1 25  LYS n 
1 26  ALA n 
1 27  GLN n 
1 28  ALA n 
1 29  ARG n 
1 30  GLN n 
1 31  ALA n 
1 32  LEU n 
1 33  SER n 
1 34  ILE n 
1 35  TYR n 
1 36  LEU n 
1 37  ASN n 
1 38  LEU n 
1 39  PRO n 
1 40  THR n 
1 41  LEU n 
1 42  ASP n 
1 43  GLU n 
1 44  ALA n 
1 45  VAL n 
1 46  ASN n 
1 47  THR n 
1 48  LEU n 
1 49  LYS n 
1 50  PRO n 
1 51  TRP n 
1 52  TRP n 
1 53  PRO n 
1 54  GLY n 
1 55  LEU n 
1 56  PHE n 
1 57  ASP n 
1 58  GLY n 
1 59  ASP n 
1 60  THR n 
1 61  PRO n 
1 62  ARG n 
1 63  LEU n 
1 64  LEU n 
1 65  ALA n 
1 66  CYS n 
1 67  GLY n 
1 68  ILE n 
1 69  ARG n 
1 70  ASP n 
1 71  VAL n 
1 72  LEU n 
1 73  LEU n 
1 74  GLU n 
1 75  ASP n 
1 76  VAL n 
1 77  ALA n 
1 78  GLN n 
1 79  ARG n 
1 80  ASN n 
1 81  ILE n 
1 82  PRO n 
1 83  LEU n 
1 84  SER n 
1 85  HIS n 
1 86  LYS n 
1 87  LYS n 
1 88  LEU n 
1 89  ARG n 
1 90  ARG n 
1 91  ALA n 
1 92  MET n 
1 93  LYS n 
1 94  ALA n 
1 95  ILE n 
1 96  THR n 
1 97  ARG n 
1 98  SER n 
1 99  GLU n 
1 100 SER n 
1 101 TYR n 
1 102 LEU n 
1 103 CYS n 
1 104 ALA n 
1 105 MET n 
1 106 LYS n 
1 107 ALA n 
1 108 GLY n 
1 109 ALA n 
1 110 CYS n 
1 111 ARG n 
1 112 TYR n 
1 113 ASP n 
1 114 THR n 
1 115 GLU n 
1 116 GLY n 
1 117 TYR n 
1 118 VAL n 
1 119 THR n 
1 120 GLU n 
1 121 HIS n 
1 122 ILE n 
1 123 SER n 
1 124 GLN n 
1 125 GLU n 
1 126 GLU n 
1 127 GLU n 
1 128 VAL n 
1 129 TYR n 
1 130 ALA n 
1 131 ALA n 
1 132 GLU n 
1 133 ARG n 
1 134 LEU n 
1 135 ASP n 
1 136 LYS n 
1 137 ILE n 
1 138 ARG n 
1 139 ARG n 
1 140 GLN n 
1 141 ASN n 
1 142 ARG n 
1 143 ILE n 
1 144 LYS n 
1 145 ALA n 
1 146 GLU n 
1 147 LEU n 
1 148 GLN n 
1 149 ALA n 
1 150 VAL n 
1 151 LEU n 
1 152 ASP n 
# 
_entity_src_gen.entity_id                          1 
_entity_src_gen.pdbx_src_id                        1 
_entity_src_gen.pdbx_alt_source_flag               sample 
_entity_src_gen.pdbx_seq_type                      ? 
_entity_src_gen.pdbx_beg_seq_num                   ? 
_entity_src_gen.pdbx_end_seq_num                   ? 
_entity_src_gen.gene_src_common_name               ? 
_entity_src_gen.gene_src_genus                     Escherichia 
_entity_src_gen.pdbx_gene_src_gene                 ? 
_entity_src_gen.gene_src_species                   ? 
_entity_src_gen.gene_src_strain                    ? 
_entity_src_gen.gene_src_tissue                    ? 
_entity_src_gen.gene_src_tissue_fraction           ? 
_entity_src_gen.gene_src_details                   ? 
_entity_src_gen.pdbx_gene_src_fragment             ? 
_entity_src_gen.pdbx_gene_src_scientific_name      'Escherichia coli' 
_entity_src_gen.pdbx_gene_src_ncbi_taxonomy_id     562 
_entity_src_gen.pdbx_gene_src_variant              ? 
_entity_src_gen.pdbx_gene_src_cell_line            ? 
_entity_src_gen.pdbx_gene_src_atcc                 ? 
_entity_src_gen.pdbx_gene_src_organ                ? 
_entity_src_gen.pdbx_gene_src_organelle            ? 
_entity_src_gen.pdbx_gene_src_cell                 ? 
_entity_src_gen.pdbx_gene_src_cellular_location    ? 
_entity_src_gen.host_org_common_name               ? 
_entity_src_gen.pdbx_host_org_scientific_name      'Escherichia coli' 
_entity_src_gen.pdbx_host_org_ncbi_taxonomy_id     562 
_entity_src_gen.host_org_genus                     Escherichia 
_entity_src_gen.pdbx_host_org_gene                 ? 
_entity_src_gen.pdbx_host_org_organ                ? 
_entity_src_gen.host_org_species                   ? 
_entity_src_gen.pdbx_host_org_tissue               ? 
_entity_src_gen.pdbx_host_org_tissue_fraction      ? 
_entity_src_gen.pdbx_host_org_strain               ? 
_entity_src_gen.pdbx_host_org_variant              ? 
_entity_src_gen.pdbx_host_org_cell_line            ? 
_entity_src_gen.pdbx_host_org_atcc                 ? 
_entity_src_gen.pdbx_host_org_culture_collection   ? 
_entity_src_gen.pdbx_host_org_cell                 ? 
_entity_src_gen.pdbx_host_org_organelle            ? 
_entity_src_gen.pdbx_host_org_cellular_location    ? 
_entity_src_gen.pdbx_host_org_vector_type          ? 
_entity_src_gen.pdbx_host_org_vector               ? 
_entity_src_gen.host_org_details                   ? 
_entity_src_gen.expression_system_id               ? 
_entity_src_gen.plasmid_name                       PGEX-KG 
_entity_src_gen.plasmid_details                    ? 
_entity_src_gen.pdbx_description                   ? 
# 
loop_
_chem_comp.id 
_chem_comp.type 
_chem_comp.mon_nstd_flag 
_chem_comp.name 
_chem_comp.pdbx_synonyms 
_chem_comp.formula 
_chem_comp.formula_weight 
ALA 'L-peptide linking' y ALANINE         ? 'C3 H7 N O2'     89.093  
ARG 'L-peptide linking' y ARGININE        ? 'C6 H15 N4 O2 1' 175.209 
ASN 'L-peptide linking' y ASPARAGINE      ? 'C4 H8 N2 O3'    132.118 
ASP 'L-peptide linking' y 'ASPARTIC ACID' ? 'C4 H7 N O4'     133.103 
CYS 'L-peptide linking' y CYSTEINE        ? 'C3 H7 N O2 S'   121.158 
GLN 'L-peptide linking' y GLUTAMINE       ? 'C5 H10 N2 O3'   146.144 
GLU 'L-peptide linking' y 'GLUTAMIC ACID' ? 'C5 H9 N O4'     147.129 
GLY 'peptide linking'   y GLYCINE         ? 'C2 H5 N O2'     75.067  
HIS 'L-peptide linking' y HISTIDINE       ? 'C6 H10 N3 O2 1' 156.162 
HOH non-polymer         . WATER           ? 'H2 O'           18.015  
ILE 'L-peptide linking' y ISOLEUCINE      ? 'C6 H13 N O2'    131.173 
LEU 'L-peptide linking' y LEUCINE         ? 'C6 H13 N O2'    131.173 
LYS 'L-peptide linking' y LYSINE          ? 'C6 H15 N2 O2 1' 147.195 
MET 'L-peptide linking' y METHIONINE      ? 'C5 H11 N O2 S'  149.211 
PHE 'L-peptide linking' y PHENYLALANINE   ? 'C9 H11 N O2'    165.189 
PRO 'L-peptide linking' y PROLINE         ? 'C5 H9 N O2'     115.130 
SER 'L-peptide linking' y SERINE          ? 'C3 H7 N O3'     105.093 
THR 'L-peptide linking' y THREONINE       ? 'C4 H9 N O3'     119.119 
TRP 'L-peptide linking' y TRYPTOPHAN      ? 'C11 H12 N2 O2'  204.225 
TYR 'L-peptide linking' y TYROSINE        ? 'C9 H11 N O3'    181.189 
VAL 'L-peptide linking' y VALINE          ? 'C5 H11 N O2'    117.146 
# 
loop_
_pdbx_poly_seq_scheme.asym_id 
_pdbx_poly_seq_scheme.entity_id 
_pdbx_poly_seq_scheme.seq_id 
_pdbx_poly_seq_scheme.mon_id 
_pdbx_poly_seq_scheme.ndb_seq_num 
_pdbx_poly_seq_scheme.pdb_seq_num 
_pdbx_poly_seq_scheme.auth_seq_num 
_pdbx_poly_seq_scheme.pdb_mon_id 
_pdbx_poly_seq_scheme.auth_mon_id 
_pdbx_poly_seq_scheme.pdb_strand_id 
_pdbx_poly_seq_scheme.pdb_ins_code 
_pdbx_poly_seq_scheme.hetero 
A 1 1   PRO 1   33  33  PRO PRO A . n 
A 1 2   PRO 2   34  34  PRO PRO A . n 
A 1 3   LYS 3   35  35  LYS LYS A . n 
A 1 4   TRP 4   36  36  TRP TRP A . n 
A 1 5   LYS 5   37  37  LYS LYS A . n 
A 1 6   VAL 6   38  38  VAL VAL A . n 
A 1 7   LYS 7   39  39  LYS LYS A . n 
A 1 8   LYS 8   40  40  LYS LYS A . n 
A 1 9   GLN 9   41  41  GLN GLN A . n 
A 1 10  LYS 10  42  42  LYS LYS A . n 
A 1 11  LEU 11  43  43  LEU LEU A . n 
A 1 12  ALA 12  44  44  ALA ALA A . n 
A 1 13  GLU 13  45  45  GLU GLU A . n 
A 1 14  LYS 14  46  46  LYS LYS A . n 
A 1 15  ALA 15  47  47  ALA ALA A . n 
A 1 16  ALA 16  48  48  ALA ALA A . n 
A 1 17  ARG 17  49  49  ARG ARG A . n 
A 1 18  GLU 18  50  50  GLU GLU A . n 
A 1 19  ALA 19  51  51  ALA ALA A . n 
A 1 20  GLU 20  52  52  GLU GLU A . n 
A 1 21  LEU 21  53  53  LEU LEU A . n 
A 1 22  THR 22  54  54  THR THR A . n 
A 1 23  ALA 23  55  55  ALA ALA A . n 
A 1 24  LYS 24  56  56  LYS LYS A . n 
A 1 25  LYS 25  57  57  LYS LYS A . n 
A 1 26  ALA 26  58  58  ALA ALA A . n 
A 1 27  GLN 27  59  59  GLN GLN A . n 
A 1 28  ALA 28  60  60  ALA ALA A . n 
A 1 29  ARG 29  61  61  ARG ARG A . n 
A 1 30  GLN 30  62  62  GLN GLN A . n 
A 1 31  ALA 31  63  63  ALA ALA A . n 
A 1 32  LEU 32  64  64  LEU LEU A . n 
A 1 33  SER 33  65  65  SER SER A . n 
A 1 34  ILE 34  66  66  ILE ILE A . n 
A 1 35  TYR 35  67  67  TYR TYR A . n 
A 1 36  LEU 36  68  68  LEU LEU A . n 
A 1 37  ASN 37  69  69  ASN ASN A . n 
A 1 38  LEU 38  70  70  LEU LEU A . n 
A 1 39  PRO 39  71  71  PRO PRO A . n 
A 1 40  THR 40  72  72  THR THR A . n 
A 1 41  LEU 41  73  73  LEU LEU A . n 
A 1 42  ASP 42  74  74  ASP ASP A . n 
A 1 43  GLU 43  75  75  GLU GLU A . n 
A 1 44  ALA 44  76  76  ALA ALA A . n 
A 1 45  VAL 45  77  77  VAL VAL A . n 
A 1 46  ASN 46  78  78  ASN ASN A . n 
A 1 47  THR 47  79  79  THR THR A . n 
A 1 48  LEU 48  80  80  LEU LEU A . n 
A 1 49  LYS 49  81  81  LYS LYS A . n 
A 1 50  PRO 50  82  82  PRO PRO A . n 
A 1 51  TRP 51  83  83  TRP TRP A . n 
A 1 52  TRP 52  84  84  TRP TRP A . n 
A 1 53  PRO 53  85  85  PRO PRO A . n 
A 1 54  GLY 54  86  86  GLY GLY A . n 
A 1 55  LEU 55  87  87  LEU LEU A . n 
A 1 56  PHE 56  88  88  PHE PHE A . n 
A 1 57  ASP 57  89  89  ASP ASP A . n 
A 1 58  GLY 58  90  90  GLY GLY A . n 
A 1 59  ASP 59  91  91  ASP ASP A . n 
A 1 60  THR 60  92  92  THR THR A . n 
A 1 61  PRO 61  93  93  PRO PRO A . n 
A 1 62  ARG 62  94  94  ARG ARG A . n 
A 1 63  LEU 63  95  95  LEU LEU A . n 
A 1 64  LEU 64  96  96  LEU LEU A . n 
A 1 65  ALA 65  97  97  ALA ALA A . n 
A 1 66  CYS 66  98  98  CYS CYS A . n 
A 1 67  GLY 67  99  99  GLY GLY A . n 
A 1 68  ILE 68  100 100 ILE ILE A . n 
A 1 69  ARG 69  101 101 ARG ARG A . n 
A 1 70  ASP 70  102 102 ASP ASP A . n 
A 1 71  VAL 71  103 103 VAL VAL A . n 
A 1 72  LEU 72  104 104 LEU LEU A . n 
A 1 73  LEU 73  105 105 LEU LEU A . n 
A 1 74  GLU 74  106 106 GLU GLU A . n 
A 1 75  ASP 75  107 107 ASP ASP A . n 
A 1 76  VAL 76  108 108 VAL VAL A . n 
A 1 77  ALA 77  109 109 ALA ALA A . n 
A 1 78  GLN 78  110 110 GLN GLN A . n 
A 1 79  ARG 79  111 111 ARG ARG A . n 
A 1 80  ASN 80  112 112 ASN ASN A . n 
A 1 81  ILE 81  113 113 ILE ILE A . n 
A 1 82  PRO 82  114 114 PRO PRO A . n 
A 1 83  LEU 83  115 115 LEU LEU A . n 
A 1 84  SER 84  116 116 SER SER A . n 
A 1 85  HIS 85  117 117 HIS HIS A . n 
A 1 86  LYS 86  118 118 LYS LYS A . n 
A 1 87  LYS 87  119 119 LYS LYS A . n 
A 1 88  LEU 88  120 120 LEU LEU A . n 
A 1 89  ARG 89  121 121 ARG ARG A . n 
A 1 90  ARG 90  122 122 ARG ARG A . n 
A 1 91  ALA 91  123 123 ALA ALA A . n 
A 1 92  MET 92  124 124 MET MET A . n 
A 1 93  LYS 93  125 125 LYS LYS A . n 
A 1 94  ALA 94  126 126 ALA ALA A . n 
A 1 95  ILE 95  127 127 ILE ILE A . n 
A 1 96  THR 96  128 128 THR THR A . n 
A 1 97  ARG 97  129 129 ARG ARG A . n 
A 1 98  SER 98  130 130 SER SER A . n 
A 1 99  GLU 99  131 131 GLU GLU A . n 
A 1 100 SER 100 132 132 SER SER A . n 
A 1 101 TYR 101 133 133 TYR TYR A . n 
A 1 102 LEU 102 134 134 LEU LEU A . n 
A 1 103 CYS 103 135 135 CYS CYS A . n 
A 1 104 ALA 104 136 136 ALA ALA A . n 
A 1 105 MET 105 137 137 MET MET A . n 
A 1 106 LYS 106 138 138 LYS LYS A . n 
A 1 107 ALA 107 139 139 ALA ALA A . n 
A 1 108 GLY 108 140 140 GLY GLY A . n 
A 1 109 ALA 109 141 141 ALA ALA A . n 
A 1 110 CYS 110 142 142 CYS CYS A . n 
A 1 111 ARG 111 143 143 ARG ARG A . n 
A 1 112 TYR 112 144 144 TYR TYR A . n 
A 1 113 ASP 113 145 145 ASP ASP A . n 
A 1 114 THR 114 146 146 THR THR A . n 
A 1 115 GLU 115 147 147 GLU GLU A . n 
A 1 116 GLY 116 148 148 GLY GLY A . n 
A 1 117 TYR 117 149 149 TYR TYR A . n 
A 1 118 VAL 118 150 150 VAL VAL A . n 
A 1 119 THR 119 151 151 THR THR A . n 
A 1 120 GLU 120 152 152 GLU GLU A . n 
A 1 121 HIS 121 153 153 HIS HIS A . n 
A 1 122 ILE 122 154 154 ILE ILE A . n 
A 1 123 SER 123 155 155 SER SER A . n 
A 1 124 GLN 124 156 156 GLN GLN A . n 
A 1 125 GLU 125 157 157 GLU GLU A . n 
A 1 126 GLU 126 158 158 GLU GLU A . n 
A 1 127 GLU 127 159 159 GLU GLU A . n 
A 1 128 VAL 128 160 160 VAL VAL A . n 
A 1 129 TYR 129 161 161 TYR TYR A . n 
A 1 130 ALA 130 162 162 ALA ALA A . n 
A 1 131 ALA 131 163 163 ALA ALA A . n 
A 1 132 GLU 132 164 164 GLU GLU A . n 
A 1 133 ARG 133 165 165 ARG ARG A . n 
A 1 134 LEU 134 166 166 LEU LEU A . n 
A 1 135 ASP 135 167 167 ASP ASP A . n 
A 1 136 LYS 136 168 168 LYS LYS A . n 
A 1 137 ILE 137 169 169 ILE ILE A . n 
A 1 138 ARG 138 170 170 ARG ARG A . n 
A 1 139 ARG 139 171 171 ARG ARG A . n 
A 1 140 GLN 140 172 172 GLN GLN A . n 
A 1 141 ASN 141 173 173 ASN ASN A . n 
A 1 142 ARG 142 174 174 ARG ARG A . n 
A 1 143 ILE 143 175 175 ILE ILE A . n 
A 1 144 LYS 144 176 176 LYS LYS A . n 
A 1 145 ALA 145 177 177 ALA ALA A . n 
A 1 146 GLU 146 178 178 GLU GLU A . n 
A 1 147 LEU 147 179 179 LEU LEU A . n 
A 1 148 GLN 148 180 180 GLN GLN A . n 
A 1 149 ALA 149 181 181 ALA ALA A . n 
A 1 150 VAL 150 182 182 VAL VAL A . n 
A 1 151 LEU 151 183 183 LEU LEU A . n 
A 1 152 ASP 152 184 184 ASP ASP A . n 
# 
loop_
_pdbx_nonpoly_scheme.asym_id 
_pdbx_nonpoly_scheme.entity_id 
_pdbx_nonpoly_scheme.mon_id 
_pdbx_nonpoly_scheme.ndb_seq_num 
_pdbx_nonpoly_scheme.pdb_seq_num 
_pdbx_nonpoly_scheme.auth_seq_num 
_pdbx_nonpoly_scheme.pdb_mon_id 
_pdbx_nonpoly_scheme.auth_mon_id 
_pdbx_nonpoly_scheme.pdb_strand_id 
_pdbx_nonpoly_scheme.pdb_ins_code 
B 2 HOH 1   185 1   HOH HOH A . 
B 2 HOH 2   186 2   HOH HOH A . 
B 2 HOH 3   187 3   HOH HOH A . 
B 2 HOH 4   188 4   HOH HOH A . 
B 2 HOH 5   189 5   HOH HOH A . 
B 2 HOH 6   190 6   HOH HOH A . 
B 2 HOH 7   191 7   HOH HOH A . 
B 2 HOH 8   192 8   HOH HOH A . 
B 2 HOH 9   193 9   HOH HOH A . 
B 2 HOH 10  194 10  HOH HOH A . 
B 2 HOH 11  195 11  HOH HOH A . 
B 2 HOH 12  196 12  HOH HOH A . 
B 2 HOH 13  197 13  HOH HOH A . 
B 2 HOH 14  198 14  HOH HOH A . 
B 2 HOH 15  199 15  HOH HOH A . 
B 2 HOH 16  200 16  HOH HOH A . 
B 2 HOH 17  201 17  HOH HOH A . 
B 2 HOH 18  202 18  HOH HOH A . 
B 2 HOH 19  203 19  HOH HOH A . 
B 2 HOH 20  204 20  HOH HOH A . 
B 2 HOH 21  205 21  HOH HOH A . 
B 2 HOH 22  206 22  HOH HOH A . 
B 2 HOH 23  207 23  HOH HOH A . 
B 2 HOH 24  208 24  HOH HOH A . 
B 2 HOH 25  209 25  HOH HOH A . 
B 2 HOH 26  210 26  HOH HOH A . 
B 2 HOH 27  211 27  HOH HOH A . 
B 2 HOH 28  212 28  HOH HOH A . 
B 2 HOH 29  213 29  HOH HOH A . 
B 2 HOH 30  214 30  HOH HOH A . 
B 2 HOH 31  215 31  HOH HOH A . 
B 2 HOH 32  216 32  HOH HOH A . 
B 2 HOH 33  217 33  HOH HOH A . 
B 2 HOH 34  218 34  HOH HOH A . 
B 2 HOH 35  219 35  HOH HOH A . 
B 2 HOH 36  220 36  HOH HOH A . 
B 2 HOH 37  221 37  HOH HOH A . 
B 2 HOH 38  222 38  HOH HOH A . 
B 2 HOH 39  223 39  HOH HOH A . 
B 2 HOH 40  224 40  HOH HOH A . 
B 2 HOH 41  225 41  HOH HOH A . 
B 2 HOH 42  226 42  HOH HOH A . 
B 2 HOH 43  227 43  HOH HOH A . 
B 2 HOH 44  228 44  HOH HOH A . 
B 2 HOH 45  229 45  HOH HOH A . 
B 2 HOH 46  230 46  HOH HOH A . 
B 2 HOH 47  231 47  HOH HOH A . 
B 2 HOH 48  232 48  HOH HOH A . 
B 2 HOH 49  233 49  HOH HOH A . 
B 2 HOH 50  234 50  HOH HOH A . 
B 2 HOH 51  235 51  HOH HOH A . 
B 2 HOH 52  236 52  HOH HOH A . 
B 2 HOH 53  237 53  HOH HOH A . 
B 2 HOH 54  238 54  HOH HOH A . 
B 2 HOH 55  239 55  HOH HOH A . 
B 2 HOH 56  240 56  HOH HOH A . 
B 2 HOH 57  241 57  HOH HOH A . 
B 2 HOH 58  242 58  HOH HOH A . 
B 2 HOH 59  243 59  HOH HOH A . 
B 2 HOH 60  244 60  HOH HOH A . 
B 2 HOH 61  245 61  HOH HOH A . 
B 2 HOH 62  246 62  HOH HOH A . 
B 2 HOH 63  247 63  HOH HOH A . 
B 2 HOH 64  248 64  HOH HOH A . 
B 2 HOH 65  249 65  HOH HOH A . 
B 2 HOH 66  250 66  HOH HOH A . 
B 2 HOH 67  251 67  HOH HOH A . 
B 2 HOH 68  252 68  HOH HOH A . 
B 2 HOH 69  253 69  HOH HOH A . 
B 2 HOH 70  254 70  HOH HOH A . 
B 2 HOH 71  255 71  HOH HOH A . 
B 2 HOH 72  256 72  HOH HOH A . 
B 2 HOH 73  257 73  HOH HOH A . 
B 2 HOH 74  258 74  HOH HOH A . 
B 2 HOH 75  259 75  HOH HOH A . 
B 2 HOH 76  260 76  HOH HOH A . 
B 2 HOH 77  261 77  HOH HOH A . 
B 2 HOH 78  262 78  HOH HOH A . 
B 2 HOH 79  263 79  HOH HOH A . 
B 2 HOH 80  264 80  HOH HOH A . 
B 2 HOH 81  265 81  HOH HOH A . 
B 2 HOH 82  266 82  HOH HOH A . 
B 2 HOH 83  267 83  HOH HOH A . 
B 2 HOH 84  268 84  HOH HOH A . 
B 2 HOH 85  269 85  HOH HOH A . 
B 2 HOH 86  270 86  HOH HOH A . 
B 2 HOH 87  271 87  HOH HOH A . 
B 2 HOH 88  272 88  HOH HOH A . 
B 2 HOH 89  273 89  HOH HOH A . 
B 2 HOH 90  274 90  HOH HOH A . 
B 2 HOH 91  275 91  HOH HOH A . 
B 2 HOH 92  276 92  HOH HOH A . 
B 2 HOH 93  277 93  HOH HOH A . 
B 2 HOH 94  278 94  HOH HOH A . 
B 2 HOH 95  279 95  HOH HOH A . 
B 2 HOH 96  280 96  HOH HOH A . 
B 2 HOH 97  281 97  HOH HOH A . 
B 2 HOH 98  282 98  HOH HOH A . 
B 2 HOH 99  283 99  HOH HOH A . 
B 2 HOH 100 284 100 HOH HOH A . 
B 2 HOH 101 285 101 HOH HOH A . 
B 2 HOH 102 286 102 HOH HOH A . 
B 2 HOH 103 287 103 HOH HOH A . 
B 2 HOH 104 288 104 HOH HOH A . 
B 2 HOH 105 289 105 HOH HOH A . 
B 2 HOH 106 290 106 HOH HOH A . 
B 2 HOH 107 291 107 HOH HOH A . 
B 2 HOH 108 292 108 HOH HOH A . 
B 2 HOH 109 293 109 HOH HOH A . 
B 2 HOH 110 294 110 HOH HOH A . 
B 2 HOH 111 295 111 HOH HOH A . 
B 2 HOH 112 296 112 HOH HOH A . 
B 2 HOH 113 297 113 HOH HOH A . 
B 2 HOH 114 298 114 HOH HOH A . 
B 2 HOH 115 299 115 HOH HOH A . 
B 2 HOH 116 300 116 HOH HOH A . 
B 2 HOH 117 301 117 HOH HOH A . 
B 2 HOH 118 302 118 HOH HOH A . 
B 2 HOH 119 303 119 HOH HOH A . 
B 2 HOH 120 304 120 HOH HOH A . 
B 2 HOH 121 305 121 HOH HOH A . 
B 2 HOH 122 306 122 HOH HOH A . 
B 2 HOH 123 307 123 HOH HOH A . 
B 2 HOH 124 308 124 HOH HOH A . 
B 2 HOH 125 309 125 HOH HOH A . 
B 2 HOH 126 310 126 HOH HOH A . 
B 2 HOH 127 311 127 HOH HOH A . 
B 2 HOH 128 312 128 HOH HOH A . 
B 2 HOH 129 313 129 HOH HOH A . 
B 2 HOH 130 314 130 HOH HOH A . 
B 2 HOH 131 315 131 HOH HOH A . 
B 2 HOH 132 316 132 HOH HOH A . 
B 2 HOH 133 317 133 HOH HOH A . 
B 2 HOH 134 318 134 HOH HOH A . 
B 2 HOH 135 319 135 HOH HOH A . 
B 2 HOH 136 320 136 HOH HOH A . 
B 2 HOH 137 321 137 HOH HOH A . 
B 2 HOH 138 322 138 HOH HOH A . 
B 2 HOH 139 323 139 HOH HOH A . 
B 2 HOH 140 324 140 HOH HOH A . 
B 2 HOH 141 325 141 HOH HOH A . 
B 2 HOH 142 326 142 HOH HOH A . 
B 2 HOH 143 327 143 HOH HOH A . 
B 2 HOH 144 328 144 HOH HOH A . 
B 2 HOH 145 329 145 HOH HOH A . 
B 2 HOH 146 330 146 HOH HOH A . 
B 2 HOH 147 331 147 HOH HOH A . 
B 2 HOH 148 332 148 HOH HOH A . 
B 2 HOH 149 333 149 HOH HOH A . 
B 2 HOH 150 334 150 HOH HOH A . 
B 2 HOH 151 335 151 HOH HOH A . 
B 2 HOH 152 336 152 HOH HOH A . 
B 2 HOH 153 337 153 HOH HOH A . 
B 2 HOH 154 338 154 HOH HOH A . 
B 2 HOH 155 339 155 HOH HOH A . 
B 2 HOH 156 340 156 HOH HOH A . 
B 2 HOH 157 341 157 HOH HOH A . 
B 2 HOH 158 342 158 HOH HOH A . 
B 2 HOH 159 343 159 HOH HOH A . 
B 2 HOH 160 344 160 HOH HOH A . 
B 2 HOH 161 345 161 HOH HOH A . 
B 2 HOH 162 346 162 HOH HOH A . 
B 2 HOH 163 347 163 HOH HOH A . 
B 2 HOH 164 348 164 HOH HOH A . 
B 2 HOH 165 349 165 HOH HOH A . 
B 2 HOH 166 350 166 HOH HOH A . 
B 2 HOH 167 351 167 HOH HOH A . 
B 2 HOH 168 352 168 HOH HOH A . 
B 2 HOH 169 353 169 HOH HOH A . 
B 2 HOH 170 354 170 HOH HOH A . 
B 2 HOH 171 355 171 HOH HOH A . 
B 2 HOH 172 356 172 HOH HOH A . 
B 2 HOH 173 357 173 HOH HOH A . 
B 2 HOH 174 358 174 HOH HOH A . 
B 2 HOH 175 359 175 HOH HOH A . 
B 2 HOH 176 360 176 HOH HOH A . 
B 2 HOH 177 361 177 HOH HOH A . 
B 2 HOH 178 362 178 HOH HOH A . 
B 2 HOH 179 363 179 HOH HOH A . 
B 2 HOH 180 364 180 HOH HOH A . 
B 2 HOH 181 365 181 HOH HOH A . 
B 2 HOH 182 366 182 HOH HOH A . 
B 2 HOH 183 367 183 HOH HOH A . 
B 2 HOH 184 368 184 HOH HOH A . 
B 2 HOH 185 369 185 HOH HOH A . 
B 2 HOH 186 370 186 HOH HOH A . 
B 2 HOH 187 371 187 HOH HOH A . 
B 2 HOH 188 372 188 HOH HOH A . 
B 2 HOH 189 373 189 HOH HOH A . 
B 2 HOH 190 374 190 HOH HOH A . 
B 2 HOH 191 375 191 HOH HOH A . 
B 2 HOH 192 376 192 HOH HOH A . 
B 2 HOH 193 377 193 HOH HOH A . 
B 2 HOH 194 378 194 HOH HOH A . 
B 2 HOH 195 379 195 HOH HOH A . 
B 2 HOH 196 380 196 HOH HOH A . 
B 2 HOH 197 381 197 HOH HOH A . 
B 2 HOH 198 382 198 HOH HOH A . 
B 2 HOH 199 383 199 HOH HOH A . 
B 2 HOH 200 384 200 HOH HOH A . 
B 2 HOH 201 385 201 HOH HOH A . 
B 2 HOH 202 386 202 HOH HOH A . 
B 2 HOH 203 387 203 HOH HOH A . 
B 2 HOH 204 388 204 HOH HOH A . 
B 2 HOH 205 389 205 HOH HOH A . 
B 2 HOH 206 390 206 HOH HOH A . 
B 2 HOH 207 391 207 HOH HOH A . 
B 2 HOH 208 392 208 HOH HOH A . 
B 2 HOH 209 393 209 HOH HOH A . 
# 
loop_
_software.name 
_software.classification 
_software.version 
_software.citation_id 
_software.pdbx_ordinal 
SOLVE     phasing          .   ? 1 
CNS       refinement       0.9 ? 2 
DENZO     'data reduction' .   ? 3 
SCALEPACK 'data scaling'   .   ? 4 
# 
_cell.entry_id           1DVO 
_cell.length_a           37.570 
_cell.length_b           38.726 
_cell.length_c           145.420 
_cell.angle_alpha        90.00 
_cell.angle_beta         90.00 
_cell.angle_gamma        90.00 
_cell.Z_PDB              4 
_cell.pdbx_unique_axis   ? 
# 
_symmetry.entry_id                         1DVO 
_symmetry.space_group_name_H-M             'P 21 21 21' 
_symmetry.pdbx_full_space_group_name_H-M   ? 
_symmetry.cell_setting                     ? 
_symmetry.Int_Tables_number                19 
# 
_exptl.entry_id          1DVO 
_exptl.method            'X-RAY DIFFRACTION' 
_exptl.crystals_number   1 
# 
_exptl_crystal.id                    1 
_exptl_crystal.density_meas          ? 
_exptl_crystal.density_Matthews      3.04 
_exptl_crystal.density_percent_sol   59.58 
_exptl_crystal.description           ? 
# 
_exptl_crystal_grow.crystal_id      1 
_exptl_crystal_grow.method          'VAPOR DIFFUSION, HANGING DROP' 
_exptl_crystal_grow.temp            277.0 
_exptl_crystal_grow.temp_details    ? 
_exptl_crystal_grow.pH              7.0 
_exptl_crystal_grow.pdbx_details    
'MES, Tris, EDTA, BME, NaCl, PEG4000, pH 7.0, VAPOR DIFFUSION, HANGING DROP, temperature 277.0K' 
_exptl_crystal_grow.pdbx_pH_range   . 
# 
loop_
_diffrn.id 
_diffrn.ambient_temp 
_diffrn.ambient_temp_details 
_diffrn.crystal_id 
1 100.0 ? 1 
2 100.0 ? 1 
# 
loop_
_diffrn_detector.diffrn_id 
_diffrn_detector.detector 
_diffrn_detector.type 
_diffrn_detector.pdbx_collection_date 
_diffrn_detector.details 
1 CCD 'BRANDEIS - B1'  ? ? 
2 CCD 'ADSC QUANTUM 4' ? ? 
# 
_diffrn_radiation.diffrn_id                        1 
_diffrn_radiation.wavelength_id                    1 
_diffrn_radiation.pdbx_monochromatic_or_laue_m_l   M 
_diffrn_radiation.monochromator                    ? 
_diffrn_radiation.pdbx_diffrn_protocol             'SINGLE WAVELENGTH' 
_diffrn_radiation.pdbx_scattering_type             x-ray 
# 
loop_
_diffrn_radiation_wavelength.id 
_diffrn_radiation_wavelength.wavelength 
_diffrn_radiation_wavelength.wt 
1 0.9790 1.0 
2 0.9574 1.0 
# 
loop_
_diffrn_source.diffrn_id 
_diffrn_source.source 
_diffrn_source.type 
_diffrn_source.pdbx_synchrotron_site 
_diffrn_source.pdbx_synchrotron_beamline 
_diffrn_source.pdbx_wavelength 
_diffrn_source.pdbx_wavelength_list 
1 SYNCHROTRON 'NSLS BEAMLINE X12C'   NSLS X12C    0.9790 ? 
2 SYNCHROTRON 'APS BEAMLINE 14-BM-D' APS  14-BM-D 0.9574 ? 
# 
_reflns.entry_id                     1DVO 
_reflns.observed_criterion_sigma_I   0.0 
_reflns.observed_criterion_sigma_F   0.0 
_reflns.d_resolution_low             20.0 
_reflns.d_resolution_high            2.0 
_reflns.number_obs                   14726 
_reflns.number_all                   109290 
_reflns.percent_possible_obs         97.3 
_reflns.pdbx_Rmerge_I_obs            0.0470000 
_reflns.pdbx_Rsym_value              ? 
_reflns.pdbx_netI_over_sigmaI        ? 
_reflns.B_iso_Wilson_estimate        16.767 
_reflns.pdbx_redundancy              7.4 
_reflns.R_free_details               ? 
_reflns.limit_h_max                  ? 
_reflns.limit_h_min                  ? 
_reflns.limit_k_max                  ? 
_reflns.limit_k_min                  ? 
_reflns.limit_l_max                  ? 
_reflns.limit_l_min                  ? 
_reflns.observed_criterion_F_max     ? 
_reflns.observed_criterion_F_min     ? 
_reflns.pdbx_diffrn_id               1 
_reflns.pdbx_ordinal                 1 
# 
_reflns_shell.d_res_high             2.00 
_reflns_shell.d_res_low              2.05 
_reflns_shell.percent_possible_all   87.0 
_reflns_shell.Rmerge_I_obs           0.1090000 
_reflns_shell.pdbx_Rsym_value        ? 
_reflns_shell.meanI_over_sigI_obs    ? 
_reflns_shell.pdbx_redundancy        ? 
_reflns_shell.percent_possible_obs   ? 
_reflns_shell.number_unique_all      853 
_reflns_shell.pdbx_diffrn_id         ? 
_reflns_shell.pdbx_ordinal           1 
# 
_refine.entry_id                                 1DVO 
_refine.ls_number_reflns_obs                     14726 
_refine.ls_number_reflns_all                     14726 
_refine.pdbx_ls_sigma_I                          0.0 
_refine.pdbx_ls_sigma_F                          0.0 
_refine.pdbx_data_cutoff_high_absF               ? 
_refine.pdbx_data_cutoff_low_absF                ? 
_refine.ls_d_res_low                             20.00 
_refine.ls_d_res_high                            2.00 
_refine.ls_percent_reflns_obs                    97.3 
_refine.ls_R_factor_obs                          ? 
_refine.ls_R_factor_all                          ? 
_refine.ls_R_factor_R_work                       0.1970000 
_refine.ls_R_factor_R_free                       0.2240000 
_refine.ls_R_factor_R_free_error                 ? 
_refine.ls_R_factor_R_free_error_details         ? 
_refine.ls_percent_reflns_R_free                 ? 
_refine.ls_number_reflns_R_free                  1475 
_refine.ls_number_parameters                     ? 
_refine.ls_number_restraints                     ? 
_refine.occupancy_min                            ? 
_refine.occupancy_max                            ? 
_refine.B_iso_mean                               ? 
_refine.aniso_B[1][1]                            ? 
_refine.aniso_B[2][2]                            ? 
_refine.aniso_B[3][3]                            ? 
_refine.aniso_B[1][2]                            ? 
_refine.aniso_B[1][3]                            ? 
_refine.aniso_B[2][3]                            ? 
_refine.solvent_model_details                    ? 
_refine.solvent_model_param_ksol                 ? 
_refine.solvent_model_param_bsol                 ? 
_refine.pdbx_ls_cross_valid_method               ? 
_refine.details                                  ? 
_refine.pdbx_starting_model                      ? 
_refine.pdbx_method_to_determine_struct          ? 
_refine.pdbx_isotropic_thermal_model             ? 
_refine.pdbx_stereochemistry_target_values       ? 
_refine.pdbx_stereochem_target_val_spec_case     ? 
_refine.pdbx_R_Free_selection_details            ? 
_refine.pdbx_overall_ESU_R_Free                  ? 
_refine.overall_SU_B                             ? 
_refine.ls_redundancy_reflns_obs                 ? 
_refine.B_iso_min                                ? 
_refine.B_iso_max                                ? 
_refine.overall_SU_ML                            ? 
_refine.pdbx_overall_ESU_R                       ? 
_refine.pdbx_data_cutoff_high_rms_absF           ? 
_refine.pdbx_refine_id                           'X-RAY DIFFRACTION' 
_refine.pdbx_diffrn_id                           1 
_refine.pdbx_TLS_residual_ADP_flag               ? 
_refine.correlation_coeff_Fo_to_Fc               ? 
_refine.correlation_coeff_Fo_to_Fc_free          ? 
_refine.pdbx_solvent_vdw_probe_radii             ? 
_refine.pdbx_solvent_ion_probe_radii             ? 
_refine.pdbx_solvent_shrinkage_radii             ? 
_refine.pdbx_overall_phase_error                 ? 
_refine.overall_SU_R_Cruickshank_DPI             ? 
_refine.pdbx_overall_SU_R_free_Cruickshank_DPI   ? 
_refine.pdbx_overall_SU_R_Blow_DPI               ? 
_refine.pdbx_overall_SU_R_free_Blow_DPI          ? 
# 
_refine_hist.pdbx_refine_id                   'X-RAY DIFFRACTION' 
_refine_hist.cycle_id                         LAST 
_refine_hist.pdbx_number_atoms_protein        1219 
_refine_hist.pdbx_number_atoms_nucleic_acid   0 
_refine_hist.pdbx_number_atoms_ligand         0 
_refine_hist.number_atoms_solvent             209 
_refine_hist.number_atoms_total               1428 
_refine_hist.d_res_high                       2.00 
_refine_hist.d_res_low                        20.00 
# 
loop_
_refine_ls_restr.type 
_refine_ls_restr.dev_ideal 
_refine_ls_restr.dev_ideal_target 
_refine_ls_restr.weight 
_refine_ls_restr.number 
_refine_ls_restr.pdbx_refine_id 
_refine_ls_restr.pdbx_restraint_function 
c_angle_deg   1.35  ? ? ? 'X-RAY DIFFRACTION' ? 
c_torsion_deg 0.009 ? ? ? 'X-RAY DIFFRACTION' ? 
# 
_struct.entry_id                  1DVO 
_struct.title                     'THE X-RAY CRYSTAL STRUCTURE OF FINO, A REPRESSOR OF BACTERIAL CONJUGATION' 
_struct.pdbx_model_details        ? 
_struct.pdbx_CASP_flag            ? 
_struct.pdbx_model_type_details   ? 
# 
_struct_keywords.entry_id        1DVO 
_struct_keywords.pdbx_keywords   TRANSCRIPTION 
_struct_keywords.text            'Repressor, Bacterial Conjugation, TRANSCRIPTION' 
# 
loop_
_struct_asym.id 
_struct_asym.pdbx_blank_PDB_chainid_flag 
_struct_asym.pdbx_modified 
_struct_asym.entity_id 
_struct_asym.details 
A N N 1 ? 
B N N 2 ? 
# 
_struct_ref.id                         1 
_struct_ref.db_name                    UNP 
_struct_ref.db_code                    FINO3_ECOLI 
_struct_ref.entity_id                  1 
_struct_ref.pdbx_db_accession          P29367 
_struct_ref.pdbx_align_begin           ? 
_struct_ref.pdbx_seq_one_letter_code   ? 
_struct_ref.pdbx_db_isoform            ? 
# 
_struct_ref_seq.align_id                      1 
_struct_ref_seq.ref_id                        1 
_struct_ref_seq.pdbx_PDB_id_code              1DVO 
_struct_ref_seq.pdbx_strand_id                A 
_struct_ref_seq.seq_align_beg                 1 
_struct_ref_seq.pdbx_seq_align_beg_ins_code   ? 
_struct_ref_seq.seq_align_end                 152 
_struct_ref_seq.pdbx_seq_align_end_ins_code   ? 
_struct_ref_seq.pdbx_db_accession             P29367 
_struct_ref_seq.db_align_beg                  33 
_struct_ref_seq.pdbx_db_align_beg_ins_code    ? 
_struct_ref_seq.db_align_end                  184 
_struct_ref_seq.pdbx_db_align_end_ins_code    ? 
_struct_ref_seq.pdbx_auth_seq_align_beg       33 
_struct_ref_seq.pdbx_auth_seq_align_end       184 
# 
_struct_ref_seq_dif.align_id                     1 
_struct_ref_seq_dif.pdbx_pdb_id_code             1DVO 
_struct_ref_seq_dif.mon_id                       MET 
_struct_ref_seq_dif.pdbx_pdb_strand_id           A 
_struct_ref_seq_dif.seq_num                      92 
_struct_ref_seq_dif.pdbx_pdb_ins_code            ? 
_struct_ref_seq_dif.pdbx_seq_db_name             UNP 
_struct_ref_seq_dif.pdbx_seq_db_accession_code   P29367 
_struct_ref_seq_dif.db_mon_id                    LEU 
_struct_ref_seq_dif.pdbx_seq_db_seq_num          124 
_struct_ref_seq_dif.details                      'engineered mutation' 
_struct_ref_seq_dif.pdbx_auth_seq_num            124 
_struct_ref_seq_dif.pdbx_ordinal                 1 
# 
_pdbx_struct_assembly.id                   1 
_pdbx_struct_assembly.details              author_defined_assembly 
_pdbx_struct_assembly.method_details       ? 
_pdbx_struct_assembly.oligomeric_details   monomeric 
_pdbx_struct_assembly.oligomeric_count     1 
# 
_pdbx_struct_assembly_gen.assembly_id       1 
_pdbx_struct_assembly_gen.oper_expression   1 
_pdbx_struct_assembly_gen.asym_id_list      A,B 
# 
_pdbx_struct_oper_list.id                   1 
_pdbx_struct_oper_list.type                 'identity operation' 
_pdbx_struct_oper_list.name                 1_555 
_pdbx_struct_oper_list.symmetry_operation   x,y,z 
_pdbx_struct_oper_list.matrix[1][1]         1.0000000000 
_pdbx_struct_oper_list.matrix[1][2]         0.0000000000 
_pdbx_struct_oper_list.matrix[1][3]         0.0000000000 
_pdbx_struct_oper_list.vector[1]            0.0000000000 
_pdbx_struct_oper_list.matrix[2][1]         0.0000000000 
_pdbx_struct_oper_list.matrix[2][2]         1.0000000000 
_pdbx_struct_oper_list.matrix[2][3]         0.0000000000 
_pdbx_struct_oper_list.vector[2]            0.0000000000 
_pdbx_struct_oper_list.matrix[3][1]         0.0000000000 
_pdbx_struct_oper_list.matrix[3][2]         0.0000000000 
_pdbx_struct_oper_list.matrix[3][3]         1.0000000000 
_pdbx_struct_oper_list.vector[3]            0.0000000000 
# 
_struct_biol.id   1 
# 
loop_
_struct_conf.conf_type_id 
_struct_conf.id 
_struct_conf.pdbx_PDB_helix_id 
_struct_conf.beg_label_comp_id 
_struct_conf.beg_label_asym_id 
_struct_conf.beg_label_seq_id 
_struct_conf.pdbx_beg_PDB_ins_code 
_struct_conf.end_label_comp_id 
_struct_conf.end_label_asym_id 
_struct_conf.end_label_seq_id 
_struct_conf.pdbx_end_PDB_ins_code 
_struct_conf.beg_auth_comp_id 
_struct_conf.beg_auth_asym_id 
_struct_conf.beg_auth_seq_id 
_struct_conf.end_auth_comp_id 
_struct_conf.end_auth_asym_id 
_struct_conf.end_auth_seq_id 
_struct_conf.pdbx_PDB_helix_class 
_struct_conf.details 
_struct_conf.pdbx_PDB_helix_length 
HELX_P HELX_P1 1 PRO A 2   ? SER A 33  ? PRO A 34  SER A 65  1 ? 32 
HELX_P HELX_P2 2 ILE A 34  ? ASN A 37  ? ILE A 66  ASN A 69  5 ? 4  
HELX_P HELX_P3 3 THR A 40  ? LYS A 49  ? THR A 72  LYS A 81  1 ? 10 
HELX_P HELX_P4 4 TRP A 52  ? GLY A 54  ? TRP A 84  GLY A 86  5 ? 3  
HELX_P HELX_P5 5 GLY A 67  ? ARG A 79  ? GLY A 99  ARG A 111 1 ? 13 
HELX_P HELX_P6 6 SER A 84  ? ARG A 97  ? SER A 116 ARG A 129 1 ? 14 
HELX_P HELX_P7 7 SER A 98  ? MET A 105 ? SER A 130 MET A 137 1 ? 8  
HELX_P HELX_P8 8 SER A 123 ? ASP A 152 ? SER A 155 ASP A 184 1 ? 30 
# 
_struct_conf_type.id          HELX_P 
_struct_conf_type.criteria    ? 
_struct_conf_type.reference   ? 
# 
loop_
_struct_sheet.id 
_struct_sheet.type 
_struct_sheet.number_strands 
_struct_sheet.details 
A ? 2 ? 
B ? 2 ? 
# 
loop_
_struct_sheet_order.sheet_id 
_struct_sheet_order.range_id_1 
_struct_sheet_order.range_id_2 
_struct_sheet_order.offset 
_struct_sheet_order.sense 
A 1 2 ? anti-parallel 
B 1 2 ? anti-parallel 
# 
loop_
_struct_sheet_range.sheet_id 
_struct_sheet_range.id 
_struct_sheet_range.beg_label_comp_id 
_struct_sheet_range.beg_label_asym_id 
_struct_sheet_range.beg_label_seq_id 
_struct_sheet_range.pdbx_beg_PDB_ins_code 
_struct_sheet_range.end_label_comp_id 
_struct_sheet_range.end_label_asym_id 
_struct_sheet_range.end_label_seq_id 
_struct_sheet_range.pdbx_end_PDB_ins_code 
_struct_sheet_range.beg_auth_comp_id 
_struct_sheet_range.beg_auth_asym_id 
_struct_sheet_range.beg_auth_seq_id 
_struct_sheet_range.end_auth_comp_id 
_struct_sheet_range.end_auth_asym_id 
_struct_sheet_range.end_auth_seq_id 
A 1 PHE A 56  ? ASP A 57  ? PHE A 88  ASP A 89  
A 2 THR A 60  ? PRO A 61  ? THR A 92  PRO A 93  
B 1 CYS A 110 ? TYR A 112 ? CYS A 142 TYR A 144 
B 2 VAL A 118 ? HIS A 121 ? VAL A 150 HIS A 153 
# 
loop_
_pdbx_struct_sheet_hbond.sheet_id 
_pdbx_struct_sheet_hbond.range_id_1 
_pdbx_struct_sheet_hbond.range_id_2 
_pdbx_struct_sheet_hbond.range_1_label_atom_id 
_pdbx_struct_sheet_hbond.range_1_label_comp_id 
_pdbx_struct_sheet_hbond.range_1_label_asym_id 
_pdbx_struct_sheet_hbond.range_1_label_seq_id 
_pdbx_struct_sheet_hbond.range_1_PDB_ins_code 
_pdbx_struct_sheet_hbond.range_1_auth_atom_id 
_pdbx_struct_sheet_hbond.range_1_auth_comp_id 
_pdbx_struct_sheet_hbond.range_1_auth_asym_id 
_pdbx_struct_sheet_hbond.range_1_auth_seq_id 
_pdbx_struct_sheet_hbond.range_2_label_atom_id 
_pdbx_struct_sheet_hbond.range_2_label_comp_id 
_pdbx_struct_sheet_hbond.range_2_label_asym_id 
_pdbx_struct_sheet_hbond.range_2_label_seq_id 
_pdbx_struct_sheet_hbond.range_2_PDB_ins_code 
_pdbx_struct_sheet_hbond.range_2_auth_atom_id 
_pdbx_struct_sheet_hbond.range_2_auth_comp_id 
_pdbx_struct_sheet_hbond.range_2_auth_asym_id 
_pdbx_struct_sheet_hbond.range_2_auth_seq_id 
A 1 2 N ASP A 57  ? N ASP A 89  O THR A 60  ? O THR A 92  
B 1 2 O ARG A 111 ? O ARG A 143 N THR A 119 ? N THR A 151 
# 
_pdbx_validate_rmsd_angle.id                         1 
_pdbx_validate_rmsd_angle.PDB_model_num              1 
_pdbx_validate_rmsd_angle.auth_atom_id_1             N 
_pdbx_validate_rmsd_angle.auth_asym_id_1             A 
_pdbx_validate_rmsd_angle.auth_comp_id_1             ASP 
_pdbx_validate_rmsd_angle.auth_seq_id_1              184 
_pdbx_validate_rmsd_angle.PDB_ins_code_1             ? 
_pdbx_validate_rmsd_angle.label_alt_id_1             ? 
_pdbx_validate_rmsd_angle.auth_atom_id_2             CA 
_pdbx_validate_rmsd_angle.auth_asym_id_2             A 
_pdbx_validate_rmsd_angle.auth_comp_id_2             ASP 
_pdbx_validate_rmsd_angle.auth_seq_id_2              184 
_pdbx_validate_rmsd_angle.PDB_ins_code_2             ? 
_pdbx_validate_rmsd_angle.label_alt_id_2             ? 
_pdbx_validate_rmsd_angle.auth_atom_id_3             C 
_pdbx_validate_rmsd_angle.auth_asym_id_3             A 
_pdbx_validate_rmsd_angle.auth_comp_id_3             ASP 
_pdbx_validate_rmsd_angle.auth_seq_id_3              184 
_pdbx_validate_rmsd_angle.PDB_ins_code_3             ? 
_pdbx_validate_rmsd_angle.label_alt_id_3             ? 
_pdbx_validate_rmsd_angle.angle_value                135.48 
_pdbx_validate_rmsd_angle.angle_target_value         111.00 
_pdbx_validate_rmsd_angle.angle_deviation            24.48 
_pdbx_validate_rmsd_angle.angle_standard_deviation   2.70 
_pdbx_validate_rmsd_angle.linker_flag                N 
# 
loop_
_chem_comp_atom.comp_id 
_chem_comp_atom.atom_id 
_chem_comp_atom.type_symbol 
_chem_comp_atom.pdbx_aromatic_flag 
_chem_comp_atom.pdbx_stereo_config 
_chem_comp_atom.pdbx_ordinal 
ALA N    N N N 1   
ALA CA   C N S 2   
ALA C    C N N 3   
ALA O    O N N 4   
ALA CB   C N N 5   
ALA OXT  O N N 6   
ALA H    H N N 7   
ALA H2   H N N 8   
ALA HA   H N N 9   
ALA HB1  H N N 10  
ALA HB2  H N N 11  
ALA HB3  H N N 12  
ALA HXT  H N N 13  
ARG N    N N N 14  
ARG CA   C N S 15  
ARG C    C N N 16  
ARG O    O N N 17  
ARG CB   C N N 18  
ARG CG   C N N 19  
ARG CD   C N N 20  
ARG NE   N N N 21  
ARG CZ   C N N 22  
ARG NH1  N N N 23  
ARG NH2  N N N 24  
ARG OXT  O N N 25  
ARG H    H N N 26  
ARG H2   H N N 27  
ARG HA   H N N 28  
ARG HB2  H N N 29  
ARG HB3  H N N 30  
ARG HG2  H N N 31  
ARG HG3  H N N 32  
ARG HD2  H N N 33  
ARG HD3  H N N 34  
ARG HE   H N N 35  
ARG HH11 H N N 36  
ARG HH12 H N N 37  
ARG HH21 H N N 38  
ARG HH22 H N N 39  
ARG HXT  H N N 40  
ASN N    N N N 41  
ASN CA   C N S 42  
ASN C    C N N 43  
ASN O    O N N 44  
ASN CB   C N N 45  
ASN CG   C N N 46  
ASN OD1  O N N 47  
ASN ND2  N N N 48  
ASN OXT  O N N 49  
ASN H    H N N 50  
ASN H2   H N N 51  
ASN HA   H N N 52  
ASN HB2  H N N 53  
ASN HB3  H N N 54  
ASN HD21 H N N 55  
ASN HD22 H N N 56  
ASN HXT  H N N 57  
ASP N    N N N 58  
ASP CA   C N S 59  
ASP C    C N N 60  
ASP O    O N N 61  
ASP CB   C N N 62  
ASP CG   C N N 63  
ASP OD1  O N N 64  
ASP OD2  O N N 65  
ASP OXT  O N N 66  
ASP H    H N N 67  
ASP H2   H N N 68  
ASP HA   H N N 69  
ASP HB2  H N N 70  
ASP HB3  H N N 71  
ASP HD2  H N N 72  
ASP HXT  H N N 73  
CYS N    N N N 74  
CYS CA   C N R 75  
CYS C    C N N 76  
CYS O    O N N 77  
CYS CB   C N N 78  
CYS SG   S N N 79  
CYS OXT  O N N 80  
CYS H    H N N 81  
CYS H2   H N N 82  
CYS HA   H N N 83  
CYS HB2  H N N 84  
CYS HB3  H N N 85  
CYS HG   H N N 86  
CYS HXT  H N N 87  
GLN N    N N N 88  
GLN CA   C N S 89  
GLN C    C N N 90  
GLN O    O N N 91  
GLN CB   C N N 92  
GLN CG   C N N 93  
GLN CD   C N N 94  
GLN OE1  O N N 95  
GLN NE2  N N N 96  
GLN OXT  O N N 97  
GLN H    H N N 98  
GLN H2   H N N 99  
GLN HA   H N N 100 
GLN HB2  H N N 101 
GLN HB3  H N N 102 
GLN HG2  H N N 103 
GLN HG3  H N N 104 
GLN HE21 H N N 105 
GLN HE22 H N N 106 
GLN HXT  H N N 107 
GLU N    N N N 108 
GLU CA   C N S 109 
GLU C    C N N 110 
GLU O    O N N 111 
GLU CB   C N N 112 
GLU CG   C N N 113 
GLU CD   C N N 114 
GLU OE1  O N N 115 
GLU OE2  O N N 116 
GLU OXT  O N N 117 
GLU H    H N N 118 
GLU H2   H N N 119 
GLU HA   H N N 120 
GLU HB2  H N N 121 
GLU HB3  H N N 122 
GLU HG2  H N N 123 
GLU HG3  H N N 124 
GLU HE2  H N N 125 
GLU HXT  H N N 126 
GLY N    N N N 127 
GLY CA   C N N 128 
GLY C    C N N 129 
GLY O    O N N 130 
GLY OXT  O N N 131 
GLY H    H N N 132 
GLY H2   H N N 133 
GLY HA2  H N N 134 
GLY HA3  H N N 135 
GLY HXT  H N N 136 
HIS N    N N N 137 
HIS CA   C N S 138 
HIS C    C N N 139 
HIS O    O N N 140 
HIS CB   C N N 141 
HIS CG   C Y N 142 
HIS ND1  N Y N 143 
HIS CD2  C Y N 144 
HIS CE1  C Y N 145 
HIS NE2  N Y N 146 
HIS OXT  O N N 147 
HIS H    H N N 148 
HIS H2   H N N 149 
HIS HA   H N N 150 
HIS HB2  H N N 151 
HIS HB3  H N N 152 
HIS HD1  H N N 153 
HIS HD2  H N N 154 
HIS HE1  H N N 155 
HIS HE2  H N N 156 
HIS HXT  H N N 157 
HOH O    O N N 158 
HOH H1   H N N 159 
HOH H2   H N N 160 
ILE N    N N N 161 
ILE CA   C N S 162 
ILE C    C N N 163 
ILE O    O N N 164 
ILE CB   C N S 165 
ILE CG1  C N N 166 
ILE CG2  C N N 167 
ILE CD1  C N N 168 
ILE OXT  O N N 169 
ILE H    H N N 170 
ILE H2   H N N 171 
ILE HA   H N N 172 
ILE HB   H N N 173 
ILE HG12 H N N 174 
ILE HG13 H N N 175 
ILE HG21 H N N 176 
ILE HG22 H N N 177 
ILE HG23 H N N 178 
ILE HD11 H N N 179 
ILE HD12 H N N 180 
ILE HD13 H N N 181 
ILE HXT  H N N 182 
LEU N    N N N 183 
LEU CA   C N S 184 
LEU C    C N N 185 
LEU O    O N N 186 
LEU CB   C N N 187 
LEU CG   C N N 188 
LEU CD1  C N N 189 
LEU CD2  C N N 190 
LEU OXT  O N N 191 
LEU H    H N N 192 
LEU H2   H N N 193 
LEU HA   H N N 194 
LEU HB2  H N N 195 
LEU HB3  H N N 196 
LEU HG   H N N 197 
LEU HD11 H N N 198 
LEU HD12 H N N 199 
LEU HD13 H N N 200 
LEU HD21 H N N 201 
LEU HD22 H N N 202 
LEU HD23 H N N 203 
LEU HXT  H N N 204 
LYS N    N N N 205 
LYS CA   C N S 206 
LYS C    C N N 207 
LYS O    O N N 208 
LYS CB   C N N 209 
LYS CG   C N N 210 
LYS CD   C N N 211 
LYS CE   C N N 212 
LYS NZ   N N N 213 
LYS OXT  O N N 214 
LYS H    H N N 215 
LYS H2   H N N 216 
LYS HA   H N N 217 
LYS HB2  H N N 218 
LYS HB3  H N N 219 
LYS HG2  H N N 220 
LYS HG3  H N N 221 
LYS HD2  H N N 222 
LYS HD3  H N N 223 
LYS HE2  H N N 224 
LYS HE3  H N N 225 
LYS HZ1  H N N 226 
LYS HZ2  H N N 227 
LYS HZ3  H N N 228 
LYS HXT  H N N 229 
MET N    N N N 230 
MET CA   C N S 231 
MET C    C N N 232 
MET O    O N N 233 
MET CB   C N N 234 
MET CG   C N N 235 
MET SD   S N N 236 
MET CE   C N N 237 
MET OXT  O N N 238 
MET H    H N N 239 
MET H2   H N N 240 
MET HA   H N N 241 
MET HB2  H N N 242 
MET HB3  H N N 243 
MET HG2  H N N 244 
MET HG3  H N N 245 
MET HE1  H N N 246 
MET HE2  H N N 247 
MET HE3  H N N 248 
MET HXT  H N N 249 
PHE N    N N N 250 
PHE CA   C N S 251 
PHE C    C N N 252 
PHE O    O N N 253 
PHE CB   C N N 254 
PHE CG   C Y N 255 
PHE CD1  C Y N 256 
PHE CD2  C Y N 257 
PHE CE1  C Y N 258 
PHE CE2  C Y N 259 
PHE CZ   C Y N 260 
PHE OXT  O N N 261 
PHE H    H N N 262 
PHE H2   H N N 263 
PHE HA   H N N 264 
PHE HB2  H N N 265 
PHE HB3  H N N 266 
PHE HD1  H N N 267 
PHE HD2  H N N 268 
PHE HE1  H N N 269 
PHE HE2  H N N 270 
PHE HZ   H N N 271 
PHE HXT  H N N 272 
PRO N    N N N 273 
PRO CA   C N S 274 
PRO C    C N N 275 
PRO O    O N N 276 
PRO CB   C N N 277 
PRO CG   C N N 278 
PRO CD   C N N 279 
PRO OXT  O N N 280 
PRO H    H N N 281 
PRO HA   H N N 282 
PRO HB2  H N N 283 
PRO HB3  H N N 284 
PRO HG2  H N N 285 
PRO HG3  H N N 286 
PRO HD2  H N N 287 
PRO HD3  H N N 288 
PRO HXT  H N N 289 
SER N    N N N 290 
SER CA   C N S 291 
SER C    C N N 292 
SER O    O N N 293 
SER CB   C N N 294 
SER OG   O N N 295 
SER OXT  O N N 296 
SER H    H N N 297 
SER H2   H N N 298 
SER HA   H N N 299 
SER HB2  H N N 300 
SER HB3  H N N 301 
SER HG   H N N 302 
SER HXT  H N N 303 
THR N    N N N 304 
THR CA   C N S 305 
THR C    C N N 306 
THR O    O N N 307 
THR CB   C N R 308 
THR OG1  O N N 309 
THR CG2  C N N 310 
THR OXT  O N N 311 
THR H    H N N 312 
THR H2   H N N 313 
THR HA   H N N 314 
THR HB   H N N 315 
THR HG1  H N N 316 
THR HG21 H N N 317 
THR HG22 H N N 318 
THR HG23 H N N 319 
THR HXT  H N N 320 
TRP N    N N N 321 
TRP CA   C N S 322 
TRP C    C N N 323 
TRP O    O N N 324 
TRP CB   C N N 325 
TRP CG   C Y N 326 
TRP CD1  C Y N 327 
TRP CD2  C Y N 328 
TRP NE1  N Y N 329 
TRP CE2  C Y N 330 
TRP CE3  C Y N 331 
TRP CZ2  C Y N 332 
TRP CZ3  C Y N 333 
TRP CH2  C Y N 334 
TRP OXT  O N N 335 
TRP H    H N N 336 
TRP H2   H N N 337 
TRP HA   H N N 338 
TRP HB2  H N N 339 
TRP HB3  H N N 340 
TRP HD1  H N N 341 
TRP HE1  H N N 342 
TRP HE3  H N N 343 
TRP HZ2  H N N 344 
TRP HZ3  H N N 345 
TRP HH2  H N N 346 
TRP HXT  H N N 347 
TYR N    N N N 348 
TYR CA   C N S 349 
TYR C    C N N 350 
TYR O    O N N 351 
TYR CB   C N N 352 
TYR CG   C Y N 353 
TYR CD1  C Y N 354 
TYR CD2  C Y N 355 
TYR CE1  C Y N 356 
TYR CE2  C Y N 357 
TYR CZ   C Y N 358 
TYR OH   O N N 359 
TYR OXT  O N N 360 
TYR H    H N N 361 
TYR H2   H N N 362 
TYR HA   H N N 363 
TYR HB2  H N N 364 
TYR HB3  H N N 365 
TYR HD1  H N N 366 
TYR HD2  H N N 367 
TYR HE1  H N N 368 
TYR HE2  H N N 369 
TYR HH   H N N 370 
TYR HXT  H N N 371 
VAL N    N N N 372 
VAL CA   C N S 373 
VAL C    C N N 374 
VAL O    O N N 375 
VAL CB   C N N 376 
VAL CG1  C N N 377 
VAL CG2  C N N 378 
VAL OXT  O N N 379 
VAL H    H N N 380 
VAL H2   H N N 381 
VAL HA   H N N 382 
VAL HB   H N N 383 
VAL HG11 H N N 384 
VAL HG12 H N N 385 
VAL HG13 H N N 386 
VAL HG21 H N N 387 
VAL HG22 H N N 388 
VAL HG23 H N N 389 
VAL HXT  H N N 390 
# 
loop_
_chem_comp_bond.comp_id 
_chem_comp_bond.atom_id_1 
_chem_comp_bond.atom_id_2 
_chem_comp_bond.value_order 
_chem_comp_bond.pdbx_aromatic_flag 
_chem_comp_bond.pdbx_stereo_config 
_chem_comp_bond.pdbx_ordinal 
ALA N   CA   sing N N 1   
ALA N   H    sing N N 2   
ALA N   H2   sing N N 3   
ALA CA  C    sing N N 4   
ALA CA  CB   sing N N 5   
ALA CA  HA   sing N N 6   
ALA C   O    doub N N 7   
ALA C   OXT  sing N N 8   
ALA CB  HB1  sing N N 9   
ALA CB  HB2  sing N N 10  
ALA CB  HB3  sing N N 11  
ALA OXT HXT  sing N N 12  
ARG N   CA   sing N N 13  
ARG N   H    sing N N 14  
ARG N   H2   sing N N 15  
ARG CA  C    sing N N 16  
ARG CA  CB   sing N N 17  
ARG CA  HA   sing N N 18  
ARG C   O    doub N N 19  
ARG C   OXT  sing N N 20  
ARG CB  CG   sing N N 21  
ARG CB  HB2  sing N N 22  
ARG CB  HB3  sing N N 23  
ARG CG  CD   sing N N 24  
ARG CG  HG2  sing N N 25  
ARG CG  HG3  sing N N 26  
ARG CD  NE   sing N N 27  
ARG CD  HD2  sing N N 28  
ARG CD  HD3  sing N N 29  
ARG NE  CZ   sing N N 30  
ARG NE  HE   sing N N 31  
ARG CZ  NH1  sing N N 32  
ARG CZ  NH2  doub N N 33  
ARG NH1 HH11 sing N N 34  
ARG NH1 HH12 sing N N 35  
ARG NH2 HH21 sing N N 36  
ARG NH2 HH22 sing N N 37  
ARG OXT HXT  sing N N 38  
ASN N   CA   sing N N 39  
ASN N   H    sing N N 40  
ASN N   H2   sing N N 41  
ASN CA  C    sing N N 42  
ASN CA  CB   sing N N 43  
ASN CA  HA   sing N N 44  
ASN C   O    doub N N 45  
ASN C   OXT  sing N N 46  
ASN CB  CG   sing N N 47  
ASN CB  HB2  sing N N 48  
ASN CB  HB3  sing N N 49  
ASN CG  OD1  doub N N 50  
ASN CG  ND2  sing N N 51  
ASN ND2 HD21 sing N N 52  
ASN ND2 HD22 sing N N 53  
ASN OXT HXT  sing N N 54  
ASP N   CA   sing N N 55  
ASP N   H    sing N N 56  
ASP N   H2   sing N N 57  
ASP CA  C    sing N N 58  
ASP CA  CB   sing N N 59  
ASP CA  HA   sing N N 60  
ASP C   O    doub N N 61  
ASP C   OXT  sing N N 62  
ASP CB  CG   sing N N 63  
ASP CB  HB2  sing N N 64  
ASP CB  HB3  sing N N 65  
ASP CG  OD1  doub N N 66  
ASP CG  OD2  sing N N 67  
ASP OD2 HD2  sing N N 68  
ASP OXT HXT  sing N N 69  
CYS N   CA   sing N N 70  
CYS N   H    sing N N 71  
CYS N   H2   sing N N 72  
CYS CA  C    sing N N 73  
CYS CA  CB   sing N N 74  
CYS CA  HA   sing N N 75  
CYS C   O    doub N N 76  
CYS C   OXT  sing N N 77  
CYS CB  SG   sing N N 78  
CYS CB  HB2  sing N N 79  
CYS CB  HB3  sing N N 80  
CYS SG  HG   sing N N 81  
CYS OXT HXT  sing N N 82  
GLN N   CA   sing N N 83  
GLN N   H    sing N N 84  
GLN N   H2   sing N N 85  
GLN CA  C    sing N N 86  
GLN CA  CB   sing N N 87  
GLN CA  HA   sing N N 88  
GLN C   O    doub N N 89  
GLN C   OXT  sing N N 90  
GLN CB  CG   sing N N 91  
GLN CB  HB2  sing N N 92  
GLN CB  HB3  sing N N 93  
GLN CG  CD   sing N N 94  
GLN CG  HG2  sing N N 95  
GLN CG  HG3  sing N N 96  
GLN CD  OE1  doub N N 97  
GLN CD  NE2  sing N N 98  
GLN NE2 HE21 sing N N 99  
GLN NE2 HE22 sing N N 100 
GLN OXT HXT  sing N N 101 
GLU N   CA   sing N N 102 
GLU N   H    sing N N 103 
GLU N   H2   sing N N 104 
GLU CA  C    sing N N 105 
GLU CA  CB   sing N N 106 
GLU CA  HA   sing N N 107 
GLU C   O    doub N N 108 
GLU C   OXT  sing N N 109 
GLU CB  CG   sing N N 110 
GLU CB  HB2  sing N N 111 
GLU CB  HB3  sing N N 112 
GLU CG  CD   sing N N 113 
GLU CG  HG2  sing N N 114 
GLU CG  HG3  sing N N 115 
GLU CD  OE1  doub N N 116 
GLU CD  OE2  sing N N 117 
GLU OE2 HE2  sing N N 118 
GLU OXT HXT  sing N N 119 
GLY N   CA   sing N N 120 
GLY N   H    sing N N 121 
GLY N   H2   sing N N 122 
GLY CA  C    sing N N 123 
GLY CA  HA2  sing N N 124 
GLY CA  HA3  sing N N 125 
GLY C   O    doub N N 126 
GLY C   OXT  sing N N 127 
GLY OXT HXT  sing N N 128 
HIS N   CA   sing N N 129 
HIS N   H    sing N N 130 
HIS N   H2   sing N N 131 
HIS CA  C    sing N N 132 
HIS CA  CB   sing N N 133 
HIS CA  HA   sing N N 134 
HIS C   O    doub N N 135 
HIS C   OXT  sing N N 136 
HIS CB  CG   sing N N 137 
HIS CB  HB2  sing N N 138 
HIS CB  HB3  sing N N 139 
HIS CG  ND1  sing Y N 140 
HIS CG  CD2  doub Y N 141 
HIS ND1 CE1  doub Y N 142 
HIS ND1 HD1  sing N N 143 
HIS CD2 NE2  sing Y N 144 
HIS CD2 HD2  sing N N 145 
HIS CE1 NE2  sing Y N 146 
HIS CE1 HE1  sing N N 147 
HIS NE2 HE2  sing N N 148 
HIS OXT HXT  sing N N 149 
HOH O   H1   sing N N 150 
HOH O   H2   sing N N 151 
ILE N   CA   sing N N 152 
ILE N   H    sing N N 153 
ILE N   H2   sing N N 154 
ILE CA  C    sing N N 155 
ILE CA  CB   sing N N 156 
ILE CA  HA   sing N N 157 
ILE C   O    doub N N 158 
ILE C   OXT  sing N N 159 
ILE CB  CG1  sing N N 160 
ILE CB  CG2  sing N N 161 
ILE CB  HB   sing N N 162 
ILE CG1 CD1  sing N N 163 
ILE CG1 HG12 sing N N 164 
ILE CG1 HG13 sing N N 165 
ILE CG2 HG21 sing N N 166 
ILE CG2 HG22 sing N N 167 
ILE CG2 HG23 sing N N 168 
ILE CD1 HD11 sing N N 169 
ILE CD1 HD12 sing N N 170 
ILE CD1 HD13 sing N N 171 
ILE OXT HXT  sing N N 172 
LEU N   CA   sing N N 173 
LEU N   H    sing N N 174 
LEU N   H2   sing N N 175 
LEU CA  C    sing N N 176 
LEU CA  CB   sing N N 177 
LEU CA  HA   sing N N 178 
LEU C   O    doub N N 179 
LEU C   OXT  sing N N 180 
LEU CB  CG   sing N N 181 
LEU CB  HB2  sing N N 182 
LEU CB  HB3  sing N N 183 
LEU CG  CD1  sing N N 184 
LEU CG  CD2  sing N N 185 
LEU CG  HG   sing N N 186 
LEU CD1 HD11 sing N N 187 
LEU CD1 HD12 sing N N 188 
LEU CD1 HD13 sing N N 189 
LEU CD2 HD21 sing N N 190 
LEU CD2 HD22 sing N N 191 
LEU CD2 HD23 sing N N 192 
LEU OXT HXT  sing N N 193 
LYS N   CA   sing N N 194 
LYS N   H    sing N N 195 
LYS N   H2   sing N N 196 
LYS CA  C    sing N N 197 
LYS CA  CB   sing N N 198 
LYS CA  HA   sing N N 199 
LYS C   O    doub N N 200 
LYS C   OXT  sing N N 201 
LYS CB  CG   sing N N 202 
LYS CB  HB2  sing N N 203 
LYS CB  HB3  sing N N 204 
LYS CG  CD   sing N N 205 
LYS CG  HG2  sing N N 206 
LYS CG  HG3  sing N N 207 
LYS CD  CE   sing N N 208 
LYS CD  HD2  sing N N 209 
LYS CD  HD3  sing N N 210 
LYS CE  NZ   sing N N 211 
LYS CE  HE2  sing N N 212 
LYS CE  HE3  sing N N 213 
LYS NZ  HZ1  sing N N 214 
LYS NZ  HZ2  sing N N 215 
LYS NZ  HZ3  sing N N 216 
LYS OXT HXT  sing N N 217 
MET N   CA   sing N N 218 
MET N   H    sing N N 219 
MET N   H2   sing N N 220 
MET CA  C    sing N N 221 
MET CA  CB   sing N N 222 
MET CA  HA   sing N N 223 
MET C   O    doub N N 224 
MET C   OXT  sing N N 225 
MET CB  CG   sing N N 226 
MET CB  HB2  sing N N 227 
MET CB  HB3  sing N N 228 
MET CG  SD   sing N N 229 
MET CG  HG2  sing N N 230 
MET CG  HG3  sing N N 231 
MET SD  CE   sing N N 232 
MET CE  HE1  sing N N 233 
MET CE  HE2  sing N N 234 
MET CE  HE3  sing N N 235 
MET OXT HXT  sing N N 236 
PHE N   CA   sing N N 237 
PHE N   H    sing N N 238 
PHE N   H2   sing N N 239 
PHE CA  C    sing N N 240 
PHE CA  CB   sing N N 241 
PHE CA  HA   sing N N 242 
PHE C   O    doub N N 243 
PHE C   OXT  sing N N 244 
PHE CB  CG   sing N N 245 
PHE CB  HB2  sing N N 246 
PHE CB  HB3  sing N N 247 
PHE CG  CD1  doub Y N 248 
PHE CG  CD2  sing Y N 249 
PHE CD1 CE1  sing Y N 250 
PHE CD1 HD1  sing N N 251 
PHE CD2 CE2  doub Y N 252 
PHE CD2 HD2  sing N N 253 
PHE CE1 CZ   doub Y N 254 
PHE CE1 HE1  sing N N 255 
PHE CE2 CZ   sing Y N 256 
PHE CE2 HE2  sing N N 257 
PHE CZ  HZ   sing N N 258 
PHE OXT HXT  sing N N 259 
PRO N   CA   sing N N 260 
PRO N   CD   sing N N 261 
PRO N   H    sing N N 262 
PRO CA  C    sing N N 263 
PRO CA  CB   sing N N 264 
PRO CA  HA   sing N N 265 
PRO C   O    doub N N 266 
PRO C   OXT  sing N N 267 
PRO CB  CG   sing N N 268 
PRO CB  HB2  sing N N 269 
PRO CB  HB3  sing N N 270 
PRO CG  CD   sing N N 271 
PRO CG  HG2  sing N N 272 
PRO CG  HG3  sing N N 273 
PRO CD  HD2  sing N N 274 
PRO CD  HD3  sing N N 275 
PRO OXT HXT  sing N N 276 
SER N   CA   sing N N 277 
SER N   H    sing N N 278 
SER N   H2   sing N N 279 
SER CA  C    sing N N 280 
SER CA  CB   sing N N 281 
SER CA  HA   sing N N 282 
SER C   O    doub N N 283 
SER C   OXT  sing N N 284 
SER CB  OG   sing N N 285 
SER CB  HB2  sing N N 286 
SER CB  HB3  sing N N 287 
SER OG  HG   sing N N 288 
SER OXT HXT  sing N N 289 
THR N   CA   sing N N 290 
THR N   H    sing N N 291 
THR N   H2   sing N N 292 
THR CA  C    sing N N 293 
THR CA  CB   sing N N 294 
THR CA  HA   sing N N 295 
THR C   O    doub N N 296 
THR C   OXT  sing N N 297 
THR CB  OG1  sing N N 298 
THR CB  CG2  sing N N 299 
THR CB  HB   sing N N 300 
THR OG1 HG1  sing N N 301 
THR CG2 HG21 sing N N 302 
THR CG2 HG22 sing N N 303 
THR CG2 HG23 sing N N 304 
THR OXT HXT  sing N N 305 
TRP N   CA   sing N N 306 
TRP N   H    sing N N 307 
TRP N   H2   sing N N 308 
TRP CA  C    sing N N 309 
TRP CA  CB   sing N N 310 
TRP CA  HA   sing N N 311 
TRP C   O    doub N N 312 
TRP C   OXT  sing N N 313 
TRP CB  CG   sing N N 314 
TRP CB  HB2  sing N N 315 
TRP CB  HB3  sing N N 316 
TRP CG  CD1  doub Y N 317 
TRP CG  CD2  sing Y N 318 
TRP CD1 NE1  sing Y N 319 
TRP CD1 HD1  sing N N 320 
TRP CD2 CE2  doub Y N 321 
TRP CD2 CE3  sing Y N 322 
TRP NE1 CE2  sing Y N 323 
TRP NE1 HE1  sing N N 324 
TRP CE2 CZ2  sing Y N 325 
TRP CE3 CZ3  doub Y N 326 
TRP CE3 HE3  sing N N 327 
TRP CZ2 CH2  doub Y N 328 
TRP CZ2 HZ2  sing N N 329 
TRP CZ3 CH2  sing Y N 330 
TRP CZ3 HZ3  sing N N 331 
TRP CH2 HH2  sing N N 332 
TRP OXT HXT  sing N N 333 
TYR N   CA   sing N N 334 
TYR N   H    sing N N 335 
TYR N   H2   sing N N 336 
TYR CA  C    sing N N 337 
TYR CA  CB   sing N N 338 
TYR CA  HA   sing N N 339 
TYR C   O    doub N N 340 
TYR C   OXT  sing N N 341 
TYR CB  CG   sing N N 342 
TYR CB  HB2  sing N N 343 
TYR CB  HB3  sing N N 344 
TYR CG  CD1  doub Y N 345 
TYR CG  CD2  sing Y N 346 
TYR CD1 CE1  sing Y N 347 
TYR CD1 HD1  sing N N 348 
TYR CD2 CE2  doub Y N 349 
TYR CD2 HD2  sing N N 350 
TYR CE1 CZ   doub Y N 351 
TYR CE1 HE1  sing N N 352 
TYR CE2 CZ   sing Y N 353 
TYR CE2 HE2  sing N N 354 
TYR CZ  OH   sing N N 355 
TYR OH  HH   sing N N 356 
TYR OXT HXT  sing N N 357 
VAL N   CA   sing N N 358 
VAL N   H    sing N N 359 
VAL N   H2   sing N N 360 
VAL CA  C    sing N N 361 
VAL CA  CB   sing N N 362 
VAL CA  HA   sing N N 363 
VAL C   O    doub N N 364 
VAL C   OXT  sing N N 365 
VAL CB  CG1  sing N N 366 
VAL CB  CG2  sing N N 367 
VAL CB  HB   sing N N 368 
VAL CG1 HG11 sing N N 369 
VAL CG1 HG12 sing N N 370 
VAL CG1 HG13 sing N N 371 
VAL CG2 HG21 sing N N 372 
VAL CG2 HG22 sing N N 373 
VAL CG2 HG23 sing N N 374 
VAL OXT HXT  sing N N 375 
# 
_atom_sites.entry_id                    1DVO 
_atom_sites.fract_transf_matrix[1][1]   0.00421624 
_atom_sites.fract_transf_matrix[1][2]   -0.01973210 
_atom_sites.fract_transf_matrix[1][3]   0.01735893 
_atom_sites.fract_transf_matrix[2][1]   0.01997308 
_atom_sites.fract_transf_matrix[2][2]   0.01300669 
_atom_sites.fract_transf_matrix[2][3]   0.00993367 
_atom_sites.fract_transf_matrix[3][1]   -0.00422037 
_atom_sites.fract_transf_matrix[3][2]   0.00305004 
_atom_sites.fract_transf_matrix[3][3]   0.00449209 
_atom_sites.fract_transf_vector[1]      0.182999 
_atom_sites.fract_transf_vector[2]      0.131738 
_atom_sites.fract_transf_vector[3]      0.400386 
# 
loop_
_atom_type.symbol 
C 
N 
O 
S 
# 
loop_
_atom_site.group_PDB 
_atom_site.id 
_atom_site.type_symbol 
_atom_site.label_atom_id 
_atom_site.label_alt_id 
_atom_site.label_comp_id 
_atom_site.label_asym_id 
_atom_site.label_entity_id 
_atom_site.label_seq_id 
_atom_site.pdbx_PDB_ins_code 
_atom_site.Cartn_x 
_atom_site.Cartn_y 
_atom_site.Cartn_z 
_atom_site.occupancy 
_atom_site.B_iso_or_equiv 
_atom_site.pdbx_formal_charge 
_atom_site.auth_seq_id 
_atom_site.auth_comp_id 
_atom_site.auth_asym_id 
_atom_site.auth_atom_id 
_atom_site.pdbx_PDB_model_num 
ATOM   1    N N   . PRO A 1 1   ? 16.021  16.886  -49.461 1.00 45.78 ? 33  PRO A N   1 
ATOM   2    C CA  . PRO A 1 1   ? 17.251  17.709  -49.516 1.00 45.70 ? 33  PRO A CA  1 
ATOM   3    C C   . PRO A 1 1   ? 18.481  16.797  -49.479 1.00 46.03 ? 33  PRO A C   1 
ATOM   4    O O   . PRO A 1 1   ? 18.370  15.593  -49.730 1.00 45.24 ? 33  PRO A O   1 
ATOM   5    C CB  . PRO A 1 1   ? 17.206  18.647  -48.313 1.00 46.31 ? 33  PRO A CB  1 
ATOM   6    C CG  . PRO A 1 1   ? 15.702  18.692  -48.008 1.00 46.30 ? 33  PRO A CG  1 
ATOM   7    C CD  . PRO A 1 1   ? 15.236  17.251  -48.269 1.00 45.24 ? 33  PRO A CD  1 
ATOM   8    N N   . PRO A 1 2   ? 19.668  17.336  -49.146 1.00 45.99 ? 34  PRO A N   1 
ATOM   9    C CA  . PRO A 1 2   ? 20.797  16.401  -49.143 1.00 46.41 ? 34  PRO A CA  1 
ATOM   10   C C   . PRO A 1 2   ? 20.732  15.250  -48.143 1.00 47.36 ? 34  PRO A C   1 
ATOM   11   O O   . PRO A 1 2   ? 19.852  15.193  -47.280 1.00 48.61 ? 34  PRO A O   1 
ATOM   12   C CB  . PRO A 1 2   ? 21.998  17.301  -48.875 1.00 45.93 ? 34  PRO A CB  1 
ATOM   13   C CG  . PRO A 1 2   ? 21.555  18.641  -49.365 1.00 46.71 ? 34  PRO A CG  1 
ATOM   14   C CD  . PRO A 1 2   ? 20.136  18.712  -48.892 1.00 46.13 ? 34  PRO A CD  1 
ATOM   15   N N   . LYS A 1 3   ? 21.695  14.341  -48.281 1.00 47.24 ? 35  LYS A N   1 
ATOM   16   C CA  . LYS A 1 3   ? 21.815  13.168  -47.424 1.00 47.51 ? 35  LYS A CA  1 
ATOM   17   C C   . LYS A 1 3   ? 22.354  13.453  -46.024 1.00 46.65 ? 35  LYS A C   1 
ATOM   18   O O   . LYS A 1 3   ? 21.804  12.954  -45.045 1.00 46.57 ? 35  LYS A O   1 
ATOM   19   C CB  . LYS A 1 3   ? 22.687  12.100  -48.094 1.00 49.41 ? 35  LYS A CB  1 
ATOM   20   C CG  . LYS A 1 3   ? 21.996  11.396  -49.251 1.00 53.02 ? 35  LYS A CG  1 
ATOM   21   C CD  . LYS A 1 3   ? 22.622  10.043  -49.578 1.00 54.91 ? 35  LYS A CD  1 
ATOM   22   C CE  . LYS A 1 3   ? 21.911  9.418   -50.780 1.00 56.23 ? 35  LYS A CE  1 
ATOM   23   N NZ  . LYS A 1 3   ? 22.502  8.112   -51.210 1.00 56.67 ? 35  LYS A NZ  1 
ATOM   24   N N   . TRP A 1 4   ? 23.431  14.224  -45.909 1.00 44.75 ? 36  TRP A N   1 
ATOM   25   C CA  . TRP A 1 4   ? 23.947  14.518  -44.576 1.00 43.10 ? 36  TRP A CA  1 
ATOM   26   C C   . TRP A 1 4   ? 22.820  15.237  -43.839 1.00 43.84 ? 36  TRP A C   1 
ATOM   27   O O   . TRP A 1 4   ? 22.620  15.059  -42.641 1.00 43.52 ? 36  TRP A O   1 
ATOM   28   C CB  . TRP A 1 4   ? 25.195  15.413  -44.635 1.00 38.66 ? 36  TRP A CB  1 
ATOM   29   C CG  . TRP A 1 4   ? 24.978  16.733  -45.302 1.00 35.27 ? 36  TRP A CG  1 
ATOM   30   C CD1 . TRP A 1 4   ? 25.187  17.031  -46.616 1.00 34.26 ? 36  TRP A CD1 1 
ATOM   31   C CD2 . TRP A 1 4   ? 24.487  17.938  -44.692 1.00 34.09 ? 36  TRP A CD2 1 
ATOM   32   N NE1 . TRP A 1 4   ? 24.851  18.344  -46.867 1.00 32.47 ? 36  TRP A NE1 1 
ATOM   33   C CE2 . TRP A 1 4   ? 24.408  18.920  -45.706 1.00 32.89 ? 36  TRP A CE2 1 
ATOM   34   C CE3 . TRP A 1 4   ? 24.080  18.271  -43.389 1.00 32.68 ? 36  TRP A CE3 1 
ATOM   35   C CZ2 . TRP A 1 4   ? 23.969  20.229  -45.458 1.00 32.56 ? 36  TRP A CZ2 1 
ATOM   36   C CZ3 . TRP A 1 4   ? 23.638  19.573  -43.137 1.00 32.91 ? 36  TRP A CZ3 1 
ATOM   37   C CH2 . TRP A 1 4   ? 23.576  20.533  -44.173 1.00 34.48 ? 36  TRP A CH2 1 
ATOM   38   N N   . LYS A 1 5   ? 22.084  16.036  -44.601 1.00 45.39 ? 37  LYS A N   1 
ATOM   39   C CA  . LYS A 1 5   ? 20.954  16.829  -44.134 1.00 46.97 ? 37  LYS A CA  1 
ATOM   40   C C   . LYS A 1 5   ? 19.839  15.957  -43.544 1.00 47.84 ? 37  LYS A C   1 
ATOM   41   O O   . LYS A 1 5   ? 19.254  16.290  -42.515 1.00 47.23 ? 37  LYS A O   1 
ATOM   42   C CB  . LYS A 1 5   ? 20.416  17.640  -45.318 1.00 48.37 ? 37  LYS A CB  1 
ATOM   43   C CG  . LYS A 1 5   ? 19.152  18.443  -45.060 1.00 51.34 ? 37  LYS A CG  1 
ATOM   44   C CD  . LYS A 1 5   ? 19.474  19.891  -44.739 1.00 52.72 ? 37  LYS A CD  1 
ATOM   45   C CE  . LYS A 1 5   ? 18.236  20.765  -44.839 1.00 54.24 ? 37  LYS A CE  1 
ATOM   46   N NZ  . LYS A 1 5   ? 18.570  22.200  -44.603 1.00 54.94 ? 37  LYS A NZ  1 
ATOM   47   N N   . VAL A 1 6   ? 19.554  14.842  -44.210 1.00 47.93 ? 38  VAL A N   1 
ATOM   48   C CA  . VAL A 1 6   ? 18.510  13.914  -43.782 1.00 47.87 ? 38  VAL A CA  1 
ATOM   49   C C   . VAL A 1 6   ? 18.935  13.052  -42.594 1.00 47.91 ? 38  VAL A C   1 
ATOM   50   O O   . VAL A 1 6   ? 18.135  12.759  -41.709 1.00 47.97 ? 38  VAL A O   1 
ATOM   51   C CB  . VAL A 1 6   ? 18.103  12.984  -44.947 1.00 48.07 ? 38  VAL A CB  1 
ATOM   52   C CG1 . VAL A 1 6   ? 17.077  11.965  -44.478 1.00 48.00 ? 38  VAL A CG1 1 
ATOM   53   C CG2 . VAL A 1 6   ? 17.546  13.812  -46.094 1.00 47.58 ? 38  VAL A CG2 1 
ATOM   54   N N   . LYS A 1 7   ? 20.199  12.646  -42.591 1.00 47.52 ? 39  LYS A N   1 
ATOM   55   C CA  . LYS A 1 7   ? 20.759  11.822  -41.525 1.00 47.44 ? 39  LYS A CA  1 
ATOM   56   C C   . LYS A 1 7   ? 20.828  12.611  -40.213 1.00 46.53 ? 39  LYS A C   1 
ATOM   57   O O   . LYS A 1 7   ? 20.693  12.048  -39.124 1.00 45.59 ? 39  LYS A O   1 
ATOM   58   C CB  . LYS A 1 7   ? 22.158  11.352  -41.942 1.00 48.62 ? 39  LYS A CB  1 
ATOM   59   C CG  . LYS A 1 7   ? 22.928  10.562  -40.899 1.00 50.59 ? 39  LYS A CG  1 
ATOM   60   C CD  . LYS A 1 7   ? 24.383  10.401  -41.329 1.00 51.43 ? 39  LYS A CD  1 
ATOM   61   C CE  . LYS A 1 7   ? 25.259  9.959   -40.165 1.00 52.75 ? 39  LYS A CE  1 
ATOM   62   N NZ  . LYS A 1 7   ? 26.665  10.437  -40.303 1.00 52.67 ? 39  LYS A NZ  1 
ATOM   63   N N   . LYS A 1 8   ? 21.037  13.918  -40.329 1.00 45.38 ? 40  LYS A N   1 
ATOM   64   C CA  . LYS A 1 8   ? 21.119  14.792  -39.163 1.00 44.77 ? 40  LYS A CA  1 
ATOM   65   C C   . LYS A 1 8   ? 19.706  15.072  -38.650 1.00 45.77 ? 40  LYS A C   1 
ATOM   66   O O   . LYS A 1 8   ? 19.490  15.241  -37.449 1.00 43.80 ? 40  LYS A O   1 
ATOM   67   C CB  . LYS A 1 8   ? 21.822  16.099  -39.540 1.00 43.46 ? 40  LYS A CB  1 
ATOM   68   C CG  . LYS A 1 8   ? 22.058  17.056  -38.381 1.00 41.80 ? 40  LYS A CG  1 
ATOM   69   C CD  . LYS A 1 8   ? 22.779  18.315  -38.851 1.00 40.82 ? 40  LYS A CD  1 
ATOM   70   C CE  . LYS A 1 8   ? 22.976  19.321  -37.719 1.00 39.53 ? 40  LYS A CE  1 
ATOM   71   N NZ  . LYS A 1 8   ? 23.630  20.573  -38.192 1.00 37.44 ? 40  LYS A NZ  1 
ATOM   72   N N   . GLN A 1 9   ? 18.751  15.125  -39.576 1.00 47.28 ? 41  GLN A N   1 
ATOM   73   C CA  . GLN A 1 9   ? 17.354  15.357  -39.230 1.00 48.70 ? 41  GLN A CA  1 
ATOM   74   C C   . GLN A 1 9   ? 16.802  14.116  -38.528 1.00 49.88 ? 41  GLN A C   1 
ATOM   75   O O   . GLN A 1 9   ? 16.186  14.222  -37.468 1.00 49.95 ? 41  GLN A O   1 
ATOM   76   C CB  . GLN A 1 9   ? 16.540  15.670  -40.489 1.00 48.68 ? 41  GLN A CB  1 
ATOM   77   C CG  . GLN A 1 9   ? 16.565  17.139  -40.884 1.00 48.67 ? 41  GLN A CG  1 
ATOM   78   C CD  . GLN A 1 9   ? 16.028  17.386  -42.280 1.00 48.66 ? 41  GLN A CD  1 
ATOM   79   O OE1 . GLN A 1 9   ? 15.001  16.833  -42.672 1.00 48.64 ? 41  GLN A OE1 1 
ATOM   80   N NE2 . GLN A 1 9   ? 16.719  18.232  -43.037 1.00 48.64 ? 41  GLN A NE2 1 
ATOM   81   N N   . LYS A 1 10  ? 17.035  12.939  -39.105 1.00 50.37 ? 42  LYS A N   1 
ATOM   82   C CA  . LYS A 1 10  ? 16.549  11.705  -38.498 1.00 51.29 ? 42  LYS A CA  1 
ATOM   83   C C   . LYS A 1 10  ? 17.156  11.461  -37.118 1.00 51.66 ? 42  LYS A C   1 
ATOM   84   O O   . LYS A 1 10  ? 16.504  10.895  -36.240 1.00 51.27 ? 42  LYS A O   1 
ATOM   85   C CB  . LYS A 1 10  ? 16.837  10.503  -39.397 1.00 52.30 ? 42  LYS A CB  1 
ATOM   86   C CG  . LYS A 1 10  ? 15.872  10.343  -40.558 1.00 54.60 ? 42  LYS A CG  1 
ATOM   87   C CD  . LYS A 1 10  ? 15.998  8.956   -41.174 1.00 56.68 ? 42  LYS A CD  1 
ATOM   88   C CE  . LYS A 1 10  ? 14.988  8.748   -42.294 1.00 58.64 ? 42  LYS A CE  1 
ATOM   89   N NZ  . LYS A 1 10  ? 15.078  7.374   -42.878 1.00 60.19 ? 42  LYS A NZ  1 
ATOM   90   N N   . LEU A 1 11  ? 18.398  11.891  -36.928 1.00 51.92 ? 43  LEU A N   1 
ATOM   91   C CA  . LEU A 1 11  ? 19.083  11.712  -35.653 1.00 52.52 ? 43  LEU A CA  1 
ATOM   92   C C   . LEU A 1 11  ? 18.512  12.651  -34.593 1.00 52.89 ? 43  LEU A C   1 
ATOM   93   O O   . LEU A 1 11  ? 18.529  12.349  -33.397 1.00 52.55 ? 43  LEU A O   1 
ATOM   94   C CB  . LEU A 1 11  ? 20.576  11.983  -35.813 1.00 52.71 ? 43  LEU A CB  1 
ATOM   95   C CG  . LEU A 1 11  ? 21.433  11.531  -34.632 1.00 53.66 ? 43  LEU A CG  1 
ATOM   96   C CD1 . LEU A 1 11  ? 21.331  10.015  -34.507 1.00 53.66 ? 43  LEU A CD1 1 
ATOM   97   C CD2 . LEU A 1 11  ? 22.879  11.953  -34.838 1.00 53.48 ? 43  LEU A CD2 1 
ATOM   98   N N   . ALA A 1 12  ? 18.017  13.796  -35.050 1.00 52.83 ? 44  ALA A N   1 
ATOM   99   C CA  . ALA A 1 12  ? 17.433  14.800  -34.174 1.00 53.29 ? 44  ALA A CA  1 
ATOM   100  C C   . ALA A 1 12  ? 16.058  14.332  -33.715 1.00 53.53 ? 44  ALA A C   1 
ATOM   101  O O   . ALA A 1 12  ? 15.695  14.495  -32.547 1.00 53.35 ? 44  ALA A O   1 
ATOM   102  C CB  . ALA A 1 12  ? 17.316  16.122  -34.910 1.00 52.99 ? 44  ALA A CB  1 
ATOM   103  N N   . GLU A 1 13  ? 15.299  13.757  -34.644 1.00 53.49 ? 45  GLU A N   1 
ATOM   104  C CA  . GLU A 1 13  ? 13.968  13.252  -34.341 1.00 54.18 ? 45  GLU A CA  1 
ATOM   105  C C   . GLU A 1 13  ? 14.072  12.124  -33.324 1.00 54.25 ? 45  GLU A C   1 
ATOM   106  O O   . GLU A 1 13  ? 13.300  12.066  -32.372 1.00 55.45 ? 45  GLU A O   1 
ATOM   107  C CB  . GLU A 1 13  ? 13.287  12.736  -35.611 1.00 53.73 ? 45  GLU A CB  1 
ATOM   108  C CG  . GLU A 1 13  ? 12.962  13.817  -36.623 1.00 54.23 ? 45  GLU A CG  1 
ATOM   109  C CD  . GLU A 1 13  ? 12.289  13.267  -37.865 1.00 55.46 ? 45  GLU A CD  1 
ATOM   110  O OE1 . GLU A 1 13  ? 11.967  14.066  -38.769 1.00 55.90 ? 45  GLU A OE1 1 
ATOM   111  O OE2 . GLU A 1 13  ? 12.080  12.035  -37.941 1.00 56.52 ? 45  GLU A OE2 1 
ATOM   112  N N   . LYS A 1 14  ? 15.032  11.229  -33.541 1.00 54.21 ? 46  LYS A N   1 
ATOM   113  C CA  . LYS A 1 14  ? 15.267  10.099  -32.648 1.00 54.02 ? 46  LYS A CA  1 
ATOM   114  C C   . LYS A 1 14  ? 15.621  10.605  -31.255 1.00 53.83 ? 46  LYS A C   1 
ATOM   115  O O   . LYS A 1 14  ? 15.165  10.057  -30.251 1.00 53.65 ? 46  LYS A O   1 
ATOM   116  C CB  . LYS A 1 14  ? 16.405  9.231   -33.194 1.00 53.92 ? 46  LYS A CB  1 
ATOM   117  C CG  . LYS A 1 14  ? 16.909  8.152   -32.241 1.00 54.72 ? 46  LYS A CG  1 
ATOM   118  C CD  . LYS A 1 14  ? 17.933  7.256   -32.931 1.00 55.04 ? 46  LYS A CD  1 
ATOM   119  C CE  . LYS A 1 14  ? 18.314  6.040   -32.087 1.00 55.63 ? 46  LYS A CE  1 
ATOM   120  N NZ  . LYS A 1 14  ? 19.325  6.338   -31.037 1.00 55.62 ? 46  LYS A NZ  1 
ATOM   121  N N   . ALA A 1 15  ? 16.437  11.653  -31.203 1.00 53.31 ? 47  ALA A N   1 
ATOM   122  C CA  . ALA A 1 15  ? 16.854  12.240  -29.937 1.00 52.94 ? 47  ALA A CA  1 
ATOM   123  C C   . ALA A 1 15  ? 15.659  12.879  -29.241 1.00 53.49 ? 47  ALA A C   1 
ATOM   124  O O   . ALA A 1 15  ? 15.571  12.872  -28.015 1.00 52.38 ? 47  ALA A O   1 
ATOM   125  C CB  . ALA A 1 15  ? 17.935  13.280  -30.175 1.00 52.59 ? 47  ALA A CB  1 
ATOM   126  N N   . ALA A 1 16  ? 14.743  13.431  -30.031 1.00 53.86 ? 48  ALA A N   1 
ATOM   127  C CA  . ALA A 1 16  ? 13.550  14.069  -29.488 1.00 54.74 ? 48  ALA A CA  1 
ATOM   128  C C   . ALA A 1 16  ? 12.668  13.039  -28.784 1.00 54.88 ? 48  ALA A C   1 
ATOM   129  O O   . ALA A 1 16  ? 12.314  13.210  -27.621 1.00 54.66 ? 48  ALA A O   1 
ATOM   130  C CB  . ALA A 1 16  ? 12.765  14.760  -30.604 1.00 54.02 ? 48  ALA A CB  1 
ATOM   131  N N   . ARG A 1 17  ? 12.318  11.973  -29.499 1.00 55.88 ? 49  ARG A N   1 
ATOM   132  C CA  . ARG A 1 17  ? 11.481  10.913  -28.943 1.00 56.86 ? 49  ARG A CA  1 
ATOM   133  C C   . ARG A 1 17  ? 12.084  10.398  -27.643 1.00 56.51 ? 49  ARG A C   1 
ATOM   134  O O   . ARG A 1 17  ? 11.385  10.214  -26.647 1.00 56.80 ? 49  ARG A O   1 
ATOM   135  C CB  . ARG A 1 17  ? 11.376  9.739   -29.914 1.00 58.81 ? 49  ARG A CB  1 
ATOM   136  C CG  . ARG A 1 17  ? 10.976  10.092  -31.328 1.00 61.95 ? 49  ARG A CG  1 
ATOM   137  C CD  . ARG A 1 17  ? 11.290  8.915   -32.236 1.00 65.49 ? 49  ARG A CD  1 
ATOM   138  N NE  . ARG A 1 17  ? 11.233  9.255   -33.653 1.00 67.98 ? 49  ARG A NE  1 
ATOM   139  C CZ  . ARG A 1 17  ? 11.743  8.495   -34.617 1.00 69.13 ? 49  ARG A CZ  1 
ATOM   140  N NH1 . ARG A 1 17  ? 12.350  7.353   -34.314 1.00 69.59 ? 49  ARG A NH1 1 
ATOM   141  N NH2 . ARG A 1 17  ? 11.648  8.878   -35.884 1.00 69.86 ? 49  ARG A NH2 1 
ATOM   142  N N   . GLU A 1 18  ? 13.391  10.159  -27.668 1.00 55.29 ? 50  GLU A N   1 
ATOM   143  C CA  . GLU A 1 18  ? 14.103  9.647   -26.506 1.00 54.47 ? 50  GLU A CA  1 
ATOM   144  C C   . GLU A 1 18  ? 14.200  10.643  -25.356 1.00 54.05 ? 50  GLU A C   1 
ATOM   145  O O   . GLU A 1 18  ? 14.385  10.251  -24.205 1.00 54.01 ? 50  GLU A O   1 
ATOM   146  C CB  . GLU A 1 18  ? 15.503  9.185   -26.920 1.00 54.25 ? 50  GLU A CB  1 
ATOM   147  C CG  . GLU A 1 18  ? 15.489  7.994   -27.872 1.00 54.50 ? 50  GLU A CG  1 
ATOM   148  C CD  . GLU A 1 18  ? 16.871  7.623   -28.382 1.00 54.52 ? 50  GLU A CD  1 
ATOM   149  O OE1 . GLU A 1 18  ? 16.971  6.648   -29.157 1.00 54.89 ? 50  GLU A OE1 1 
ATOM   150  O OE2 . GLU A 1 18  ? 17.854  8.303   -28.011 1.00 53.31 ? 50  GLU A OE2 1 
ATOM   151  N N   . ALA A 1 19  ? 14.084  11.929  -25.660 1.00 53.14 ? 51  ALA A N   1 
ATOM   152  C CA  . ALA A 1 19  ? 14.146  12.946  -24.619 1.00 52.74 ? 51  ALA A CA  1 
ATOM   153  C C   . ALA A 1 19  ? 12.736  13.124  -24.076 1.00 52.77 ? 51  ALA A C   1 
ATOM   154  O O   . ALA A 1 19  ? 12.537  13.387  -22.889 1.00 52.58 ? 51  ALA A O   1 
ATOM   155  C CB  . ALA A 1 19  ? 14.660  14.256  -25.190 1.00 51.64 ? 51  ALA A CB  1 
ATOM   156  N N   . GLU A 1 20  ? 11.765  12.968  -24.968 1.00 52.87 ? 52  GLU A N   1 
ATOM   157  C CA  . GLU A 1 20  ? 10.353  13.095  -24.639 1.00 53.70 ? 52  GLU A CA  1 
ATOM   158  C C   . GLU A 1 20  ? 9.965   11.982  -23.673 1.00 53.23 ? 52  GLU A C   1 
ATOM   159  O O   . GLU A 1 20  ? 9.420   12.227  -22.597 1.00 53.02 ? 52  GLU A O   1 
ATOM   160  C CB  . GLU A 1 20  ? 9.524   12.983  -25.916 1.00 55.39 ? 52  GLU A CB  1 
ATOM   161  C CG  . GLU A 1 20  ? 8.030   12.926  -25.697 1.00 58.96 ? 52  GLU A CG  1 
ATOM   162  C CD  . GLU A 1 20  ? 7.301   12.351  -26.895 1.00 61.25 ? 52  GLU A CD  1 
ATOM   163  O OE1 . GLU A 1 20  ? 7.983   11.847  -27.815 1.00 62.33 ? 52  GLU A OE1 1 
ATOM   164  O OE2 . GLU A 1 20  ? 6.050   12.391  -26.914 1.00 62.95 ? 52  GLU A OE2 1 
ATOM   165  N N   . LEU A 1 21  ? 10.255  10.753  -24.079 1.00 52.00 ? 53  LEU A N   1 
ATOM   166  C CA  . LEU A 1 21  ? 9.962   9.584   -23.272 1.00 50.70 ? 53  LEU A CA  1 
ATOM   167  C C   . LEU A 1 21  ? 10.593  9.709   -21.892 1.00 49.75 ? 53  LEU A C   1 
ATOM   168  O O   . LEU A 1 21  ? 9.942   9.447   -20.882 1.00 49.30 ? 53  LEU A O   1 
ATOM   169  C CB  . LEU A 1 21  ? 10.478  8.330   -23.982 1.00 51.29 ? 53  LEU A CB  1 
ATOM   170  C CG  . LEU A 1 21  ? 10.581  7.008   -23.219 1.00 51.97 ? 53  LEU A CG  1 
ATOM   171  C CD1 . LEU A 1 21  ? 10.771  5.879   -24.212 1.00 52.18 ? 53  LEU A CD1 1 
ATOM   172  C CD2 . LEU A 1 21  ? 11.747  7.048   -22.239 1.00 52.23 ? 53  LEU A CD2 1 
ATOM   173  N N   . THR A 1 22  ? 11.862  10.103  -21.847 1.00 48.36 ? 54  THR A N   1 
ATOM   174  C CA  . THR A 1 22  ? 12.550  10.252  -20.568 1.00 47.50 ? 54  THR A CA  1 
ATOM   175  C C   . THR A 1 22  ? 11.860  11.329  -19.745 1.00 46.87 ? 54  THR A C   1 
ATOM   176  O O   . THR A 1 22  ? 11.901  11.307  -18.516 1.00 46.46 ? 54  THR A O   1 
ATOM   177  C CB  . THR A 1 22  ? 14.023  10.658  -20.751 1.00 47.84 ? 54  THR A CB  1 
ATOM   178  O OG1 . THR A 1 22  ? 14.714  9.646   -21.490 1.00 48.48 ? 54  THR A OG1 1 
ATOM   179  C CG2 . THR A 1 22  ? 14.697  10.831  -19.396 1.00 48.16 ? 54  THR A CG2 1 
ATOM   180  N N   . ALA A 1 23  ? 11.224  12.269  -20.438 1.00 45.35 ? 55  ALA A N   1 
ATOM   181  C CA  . ALA A 1 23  ? 10.529  13.363  -19.781 1.00 44.92 ? 55  ALA A CA  1 
ATOM   182  C C   . ALA A 1 23  ? 9.230   12.907  -19.128 1.00 43.96 ? 55  ALA A C   1 
ATOM   183  O O   . ALA A 1 23  ? 8.924   13.310  -18.010 1.00 43.63 ? 55  ALA A O   1 
ATOM   184  C CB  . ALA A 1 23  ? 10.241  14.478  -20.779 1.00 43.57 ? 55  ALA A CB  1 
ATOM   185  N N   . LYS A 1 24  ? 8.461   12.066  -19.808 1.00 43.71 ? 56  LYS A N   1 
ATOM   186  C CA  . LYS A 1 24  ? 7.211   11.631  -19.217 1.00 44.55 ? 56  LYS A CA  1 
ATOM   187  C C   . LYS A 1 24  ? 7.430   10.605  -18.111 1.00 44.03 ? 56  LYS A C   1 
ATOM   188  O O   . LYS A 1 24  ? 6.612   10.501  -17.196 1.00 44.71 ? 56  LYS A O   1 
ATOM   189  C CB  . LYS A 1 24  ? 6.246   11.110  -20.288 1.00 45.23 ? 56  LYS A CB  1 
ATOM   190  C CG  . LYS A 1 24  ? 6.274   9.631   -20.547 1.00 46.29 ? 56  LYS A CG  1 
ATOM   191  C CD  . LYS A 1 24  ? 5.155   9.279   -21.505 1.00 47.67 ? 56  LYS A CD  1 
ATOM   192  C CE  . LYS A 1 24  ? 5.182   7.812   -21.880 1.00 48.06 ? 56  LYS A CE  1 
ATOM   193  N NZ  . LYS A 1 24  ? 4.280   7.518   -23.020 1.00 48.19 ? 56  LYS A NZ  1 
ATOM   194  N N   . LYS A 1 25  ? 8.527   9.854   -18.177 1.00 42.32 ? 57  LYS A N   1 
ATOM   195  C CA  . LYS A 1 25  ? 8.811   8.890   -17.122 1.00 40.96 ? 57  LYS A CA  1 
ATOM   196  C C   . LYS A 1 25  ? 9.194   9.666   -15.870 1.00 39.78 ? 57  LYS A C   1 
ATOM   197  O O   . LYS A 1 25  ? 8.787   9.309   -14.764 1.00 39.48 ? 57  LYS A O   1 
ATOM   198  C CB  . LYS A 1 25  ? 9.944   7.935   -17.516 1.00 39.90 ? 57  LYS A CB  1 
ATOM   199  C CG  . LYS A 1 25  ? 9.504   6.843   -18.484 1.00 40.15 ? 57  LYS A CG  1 
ATOM   200  C CD  . LYS A 1 25  ? 10.604  5.818   -18.720 1.00 41.06 ? 57  LYS A CD  1 
ATOM   201  C CE  . LYS A 1 25  ? 10.098  4.662   -19.571 1.00 41.02 ? 57  LYS A CE  1 
ATOM   202  N NZ  . LYS A 1 25  ? 11.083  3.546   -19.659 1.00 43.23 ? 57  LYS A NZ  1 
ATOM   203  N N   . ALA A 1 26  ? 9.970   10.733  -16.043 1.00 38.36 ? 58  ALA A N   1 
ATOM   204  C CA  . ALA A 1 26  ? 10.380  11.558  -14.911 1.00 37.85 ? 58  ALA A CA  1 
ATOM   205  C C   . ALA A 1 26  ? 9.137   12.207  -14.295 1.00 37.96 ? 58  ALA A C   1 
ATOM   206  O O   . ALA A 1 26  ? 9.059   12.401  -13.079 1.00 37.66 ? 58  ALA A O   1 
ATOM   207  C CB  . ALA A 1 26  ? 11.358  12.631  -15.366 1.00 37.63 ? 58  ALA A CB  1 
ATOM   208  N N   . GLN A 1 27  ? 8.167   12.536  -15.145 1.00 37.65 ? 59  GLN A N   1 
ATOM   209  C CA  . GLN A 1 27  ? 6.931   13.156  -14.693 1.00 37.99 ? 59  GLN A CA  1 
ATOM   210  C C   . GLN A 1 27  ? 6.111   12.128  -13.928 1.00 37.45 ? 59  GLN A C   1 
ATOM   211  O O   . GLN A 1 27  ? 5.548   12.432  -12.878 1.00 37.67 ? 59  GLN A O   1 
ATOM   212  C CB  . GLN A 1 27  ? 6.113   13.671  -15.877 1.00 39.04 ? 59  GLN A CB  1 
ATOM   213  C CG  . GLN A 1 27  ? 4.947   14.568  -15.470 1.00 42.42 ? 59  GLN A CG  1 
ATOM   214  C CD  . GLN A 1 27  ? 4.125   15.047  -16.655 1.00 44.27 ? 59  GLN A CD  1 
ATOM   215  O OE1 . GLN A 1 27  ? 3.459   14.255  -17.324 1.00 45.55 ? 59  GLN A OE1 1 
ATOM   216  N NE2 . GLN A 1 27  ? 4.173   16.350  -16.922 1.00 44.09 ? 59  GLN A NE2 1 
ATOM   217  N N   . ALA A 1 28  ? 6.042   10.910  -14.463 1.00 35.50 ? 60  ALA A N   1 
ATOM   218  C CA  . ALA A 1 28  ? 5.294   9.843   -13.816 1.00 32.82 ? 60  ALA A CA  1 
ATOM   219  C C   . ALA A 1 28  ? 5.916   9.528   -12.462 1.00 31.69 ? 60  ALA A C   1 
ATOM   220  O O   . ALA A 1 28  ? 5.215   9.190   -11.506 1.00 30.17 ? 60  ALA A O   1 
ATOM   221  C CB  . ALA A 1 28  ? 5.290   8.596   -14.693 1.00 32.17 ? 60  ALA A CB  1 
ATOM   222  N N   . ARG A 1 29  ? 7.237   9.650   -12.387 1.00 32.12 ? 61  ARG A N   1 
ATOM   223  C CA  . ARG A 1 29  ? 7.975   9.375   -11.160 1.00 33.31 ? 61  ARG A CA  1 
ATOM   224  C C   . ARG A 1 29  ? 7.599   10.356  -10.053 1.00 33.54 ? 61  ARG A C   1 
ATOM   225  O O   . ARG A 1 29  ? 7.366   9.966   -8.910  1.00 32.46 ? 61  ARG A O   1 
ATOM   226  C CB  . ARG A 1 29  ? 9.476   9.478   -11.428 1.00 36.63 ? 61  ARG A CB  1 
ATOM   227  C CG  . ARG A 1 29  ? 10.301  8.317   -10.902 1.00 39.94 ? 61  ARG A CG  1 
ATOM   228  C CD  . ARG A 1 29  ? 11.110  7.722   -12.043 1.00 44.77 ? 61  ARG A CD  1 
ATOM   229  N NE  . ARG A 1 29  ? 11.642  6.396   -11.748 1.00 47.43 ? 61  ARG A NE  1 
ATOM   230  C CZ  . ARG A 1 29  ? 12.125  5.567   -12.670 1.00 49.58 ? 61  ARG A CZ  1 
ATOM   231  N NH1 . ARG A 1 29  ? 12.145  5.924   -13.951 1.00 49.06 ? 61  ARG A NH1 1 
ATOM   232  N NH2 . ARG A 1 29  ? 12.577  4.371   -12.312 1.00 50.95 ? 61  ARG A NH2 1 
ATOM   233  N N   . GLN A 1 30  ? 7.551   11.637  -10.403 1.00 32.79 ? 62  GLN A N   1 
ATOM   234  C CA  . GLN A 1 30  ? 7.224   12.677  -9.439  1.00 33.52 ? 62  GLN A CA  1 
ATOM   235  C C   . GLN A 1 30  ? 5.777   12.538  -8.962  1.00 30.38 ? 62  GLN A C   1 
ATOM   236  O O   . GLN A 1 30  ? 5.495   12.700  -7.780  1.00 30.06 ? 62  GLN A O   1 
ATOM   237  C CB  . GLN A 1 30  ? 7.464   14.066  -10.057 1.00 36.42 ? 62  GLN A CB  1 
ATOM   238  C CG  . GLN A 1 30  ? 6.553   14.407  -11.236 1.00 40.73 ? 62  GLN A CG  1 
ATOM   239  C CD  . GLN A 1 30  ? 7.026   15.624  -12.054 1.00 43.23 ? 62  GLN A CD  1 
ATOM   240  O OE1 . GLN A 1 30  ? 6.385   16.007  -13.039 1.00 43.55 ? 62  GLN A OE1 1 
ATOM   241  N NE2 . GLN A 1 30  ? 8.145   16.227  -11.647 1.00 43.51 ? 62  GLN A NE2 1 
ATOM   242  N N   . ALA A 1 31  ? 4.873   12.216  -9.883  1.00 27.55 ? 63  ALA A N   1 
ATOM   243  C CA  . ALA A 1 31  ? 3.458   12.054  -9.556  1.00 25.85 ? 63  ALA A CA  1 
ATOM   244  C C   . ALA A 1 31  ? 3.217   10.834  -8.671  1.00 25.75 ? 63  ALA A C   1 
ATOM   245  O O   . ALA A 1 31  ? 2.319   10.826  -7.826  1.00 23.36 ? 63  ALA A O   1 
ATOM   246  C CB  . ALA A 1 31  ? 2.637   11.919  -10.840 1.00 24.18 ? 63  ALA A CB  1 
ATOM   247  N N   . LEU A 1 32  ? 4.017   9.796   -8.888  1.00 24.21 ? 64  LEU A N   1 
ATOM   248  C CA  . LEU A 1 32  ? 3.890   8.553   -8.142  1.00 24.66 ? 64  LEU A CA  1 
ATOM   249  C C   . LEU A 1 32  ? 4.388   8.701   -6.705  1.00 24.51 ? 64  LEU A C   1 
ATOM   250  O O   . LEU A 1 32  ? 3.942   8.007   -5.797  1.00 24.91 ? 64  LEU A O   1 
ATOM   251  C CB  . LEU A 1 32  ? 4.683   7.467   -8.870  1.00 24.18 ? 64  LEU A CB  1 
ATOM   252  C CG  . LEU A 1 32  ? 4.604   6.030   -8.386  1.00 26.00 ? 64  LEU A CG  1 
ATOM   253  C CD1 . LEU A 1 32  ? 3.139   5.562   -8.404  1.00 23.88 ? 64  LEU A CD1 1 
ATOM   254  C CD2 . LEU A 1 32  ? 5.487   5.160   -9.300  1.00 26.23 ? 64  LEU A CD2 1 
ATOM   255  N N   . SER A 1 33  ? 5.309   9.631   -6.512  1.00 25.61 ? 65  SER A N   1 
ATOM   256  C CA  . SER A 1 33  ? 5.902   9.872   -5.211  1.00 27.36 ? 65  SER A CA  1 
ATOM   257  C C   . SER A 1 33  ? 4.942   9.773   -4.029  1.00 28.30 ? 65  SER A C   1 
ATOM   258  O O   . SER A 1 33  ? 5.161   8.978   -3.114  1.00 28.41 ? 65  SER A O   1 
ATOM   259  C CB  . SER A 1 33  ? 6.586   11.234  -5.212  1.00 28.15 ? 65  SER A CB  1 
ATOM   260  O OG  . SER A 1 33  ? 7.370   11.374  -4.050  1.00 31.59 ? 65  SER A OG  1 
ATOM   261  N N   . ILE A 1 34  ? 3.873   10.566  -4.054  1.00 28.18 ? 66  ILE A N   1 
ATOM   262  C CA  . ILE A 1 34  ? 2.901   10.581  -2.965  1.00 29.56 ? 66  ILE A CA  1 
ATOM   263  C C   . ILE A 1 34  ? 2.229   9.224   -2.690  1.00 30.06 ? 66  ILE A C   1 
ATOM   264  O O   . ILE A 1 34  ? 1.821   8.953   -1.563  1.00 30.80 ? 66  ILE A O   1 
ATOM   265  C CB  . ILE A 1 34  ? 1.805   11.644  -3.226  1.00 28.74 ? 66  ILE A CB  1 
ATOM   266  C CG1 . ILE A 1 34  ? 1.034   11.923  -1.937  1.00 30.38 ? 66  ILE A CG1 1 
ATOM   267  C CG2 . ILE A 1 34  ? 0.864   11.161  -4.310  1.00 27.68 ? 66  ILE A CG2 1 
ATOM   268  C CD1 . ILE A 1 34  ? -0.042  12.980  -2.076  1.00 32.70 ? 66  ILE A CD1 1 
ATOM   269  N N   . TYR A 1 35  ? 2.121   8.372   -3.707  1.00 29.82 ? 67  TYR A N   1 
ATOM   270  C CA  . TYR A 1 35  ? 1.497   7.058   -3.536  1.00 30.01 ? 67  TYR A CA  1 
ATOM   271  C C   . TYR A 1 35  ? 2.452   6.001   -2.976  1.00 31.22 ? 67  TYR A C   1 
ATOM   272  O O   . TYR A 1 35  ? 2.044   4.871   -2.720  1.00 30.03 ? 67  TYR A O   1 
ATOM   273  C CB  . TYR A 1 35  ? 0.931   6.542   -4.869  1.00 28.72 ? 67  TYR A CB  1 
ATOM   274  C CG  . TYR A 1 35  ? -0.134  7.425   -5.474  1.00 27.99 ? 67  TYR A CG  1 
ATOM   275  C CD1 . TYR A 1 35  ? 0.187   8.378   -6.438  1.00 27.00 ? 67  TYR A CD1 1 
ATOM   276  C CD2 . TYR A 1 35  ? -1.463  7.325   -5.059  1.00 28.23 ? 67  TYR A CD2 1 
ATOM   277  C CE1 . TYR A 1 35  ? -0.787  9.207   -6.973  1.00 28.09 ? 67  TYR A CE1 1 
ATOM   278  C CE2 . TYR A 1 35  ? -2.447  8.155   -5.585  1.00 26.47 ? 67  TYR A CE2 1 
ATOM   279  C CZ  . TYR A 1 35  ? -2.103  9.091   -6.539  1.00 27.28 ? 67  TYR A CZ  1 
ATOM   280  O OH  . TYR A 1 35  ? -3.066  9.920   -7.051  1.00 25.42 ? 67  TYR A OH  1 
ATOM   281  N N   . LEU A 1 36  ? 3.716   6.365   -2.785  1.00 32.60 ? 68  LEU A N   1 
ATOM   282  C CA  . LEU A 1 36  ? 4.711   5.425   -2.276  1.00 34.39 ? 68  LEU A CA  1 
ATOM   283  C C   . LEU A 1 36  ? 5.234   5.797   -0.887  1.00 35.26 ? 68  LEU A C   1 
ATOM   284  O O   . LEU A 1 36  ? 6.314   5.364   -0.481  1.00 35.10 ? 68  LEU A O   1 
ATOM   285  C CB  . LEU A 1 36  ? 5.875   5.331   -3.274  1.00 36.14 ? 68  LEU A CB  1 
ATOM   286  C CG  . LEU A 1 36  ? 5.678   4.491   -4.551  1.00 38.23 ? 68  LEU A CG  1 
ATOM   287  C CD1 . LEU A 1 36  ? 4.313   4.735   -5.167  1.00 39.08 ? 68  LEU A CD1 1 
ATOM   288  C CD2 . LEU A 1 36  ? 6.786   4.825   -5.540  1.00 38.53 ? 68  LEU A CD2 1 
ATOM   289  N N   . ASN A 1 37  ? 4.447   6.586   -0.162  1.00 36.05 ? 69  ASN A N   1 
ATOM   290  C CA  . ASN A 1 37  ? 4.797   7.056   1.177   1.00 36.82 ? 69  ASN A CA  1 
ATOM   291  C C   . ASN A 1 37  ? 4.603   5.999   2.270   1.00 35.51 ? 69  ASN A C   1 
ATOM   292  O O   . ASN A 1 37  ? 5.085   6.148   3.393   1.00 35.06 ? 69  ASN A O   1 
ATOM   293  C CB  . ASN A 1 37  ? 3.957   8.292   1.510   1.00 41.82 ? 69  ASN A CB  1 
ATOM   294  C CG  . ASN A 1 37  ? 4.388   8.968   2.804   1.00 47.05 ? 69  ASN A CG  1 
ATOM   295  O OD1 . ASN A 1 37  ? 3.715   9.881   3.292   1.00 50.06 ? 69  ASN A OD1 1 
ATOM   296  N ND2 . ASN A 1 37  ? 5.518   8.531   3.361   1.00 48.89 ? 69  ASN A ND2 1 
ATOM   297  N N   . LEU A 1 38  ? 3.883   4.936   1.945   1.00 32.00 ? 70  LEU A N   1 
ATOM   298  C CA  . LEU A 1 38  ? 3.637   3.871   2.902   1.00 30.66 ? 70  LEU A CA  1 
ATOM   299  C C   . LEU A 1 38  ? 4.290   2.613   2.340   1.00 28.71 ? 70  LEU A C   1 
ATOM   300  O O   . LEU A 1 38  ? 4.563   2.542   1.146   1.00 28.66 ? 70  LEU A O   1 
ATOM   301  C CB  . LEU A 1 38  ? 2.122   3.667   3.050   1.00 30.25 ? 70  LEU A CB  1 
ATOM   302  C CG  . LEU A 1 38  ? 1.388   3.829   4.387   1.00 32.45 ? 70  LEU A CG  1 
ATOM   303  C CD1 . LEU A 1 38  ? 1.999   4.911   5.275   1.00 29.06 ? 70  LEU A CD1 1 
ATOM   304  C CD2 . LEU A 1 38  ? -0.066  4.129   4.072   1.00 31.64 ? 70  LEU A CD2 1 
ATOM   305  N N   . PRO A 1 39  ? 4.578   1.616   3.195   1.00 26.57 ? 71  PRO A N   1 
ATOM   306  C CA  . PRO A 1 39  ? 5.194   0.378   2.707   1.00 24.93 ? 71  PRO A CA  1 
ATOM   307  C C   . PRO A 1 39  ? 4.155   -0.343  1.871   1.00 23.84 ? 71  PRO A C   1 
ATOM   308  O O   . PRO A 1 39  ? 2.976   0.002   1.937   1.00 21.90 ? 71  PRO A O   1 
ATOM   309  C CB  . PRO A 1 39  ? 5.512   -0.382  3.994   1.00 26.29 ? 71  PRO A CB  1 
ATOM   310  C CG  . PRO A 1 39  ? 4.399   0.052   4.914   1.00 25.31 ? 71  PRO A CG  1 
ATOM   311  C CD  . PRO A 1 39  ? 4.325   1.544   4.646   1.00 25.38 ? 71  PRO A CD  1 
ATOM   312  N N   . THR A 1 40  ? 4.577   -1.327  1.078   1.00 23.12 ? 72  THR A N   1 
ATOM   313  C CA  . THR A 1 40  ? 3.644   -2.092  0.257   1.00 22.10 ? 72  THR A CA  1 
ATOM   314  C C   . THR A 1 40  ? 2.905   -3.057  1.192   1.00 23.06 ? 72  THR A C   1 
ATOM   315  O O   . THR A 1 40  ? 3.357   -3.299  2.310   1.00 22.49 ? 72  THR A O   1 
ATOM   316  C CB  . THR A 1 40  ? 4.378   -2.948  -0.793  1.00 23.69 ? 72  THR A CB  1 
ATOM   317  O OG1 . THR A 1 40  ? 5.124   -3.973  -0.126  1.00 24.22 ? 72  THR A OG1 1 
ATOM   318  C CG2 . THR A 1 40  ? 5.338   -2.089  -1.626  1.00 22.91 ? 72  THR A CG2 1 
ATOM   319  N N   . LEU A 1 41  ? 1.784   -3.613  0.751   1.00 20.80 ? 73  LEU A N   1 
ATOM   320  C CA  . LEU A 1 41  ? 1.064   -4.555  1.603   1.00 21.51 ? 73  LEU A CA  1 
ATOM   321  C C   . LEU A 1 41  ? 1.944   -5.764  1.937   1.00 21.92 ? 73  LEU A C   1 
ATOM   322  O O   . LEU A 1 41  ? 1.969   -6.204  3.080   1.00 21.05 ? 73  LEU A O   1 
ATOM   323  C CB  . LEU A 1 41  ? -0.226  -5.036  0.935   1.00 19.59 ? 73  LEU A CB  1 
ATOM   324  C CG  . LEU A 1 41  ? -1.084  -6.018  1.740   1.00 20.61 ? 73  LEU A CG  1 
ATOM   325  C CD1 . LEU A 1 41  ? -1.580  -5.350  3.033   1.00 16.61 ? 73  LEU A CD1 1 
ATOM   326  C CD2 . LEU A 1 41  ? -2.265  -6.478  0.894   1.00 19.24 ? 73  LEU A CD2 1 
ATOM   327  N N   . ASP A 1 42  ? 2.666   -6.303  0.951   1.00 23.22 ? 74  ASP A N   1 
ATOM   328  C CA  . ASP A 1 42  ? 3.525   -7.456  1.225   1.00 25.12 ? 74  ASP A CA  1 
ATOM   329  C C   . ASP A 1 42  ? 4.569   -7.100  2.275   1.00 22.26 ? 74  ASP A C   1 
ATOM   330  O O   . ASP A 1 42  ? 4.872   -7.899  3.144   1.00 21.58 ? 74  ASP A O   1 
ATOM   331  C CB  . ASP A 1 42  ? 4.256   -7.955  -0.029  1.00 29.35 ? 74  ASP A CB  1 
ATOM   332  C CG  . ASP A 1 42  ? 5.065   -9.237  0.243   1.00 34.08 ? 74  ASP A CG  1 
ATOM   333  O OD1 . ASP A 1 42  ? 4.443   -10.313 0.414   1.00 35.89 ? 74  ASP A OD1 1 
ATOM   334  O OD2 . ASP A 1 42  ? 6.317   -9.169  0.308   1.00 35.44 ? 74  ASP A OD2 1 
ATOM   335  N N   . GLU A 1 43  ? 5.113   -5.892  2.192   1.00 21.66 ? 75  GLU A N   1 
ATOM   336  C CA  . GLU A 1 43  ? 6.122   -5.465  3.143   1.00 21.91 ? 75  GLU A CA  1 
ATOM   337  C C   . GLU A 1 43  ? 5.510   -5.328  4.533   1.00 19.92 ? 75  GLU A C   1 
ATOM   338  O O   . GLU A 1 43  ? 6.119   -5.717  5.525   1.00 16.75 ? 75  GLU A O   1 
ATOM   339  C CB  . GLU A 1 43  ? 6.733   -4.130  2.704   1.00 25.44 ? 75  GLU A CB  1 
ATOM   340  C CG  . GLU A 1 43  ? 7.601   -4.250  1.464   1.00 31.07 ? 75  GLU A CG  1 
ATOM   341  C CD  . GLU A 1 43  ? 8.082   -2.911  0.941   1.00 33.56 ? 75  GLU A CD  1 
ATOM   342  O OE1 . GLU A 1 43  ? 8.855   -2.915  -0.041  1.00 37.07 ? 75  GLU A OE1 1 
ATOM   343  O OE2 . GLU A 1 43  ? 7.692   -1.859  1.499   1.00 33.94 ? 75  GLU A OE2 1 
ATOM   344  N N   . ALA A 1 44  ? 4.299   -4.777  4.589   1.00 18.19 ? 76  ALA A N   1 
ATOM   345  C CA  . ALA A 1 44  ? 3.600   -4.581  5.859   1.00 17.01 ? 76  ALA A CA  1 
ATOM   346  C C   . ALA A 1 44  ? 3.306   -5.928  6.515   1.00 15.12 ? 76  ALA A C   1 
ATOM   347  O O   . ALA A 1 44  ? 3.548   -6.123  7.711   1.00 15.07 ? 76  ALA A O   1 
ATOM   348  C CB  . ALA A 1 44  ? 2.305   -3.802  5.623   1.00 15.59 ? 76  ALA A CB  1 
ATOM   349  N N   . VAL A 1 45  ? 2.799   -6.871  5.738   1.00 14.87 ? 77  VAL A N   1 
ATOM   350  C CA  . VAL A 1 45  ? 2.492   -8.184  6.280   1.00 16.15 ? 77  VAL A CA  1 
ATOM   351  C C   . VAL A 1 45  ? 3.763   -8.838  6.820   1.00 19.41 ? 77  VAL A C   1 
ATOM   352  O O   . VAL A 1 45  ? 3.763   -9.454  7.894   1.00 17.57 ? 77  VAL A O   1 
ATOM   353  C CB  . VAL A 1 45  ? 1.859   -9.082  5.203   1.00 17.61 ? 77  VAL A CB  1 
ATOM   354  C CG1 . VAL A 1 45  ? 1.674   -10.497 5.730   1.00 16.34 ? 77  VAL A CG1 1 
ATOM   355  C CG2 . VAL A 1 45  ? 0.530   -8.483  4.763   1.00 16.08 ? 77  VAL A CG2 1 
ATOM   356  N N   . ASN A 1 46  ? 4.855   -8.706  6.073   1.00 19.99 ? 78  ASN A N   1 
ATOM   357  C CA  . ASN A 1 46  ? 6.108   -9.297  6.508   1.00 23.03 ? 78  ASN A CA  1 
ATOM   358  C C   . ASN A 1 46  ? 6.718   -8.603  7.718   1.00 22.79 ? 78  ASN A C   1 
ATOM   359  O O   . ASN A 1 46  ? 7.608   -9.143  8.364   1.00 23.68 ? 78  ASN A O   1 
ATOM   360  C CB  . ASN A 1 46  ? 7.091   -9.337  5.339   1.00 27.01 ? 78  ASN A CB  1 
ATOM   361  C CG  . ASN A 1 46  ? 6.745   -10.438 4.352   1.00 32.74 ? 78  ASN A CG  1 
ATOM   362  O OD1 . ASN A 1 46  ? 6.602   -11.603 4.739   1.00 36.02 ? 78  ASN A OD1 1 
ATOM   363  N ND2 . ASN A 1 46  ? 6.595   -10.082 3.082   1.00 35.25 ? 78  ASN A ND2 1 
ATOM   364  N N   . THR A 1 47  ? 6.224   -7.415  8.035   1.00 21.85 ? 79  THR A N   1 
ATOM   365  C CA  . THR A 1 47  ? 6.714   -6.669  9.181   1.00 22.32 ? 79  THR A CA  1 
ATOM   366  C C   . THR A 1 47  ? 6.040   -7.157  10.459  1.00 21.54 ? 79  THR A C   1 
ATOM   367  O O   . THR A 1 47  ? 6.673   -7.261  11.519  1.00 20.66 ? 79  THR A O   1 
ATOM   368  C CB  . THR A 1 47  ? 6.423   -5.157  9.011   1.00 23.58 ? 79  THR A CB  1 
ATOM   369  O OG1 . THR A 1 47  ? 7.173   -4.654  7.898   1.00 23.84 ? 79  THR A OG1 1 
ATOM   370  C CG2 . THR A 1 47  ? 6.791   -4.387  10.267  1.00 22.91 ? 79  THR A CG2 1 
ATOM   371  N N   . LEU A 1 48  ? 4.755   -7.482  10.348  1.00 17.95 ? 80  LEU A N   1 
ATOM   372  C CA  . LEU A 1 48  ? 3.980   -7.915  11.503  1.00 16.43 ? 80  LEU A CA  1 
ATOM   373  C C   . LEU A 1 48  ? 3.815   -9.422  11.694  1.00 14.65 ? 80  LEU A C   1 
ATOM   374  O O   . LEU A 1 48  ? 3.888   -9.915  12.815  1.00 12.92 ? 80  LEU A O   1 
ATOM   375  C CB  . LEU A 1 48  ? 2.600   -7.251  11.435  1.00 17.93 ? 80  LEU A CB  1 
ATOM   376  C CG  . LEU A 1 48  ? 2.669   -5.737  11.160  1.00 19.94 ? 80  LEU A CG  1 
ATOM   377  C CD1 . LEU A 1 48  ? 1.299   -5.108  11.310  1.00 20.82 ? 80  LEU A CD1 1 
ATOM   378  C CD2 . LEU A 1 48  ? 3.640   -5.083  12.137  1.00 21.25 ? 80  LEU A CD2 1 
ATOM   379  N N   . LYS A 1 49  ? 3.610   -10.154 10.606  1.00 12.35 ? 81  LYS A N   1 
ATOM   380  C CA  . LYS A 1 49  ? 3.374   -11.595 10.699  1.00 13.44 ? 81  LYS A CA  1 
ATOM   381  C C   . LYS A 1 49  ? 4.353   -12.443 11.523  1.00 12.48 ? 81  LYS A C   1 
ATOM   382  O O   . LYS A 1 49  ? 3.926   -13.342 12.241  1.00 13.61 ? 81  LYS A O   1 
ATOM   383  C CB  . LYS A 1 49  ? 3.232   -12.197 9.290   1.00 13.03 ? 81  LYS A CB  1 
ATOM   384  C CG  . LYS A 1 49  ? 2.758   -13.640 9.299   1.00 17.39 ? 81  LYS A CG  1 
ATOM   385  C CD  . LYS A 1 49  ? 2.382   -14.104 7.908   1.00 19.73 ? 81  LYS A CD  1 
ATOM   386  C CE  . LYS A 1 49  ? 1.850   -15.526 7.947   1.00 22.71 ? 81  LYS A CE  1 
ATOM   387  N NZ  . LYS A 1 49  ? 1.853   -16.133 6.594   1.00 26.34 ? 81  LYS A NZ  1 
ATOM   388  N N   . PRO A 1 50  ? 5.670   -12.190 11.423  1.00 13.82 ? 82  PRO A N   1 
ATOM   389  C CA  . PRO A 1 50  ? 6.630   -12.988 12.205  1.00 14.27 ? 82  PRO A CA  1 
ATOM   390  C C   . PRO A 1 50  ? 6.392   -12.910 13.709  1.00 14.25 ? 82  PRO A C   1 
ATOM   391  O O   . PRO A 1 50  ? 6.558   -13.899 14.435  1.00 13.23 ? 82  PRO A O   1 
ATOM   392  C CB  . PRO A 1 50  ? 7.978   -12.369 11.866  1.00 15.25 ? 82  PRO A CB  1 
ATOM   393  C CG  . PRO A 1 50  ? 7.753   -11.711 10.544  1.00 17.60 ? 82  PRO A CG  1 
ATOM   394  C CD  . PRO A 1 50  ? 6.364   -11.140 10.657  1.00 14.40 ? 82  PRO A CD  1 
ATOM   395  N N   . TRP A 1 51  ? 6.017   -11.717 14.175  1.00 12.91 ? 83  TRP A N   1 
ATOM   396  C CA  . TRP A 1 51  ? 5.801   -11.484 15.605  1.00 12.40 ? 83  TRP A CA  1 
ATOM   397  C C   . TRP A 1 51  ? 4.395   -11.776 16.105  1.00 11.18 ? 83  TRP A C   1 
ATOM   398  O O   . TRP A 1 51  ? 4.226   -12.187 17.246  1.00 10.21 ? 83  TRP A O   1 
ATOM   399  C CB  . TRP A 1 51  ? 6.175   -10.036 15.955  1.00 11.71 ? 83  TRP A CB  1 
ATOM   400  C CG  . TRP A 1 51  ? 7.458   -9.623  15.304  1.00 14.96 ? 83  TRP A CG  1 
ATOM   401  C CD1 . TRP A 1 51  ? 7.617   -8.694  14.314  1.00 13.76 ? 83  TRP A CD1 1 
ATOM   402  C CD2 . TRP A 1 51  ? 8.756   -10.188 15.534  1.00 15.33 ? 83  TRP A CD2 1 
ATOM   403  N NE1 . TRP A 1 51  ? 8.934   -8.654  13.910  1.00 16.75 ? 83  TRP A NE1 1 
ATOM   404  C CE2 . TRP A 1 51  ? 9.655   -9.565  14.643  1.00 17.31 ? 83  TRP A CE2 1 
ATOM   405  C CE3 . TRP A 1 51  ? 9.245   -11.168 16.405  1.00 16.07 ? 83  TRP A CE3 1 
ATOM   406  C CZ2 . TRP A 1 51  ? 11.020  -9.881  14.596  1.00 19.54 ? 83  TRP A CZ2 1 
ATOM   407  C CZ3 . TRP A 1 51  ? 10.608  -11.488 16.364  1.00 19.49 ? 83  TRP A CZ3 1 
ATOM   408  C CH2 . TRP A 1 51  ? 11.476  -10.844 15.461  1.00 19.01 ? 83  TRP A CH2 1 
ATOM   409  N N   . TRP A 1 52  ? 3.391   -11.535 15.266  1.00 11.08 ? 84  TRP A N   1 
ATOM   410  C CA  . TRP A 1 52  ? 2.001   -11.771 15.645  1.00 10.31 ? 84  TRP A CA  1 
ATOM   411  C C   . TRP A 1 52  ? 1.293   -12.569 14.548  1.00 11.20 ? 84  TRP A C   1 
ATOM   412  O O   . TRP A 1 52  ? 0.414   -12.056 13.855  1.00 12.14 ? 84  TRP A O   1 
ATOM   413  C CB  . TRP A 1 52  ? 1.322   -10.419 15.888  1.00 9.55  ? 84  TRP A CB  1 
ATOM   414  C CG  . TRP A 1 52  ? 2.095   -9.602  16.908  1.00 11.52 ? 84  TRP A CG  1 
ATOM   415  C CD1 . TRP A 1 52  ? 2.178   -9.845  18.260  1.00 12.84 ? 84  TRP A CD1 1 
ATOM   416  C CD2 . TRP A 1 52  ? 2.958   -8.490  16.652  1.00 10.07 ? 84  TRP A CD2 1 
ATOM   417  N NE1 . TRP A 1 52  ? 3.047   -8.951  18.854  1.00 9.97  ? 84  TRP A NE1 1 
ATOM   418  C CE2 . TRP A 1 52  ? 3.543   -8.109  17.884  1.00 10.34 ? 84  TRP A CE2 1 
ATOM   419  C CE3 . TRP A 1 52  ? 3.312   -7.775  15.495  1.00 11.03 ? 84  TRP A CE3 1 
ATOM   420  C CZ2 . TRP A 1 52  ? 4.444   -7.049  18.003  1.00 10.17 ? 84  TRP A CZ2 1 
ATOM   421  C CZ3 . TRP A 1 52  ? 4.216   -6.714  15.610  1.00 14.16 ? 84  TRP A CZ3 1 
ATOM   422  C CH2 . TRP A 1 52  ? 4.773   -6.368  16.864  1.00 11.35 ? 84  TRP A CH2 1 
ATOM   423  N N   . PRO A 1 53  ? 1.679   -13.849 14.374  1.00 11.74 ? 85  PRO A N   1 
ATOM   424  C CA  . PRO A 1 53  ? 1.059   -14.685 13.335  1.00 12.24 ? 85  PRO A CA  1 
ATOM   425  C C   . PRO A 1 53  ? -0.445  -14.855 13.486  1.00 14.49 ? 85  PRO A C   1 
ATOM   426  O O   . PRO A 1 53  ? -1.140  -15.111 12.503  1.00 14.34 ? 85  PRO A O   1 
ATOM   427  C CB  . PRO A 1 53  ? 1.823   -16.010 13.439  1.00 13.82 ? 85  PRO A CB  1 
ATOM   428  C CG  . PRO A 1 53  ? 2.279   -16.045 14.885  1.00 14.71 ? 85  PRO A CG  1 
ATOM   429  C CD  . PRO A 1 53  ? 2.678   -14.606 15.152  1.00 12.64 ? 85  PRO A CD  1 
ATOM   430  N N   . GLY A 1 54  ? -0.950  -14.698 14.710  1.00 14.48 ? 86  GLY A N   1 
ATOM   431  C CA  . GLY A 1 54  ? -2.386  -14.830 14.940  1.00 14.93 ? 86  GLY A CA  1 
ATOM   432  C C   . GLY A 1 54  ? -3.189  -13.768 14.211  1.00 15.70 ? 86  GLY A C   1 
ATOM   433  O O   . GLY A 1 54  ? -4.393  -13.916 13.978  1.00 15.01 ? 86  GLY A O   1 
ATOM   434  N N   . LEU A 1 55  ? -2.523  -12.679 13.843  1.00 13.51 ? 87  LEU A N   1 
ATOM   435  C CA  . LEU A 1 55  ? -3.214  -11.608 13.141  1.00 13.28 ? 87  LEU A CA  1 
ATOM   436  C C   . LEU A 1 55  ? -3.356  -11.891 11.652  1.00 13.66 ? 87  LEU A C   1 
ATOM   437  O O   . LEU A 1 55  ? -3.910  -11.072 10.922  1.00 12.35 ? 87  LEU A O   1 
ATOM   438  C CB  . LEU A 1 55  ? -2.496  -10.265 13.342  1.00 13.93 ? 87  LEU A CB  1 
ATOM   439  C CG  . LEU A 1 55  ? -2.471  -9.749  14.789  1.00 15.56 ? 87  LEU A CG  1 
ATOM   440  C CD1 . LEU A 1 55  ? -1.817  -8.371  14.828  1.00 14.55 ? 87  LEU A CD1 1 
ATOM   441  C CD2 . LEU A 1 55  ? -3.908  -9.698  15.355  1.00 13.08 ? 87  LEU A CD2 1 
ATOM   442  N N   . PHE A 1 56  ? -2.867  -13.047 11.206  1.00 14.46 ? 88  PHE A N   1 
ATOM   443  C CA  . PHE A 1 56  ? -2.946  -13.378 9.787   1.00 15.59 ? 88  PHE A CA  1 
ATOM   444  C C   . PHE A 1 56  ? -3.432  -14.778 9.490   1.00 16.57 ? 88  PHE A C   1 
ATOM   445  O O   . PHE A 1 56  ? -3.101  -15.738 10.191  1.00 15.43 ? 88  PHE A O   1 
ATOM   446  C CB  . PHE A 1 56  ? -1.578  -13.195 9.096   1.00 15.03 ? 88  PHE A CB  1 
ATOM   447  C CG  . PHE A 1 56  ? -0.998  -11.838 9.301   1.00 14.20 ? 88  PHE A CG  1 
ATOM   448  C CD1 . PHE A 1 56  ? -0.357  -11.520 10.493  1.00 12.40 ? 88  PHE A CD1 1 
ATOM   449  C CD2 . PHE A 1 56  ? -1.151  -10.847 8.333   1.00 12.67 ? 88  PHE A CD2 1 
ATOM   450  C CE1 . PHE A 1 56  ? 0.070   -10.219 10.747  1.00 11.66 ? 88  PHE A CE1 1 
ATOM   451  C CE2 . PHE A 1 56  ? -0.726  -9.540  8.577   1.00 13.55 ? 88  PHE A CE2 1 
ATOM   452  C CZ  . PHE A 1 56  ? -0.095  -9.234  9.787   1.00 14.07 ? 88  PHE A CZ  1 
ATOM   453  N N   . ASP A 1 57  ? -4.229  -14.868 8.428   1.00 20.63 ? 89  ASP A N   1 
ATOM   454  C CA  . ASP A 1 57  ? -4.754  -16.139 7.938   1.00 23.14 ? 89  ASP A CA  1 
ATOM   455  C C   . ASP A 1 57  ? -3.916  -16.338 6.679   1.00 24.71 ? 89  ASP A C   1 
ATOM   456  O O   . ASP A 1 57  ? -4.250  -15.807 5.617   1.00 23.49 ? 89  ASP A O   1 
ATOM   457  C CB  . ASP A 1 57  ? -6.233  -16.004 7.579   1.00 26.05 ? 89  ASP A CB  1 
ATOM   458  C CG  . ASP A 1 57  ? -6.841  -17.315 7.128   1.00 29.43 ? 89  ASP A CG  1 
ATOM   459  O OD1 . ASP A 1 57  ? -6.161  -18.355 7.262   1.00 32.76 ? 89  ASP A OD1 1 
ATOM   460  O OD2 . ASP A 1 57  ? -7.997  -17.307 6.649   1.00 32.27 ? 89  ASP A OD2 1 
ATOM   461  N N   . GLY A 1 58  ? -2.815  -17.079 6.801   1.00 24.18 ? 90  GLY A N   1 
ATOM   462  C CA  . GLY A 1 58  ? -1.942  -17.250 5.654   1.00 24.04 ? 90  GLY A CA  1 
ATOM   463  C C   . GLY A 1 58  ? -1.303  -15.885 5.462   1.00 25.93 ? 90  GLY A C   1 
ATOM   464  O O   . GLY A 1 58  ? -0.756  -15.323 6.417   1.00 25.34 ? 90  GLY A O   1 
ATOM   465  N N   . ASP A 1 59  ? -1.360  -15.332 4.256   1.00 24.76 ? 91  ASP A N   1 
ATOM   466  C CA  . ASP A 1 59  ? -0.799  -14.007 4.034   1.00 25.15 ? 91  ASP A CA  1 
ATOM   467  C C   . ASP A 1 59  ? -1.872  -12.928 4.183   1.00 22.73 ? 91  ASP A C   1 
ATOM   468  O O   . ASP A 1 59  ? -1.581  -11.742 4.058   1.00 19.75 ? 91  ASP A O   1 
ATOM   469  C CB  . ASP A 1 59  ? -0.173  -13.892 2.638   1.00 32.53 ? 91  ASP A CB  1 
ATOM   470  C CG  . ASP A 1 59  ? 1.300   -14.274 2.623   1.00 38.95 ? 91  ASP A CG  1 
ATOM   471  O OD1 . ASP A 1 59  ? 2.140   -13.429 2.238   1.00 44.06 ? 91  ASP A OD1 1 
ATOM   472  O OD2 . ASP A 1 59  ? 1.613   -15.419 3.000   1.00 42.82 ? 91  ASP A OD2 1 
ATOM   473  N N   . THR A 1 60  ? -3.102  -13.338 4.470   1.00 18.94 ? 92  THR A N   1 
ATOM   474  C CA  . THR A 1 60  ? -4.201  -12.381 4.596   1.00 17.99 ? 92  THR A CA  1 
ATOM   475  C C   . THR A 1 60  ? -4.385  -11.784 5.989   1.00 15.71 ? 92  THR A C   1 
ATOM   476  O O   . THR A 1 60  ? -4.574  -12.504 6.971   1.00 16.18 ? 92  THR A O   1 
ATOM   477  C CB  . THR A 1 60  ? -5.537  -13.029 4.156   1.00 20.71 ? 92  THR A CB  1 
ATOM   478  O OG1 . THR A 1 60  ? -5.381  -13.574 2.844   1.00 19.39 ? 92  THR A OG1 1 
ATOM   479  C CG2 . THR A 1 60  ? -6.675  -11.986 4.139   1.00 18.38 ? 92  THR A CG2 1 
ATOM   480  N N   . PRO A 1 61  ? -4.339  -10.444 6.088   1.00 15.41 ? 93  PRO A N   1 
ATOM   481  C CA  . PRO A 1 61  ? -4.514  -9.794  7.388   1.00 15.46 ? 93  PRO A CA  1 
ATOM   482  C C   . PRO A 1 61  ? -5.952  -9.940  7.889   1.00 15.56 ? 93  PRO A C   1 
ATOM   483  O O   . PRO A 1 61  ? -6.904  -9.742  7.121   1.00 13.94 ? 93  PRO A O   1 
ATOM   484  C CB  . PRO A 1 61  ? -4.191  -8.322  7.096   1.00 14.53 ? 93  PRO A CB  1 
ATOM   485  C CG  . PRO A 1 61  ? -3.326  -8.376  5.878   1.00 16.27 ? 93  PRO A CG  1 
ATOM   486  C CD  . PRO A 1 61  ? -3.989  -9.454  5.057   1.00 15.60 ? 93  PRO A CD  1 
ATOM   487  N N   . ARG A 1 62  ? -6.099  -10.294 9.165   1.00 13.32 ? 94  ARG A N   1 
ATOM   488  C CA  . ARG A 1 62  ? -7.421  -10.392 9.781   1.00 13.30 ? 94  ARG A CA  1 
ATOM   489  C C   . ARG A 1 62  ? -7.778  -8.975  10.229  1.00 11.65 ? 94  ARG A C   1 
ATOM   490  O O   . ARG A 1 62  ? -6.885  -8.147  10.423  1.00 8.23  ? 94  ARG A O   1 
ATOM   491  C CB  . ARG A 1 62  ? -7.392  -11.258 11.048  1.00 12.21 ? 94  ARG A CB  1 
ATOM   492  C CG  . ARG A 1 62  ? -6.963  -12.695 10.846  1.00 15.61 ? 94  ARG A CG  1 
ATOM   493  C CD  . ARG A 1 62  ? -7.049  -13.466 12.143  1.00 15.37 ? 94  ARG A CD  1 
ATOM   494  N NE  . ARG A 1 62  ? -6.481  -14.798 11.980  1.00 21.93 ? 94  ARG A NE  1 
ATOM   495  C CZ  . ARG A 1 62  ? -7.115  -15.810 11.404  1.00 23.56 ? 94  ARG A CZ  1 
ATOM   496  N NH1 . ARG A 1 62  ? -6.514  -16.987 11.288  1.00 26.36 ? 94  ARG A NH1 1 
ATOM   497  N NH2 . ARG A 1 62  ? -8.353  -15.649 10.963  1.00 23.39 ? 94  ARG A NH2 1 
ATOM   498  N N   . LEU A 1 63  ? -9.072  -8.701  10.401  1.00 9.06  ? 95  LEU A N   1 
ATOM   499  C CA  . LEU A 1 63  ? -9.504  -7.403  10.907  1.00 9.49  ? 95  LEU A CA  1 
ATOM   500  C C   . LEU A 1 63  ? -8.873  -7.275  12.311  1.00 8.64  ? 95  LEU A C   1 
ATOM   501  O O   . LEU A 1 63  ? -8.889  -8.235  13.109  1.00 10.55 ? 95  LEU A O   1 
ATOM   502  C CB  . LEU A 1 63  ? -11.041 -7.339  10.975  1.00 7.03  ? 95  LEU A CB  1 
ATOM   503  C CG  . LEU A 1 63  ? -11.724 -7.390  9.601   1.00 8.79  ? 95  LEU A CG  1 
ATOM   504  C CD1 . LEU A 1 63  ? -13.241 -7.240  9.775   1.00 10.18 ? 95  LEU A CD1 1 
ATOM   505  C CD2 . LEU A 1 63  ? -11.174 -6.250  8.706   1.00 10.70 ? 95  LEU A CD2 1 
ATOM   506  N N   . LEU A 1 64  ? -8.345  -6.096  12.618  1.00 9.06  ? 96  LEU A N   1 
ATOM   507  C CA  . LEU A 1 64  ? -7.614  -5.877  13.872  1.00 9.46  ? 96  LEU A CA  1 
ATOM   508  C C   . LEU A 1 64  ? -8.397  -5.350  15.061  1.00 8.84  ? 96  LEU A C   1 
ATOM   509  O O   . LEU A 1 64  ? -9.171  -4.418  14.919  1.00 8.62  ? 96  LEU A O   1 
ATOM   510  C CB  . LEU A 1 64  ? -6.440  -4.922  13.596  1.00 10.38 ? 96  LEU A CB  1 
ATOM   511  C CG  . LEU A 1 64  ? -5.446  -5.396  12.531  1.00 10.13 ? 96  LEU A CG  1 
ATOM   512  C CD1 . LEU A 1 64  ? -4.571  -4.238  12.089  1.00 12.06 ? 96  LEU A CD1 1 
ATOM   513  C CD2 . LEU A 1 64  ? -4.601  -6.543  13.087  1.00 11.53 ? 96  LEU A CD2 1 
ATOM   514  N N   . ALA A 1 65  ? -8.180  -5.948  16.234  1.00 8.78  ? 97  ALA A N   1 
ATOM   515  C CA  . ALA A 1 65  ? -8.858  -5.493  17.454  1.00 11.78 ? 97  ALA A CA  1 
ATOM   516  C C   . ALA A 1 65  ? -8.639  -3.994  17.635  1.00 11.97 ? 97  ALA A C   1 
ATOM   517  O O   . ALA A 1 65  ? -7.561  -3.465  17.334  1.00 12.64 ? 97  ALA A O   1 
ATOM   518  C CB  . ALA A 1 65  ? -8.316  -6.236  18.688  1.00 8.46  ? 97  ALA A CB  1 
ATOM   519  N N   . CYS A 1 66  ? -9.663  -3.299  18.099  1.00 10.72 ? 98  CYS A N   1 
ATOM   520  C CA  . CYS A 1 66  ? -9.518  -1.865  18.341  1.00 13.32 ? 98  CYS A CA  1 
ATOM   521  C C   . CYS A 1 66  ? -8.427  -1.679  19.412  1.00 14.38 ? 98  CYS A C   1 
ATOM   522  O O   . CYS A 1 66  ? -8.359  -2.465  20.368  1.00 15.72 ? 98  CYS A O   1 
ATOM   523  C CB  . CYS A 1 66  ? -10.840 -1.291  18.853  1.00 14.59 ? 98  CYS A CB  1 
ATOM   524  S SG  . CYS A 1 66  ? -12.185 -1.309  17.607  1.00 15.38 ? 98  CYS A SG  1 
ATOM   525  N N   . GLY A 1 67  ? -7.590  -0.653  19.236  1.00 14.75 ? 99  GLY A N   1 
ATOM   526  C CA  . GLY A 1 67  ? -6.525  -0.343  20.182  1.00 15.42 ? 99  GLY A CA  1 
ATOM   527  C C   . GLY A 1 67  ? -5.377  -1.334  20.252  1.00 16.34 ? 99  GLY A C   1 
ATOM   528  O O   . GLY A 1 67  ? -4.529  -1.261  21.154  1.00 16.11 ? 99  GLY A O   1 
ATOM   529  N N   . ILE A 1 68  ? -5.333  -2.265  19.306  1.00 12.95 ? 100 ILE A N   1 
ATOM   530  C CA  . ILE A 1 68  ? -4.284  -3.272  19.308  1.00 12.76 ? 100 ILE A CA  1 
ATOM   531  C C   . ILE A 1 68  ? -2.846  -2.729  19.216  1.00 13.75 ? 100 ILE A C   1 
ATOM   532  O O   . ILE A 1 68  ? -1.916  -3.360  19.714  1.00 14.05 ? 100 ILE A O   1 
ATOM   533  C CB  . ILE A 1 68  ? -4.495  -4.280  18.171  1.00 12.05 ? 100 ILE A CB  1 
ATOM   534  C CG1 . ILE A 1 68  ? -3.751  -5.582  18.501  1.00 12.84 ? 100 ILE A CG1 1 
ATOM   535  C CG2 . ILE A 1 68  ? -4.095  -3.650  16.840  1.00 10.39 ? 100 ILE A CG2 1 
ATOM   536  C CD1 . ILE A 1 68  ? -3.961  -6.664  17.478  1.00 15.77 ? 100 ILE A CD1 1 
ATOM   537  N N   . ARG A 1 69  ? -2.655  -1.581  18.576  1.00 14.08 ? 101 ARG A N   1 
ATOM   538  C CA  . ARG A 1 69  ? -1.307  -1.020  18.458  1.00 17.78 ? 101 ARG A CA  1 
ATOM   539  C C   . ARG A 1 69  ? -0.647  -0.893  19.836  1.00 17.31 ? 101 ARG A C   1 
ATOM   540  O O   . ARG A 1 69  ? 0.526   -1.201  19.996  1.00 16.42 ? 101 ARG A O   1 
ATOM   541  C CB  . ARG A 1 69  ? -1.351  0.350   17.766  1.00 19.85 ? 101 ARG A CB  1 
ATOM   542  C CG  . ARG A 1 69  ? 0.007   1.052   17.642  1.00 25.42 ? 101 ARG A CG  1 
ATOM   543  C CD  . ARG A 1 69  ? -0.061  2.209   16.643  1.00 33.14 ? 101 ARG A CD  1 
ATOM   544  N NE  . ARG A 1 69  ? -0.992  3.254   17.061  1.00 40.58 ? 101 ARG A NE  1 
ATOM   545  C CZ  . ARG A 1 69  ? -1.511  4.166   16.245  1.00 43.78 ? 101 ARG A CZ  1 
ATOM   546  N NH1 . ARG A 1 69  ? -1.192  4.172   14.957  1.00 47.50 ? 101 ARG A NH1 1 
ATOM   547  N NH2 . ARG A 1 69  ? -2.366  5.062   16.714  1.00 44.57 ? 101 ARG A NH2 1 
ATOM   548  N N   . ASP A 1 70  ? -1.405  -0.451  20.832  1.00 17.90 ? 102 ASP A N   1 
ATOM   549  C CA  . ASP A 1 70  ? -0.848  -0.306  22.163  1.00 18.66 ? 102 ASP A CA  1 
ATOM   550  C C   . ASP A 1 70  ? -0.361  -1.641  22.732  1.00 16.74 ? 102 ASP A C   1 
ATOM   551  O O   . ASP A 1 70  ? 0.631   -1.676  23.451  1.00 14.12 ? 102 ASP A O   1 
ATOM   552  C CB  . ASP A 1 70  ? -1.875  0.352   23.085  1.00 25.01 ? 102 ASP A CB  1 
ATOM   553  C CG  . ASP A 1 70  ? -1.960  1.855   22.862  1.00 31.89 ? 102 ASP A CG  1 
ATOM   554  O OD1 . ASP A 1 70  ? -2.756  2.527   23.550  1.00 36.23 ? 102 ASP A OD1 1 
ATOM   555  O OD2 . ASP A 1 70  ? -1.213  2.366   21.996  1.00 35.35 ? 102 ASP A OD2 1 
ATOM   556  N N   . VAL A 1 71  ? -1.057  -2.730  22.405  1.00 13.63 ? 103 VAL A N   1 
ATOM   557  C CA  . VAL A 1 71  ? -0.675  -4.077  22.858  1.00 12.76 ? 103 VAL A CA  1 
ATOM   558  C C   . VAL A 1 71  ? 0.579   -4.538  22.094  1.00 11.89 ? 103 VAL A C   1 
ATOM   559  O O   . VAL A 1 71  ? 1.493   -5.157  22.661  1.00 9.85  ? 103 VAL A O   1 
ATOM   560  C CB  . VAL A 1 71  ? -1.831  -5.105  22.606  1.00 12.54 ? 103 VAL A CB  1 
ATOM   561  C CG1 . VAL A 1 71  ? -1.414  -6.502  23.047  1.00 13.04 ? 103 VAL A CG1 1 
ATOM   562  C CG2 . VAL A 1 71  ? -3.073  -4.692  23.388  1.00 15.28 ? 103 VAL A CG2 1 
ATOM   563  N N   . LEU A 1 72  ? 0.636   -4.230  20.806  1.00 8.93  ? 104 LEU A N   1 
ATOM   564  C CA  . LEU A 1 72  ? 1.797   -4.648  20.022  1.00 11.82 ? 104 LEU A CA  1 
ATOM   565  C C   . LEU A 1 72  ? 3.068   -3.942  20.528  1.00 13.99 ? 104 LEU A C   1 
ATOM   566  O O   . LEU A 1 72  ? 4.130   -4.557  20.633  1.00 11.47 ? 104 LEU A O   1 
ATOM   567  C CB  . LEU A 1 72  ? 1.557   -4.368  18.538  1.00 10.04 ? 104 LEU A CB  1 
ATOM   568  C CG  . LEU A 1 72  ? 0.280   -5.026  17.962  1.00 9.92  ? 104 LEU A CG  1 
ATOM   569  C CD1 . LEU A 1 72  ? 0.227   -4.856  16.459  1.00 9.95  ? 104 LEU A CD1 1 
ATOM   570  C CD2 . LEU A 1 72  ? 0.247   -6.497  18.307  1.00 10.52 ? 104 LEU A CD2 1 
ATOM   571  N N   . LEU A 1 73  ? 2.936   -2.655  20.848  1.00 14.35 ? 105 LEU A N   1 
ATOM   572  C CA  . LEU A 1 73  ? 4.043   -1.836  21.370  1.00 15.26 ? 105 LEU A CA  1 
ATOM   573  C C   . LEU A 1 73  ? 4.603   -2.450  22.664  1.00 14.47 ? 105 LEU A C   1 
ATOM   574  O O   . LEU A 1 73  ? 5.820   -2.520  22.869  1.00 12.90 ? 105 LEU A O   1 
ATOM   575  C CB  . LEU A 1 73  ? 3.525   -0.436  21.697  1.00 18.51 ? 105 LEU A CB  1 
ATOM   576  C CG  . LEU A 1 73  ? 3.973   0.816   20.958  1.00 23.39 ? 105 LEU A CG  1 
ATOM   577  C CD1 . LEU A 1 73  ? 3.805   0.630   19.461  1.00 25.06 ? 105 LEU A CD1 1 
ATOM   578  C CD2 . LEU A 1 73  ? 3.136   2.010   21.493  1.00 24.44 ? 105 LEU A CD2 1 
ATOM   579  N N   . GLU A 1 74  ? 3.697   -2.861  23.546  1.00 12.43 ? 106 GLU A N   1 
ATOM   580  C CA  . GLU A 1 74  ? 4.082   -3.478  24.808  1.00 13.53 ? 106 GLU A CA  1 
ATOM   581  C C   . GLU A 1 74  ? 4.852   -4.780  24.520  1.00 12.68 ? 106 GLU A C   1 
ATOM   582  O O   . GLU A 1 74  ? 5.886   -5.066  25.129  1.00 12.89 ? 106 GLU A O   1 
ATOM   583  C CB  . GLU A 1 74  ? 2.818   -3.793  25.636  1.00 13.03 ? 106 GLU A CB  1 
ATOM   584  C CG  . GLU A 1 74  ? 3.078   -4.389  27.027  1.00 14.21 ? 106 GLU A CG  1 
ATOM   585  C CD  . GLU A 1 74  ? 1.788   -4.814  27.730  1.00 20.85 ? 106 GLU A CD  1 
ATOM   586  O OE1 . GLU A 1 74  ? 1.687   -4.664  28.965  1.00 19.89 ? 106 GLU A OE1 1 
ATOM   587  O OE2 . GLU A 1 74  ? 0.868   -5.320  27.045  1.00 23.65 ? 106 GLU A OE2 1 
ATOM   588  N N   . ASP A 1 75  ? 4.340   -5.564  23.582  1.00 12.44 ? 107 ASP A N   1 
ATOM   589  C CA  . ASP A 1 75  ? 4.951   -6.842  23.249  1.00 11.66 ? 107 ASP A CA  1 
ATOM   590  C C   . ASP A 1 75  ? 6.333   -6.684  22.596  1.00 11.34 ? 107 ASP A C   1 
ATOM   591  O O   . ASP A 1 75  ? 7.229   -7.477  22.846  1.00 11.71 ? 107 ASP A O   1 
ATOM   592  C CB  . ASP A 1 75  ? 3.991   -7.635  22.358  1.00 13.55 ? 107 ASP A CB  1 
ATOM   593  C CG  . ASP A 1 75  ? 4.307   -9.118  22.345  1.00 15.28 ? 107 ASP A CG  1 
ATOM   594  O OD1 . ASP A 1 75  ? 4.550   -9.664  23.441  1.00 19.18 ? 107 ASP A OD1 1 
ATOM   595  O OD2 . ASP A 1 75  ? 4.314   -9.737  21.256  1.00 15.97 ? 107 ASP A OD2 1 
ATOM   596  N N   . VAL A 1 76  ? 6.499   -5.644  21.778  1.00 10.76 ? 108 VAL A N   1 
ATOM   597  C CA  . VAL A 1 76  ? 7.764   -5.354  21.096  1.00 9.95  ? 108 VAL A CA  1 
ATOM   598  C C   . VAL A 1 76  ? 8.887   -5.132  22.128  1.00 10.21 ? 108 VAL A C   1 
ATOM   599  O O   . VAL A 1 76  ? 9.994   -5.663  21.978  1.00 10.27 ? 108 VAL A O   1 
ATOM   600  C CB  . VAL A 1 76  ? 7.613   -4.088  20.181  1.00 7.98  ? 108 VAL A CB  1 
ATOM   601  C CG1 . VAL A 1 76  ? 8.965   -3.460  19.895  1.00 9.06  ? 108 VAL A CG1 1 
ATOM   602  C CG2 . VAL A 1 76  ? 6.920   -4.476  18.850  1.00 8.65  ? 108 VAL A CG2 1 
ATOM   603  N N   . ALA A 1 77  ? 8.593   -4.370  23.176  1.00 9.58  ? 109 ALA A N   1 
ATOM   604  C CA  . ALA A 1 77  ? 9.585   -4.091  24.212  1.00 10.91 ? 109 ALA A CA  1 
ATOM   605  C C   . ALA A 1 77  ? 9.845   -5.304  25.110  1.00 11.75 ? 109 ALA A C   1 
ATOM   606  O O   . ALA A 1 77  ? 11.000  -5.554  25.474  1.00 11.82 ? 109 ALA A O   1 
ATOM   607  C CB  . ALA A 1 77  ? 9.163   -2.870  25.046  1.00 10.33 ? 109 ALA A CB  1 
ATOM   608  N N   . GLN A 1 78  ? 8.799   -6.049  25.478  1.00 12.06 ? 110 GLN A N   1 
ATOM   609  C CA  . GLN A 1 78  ? 8.996   -7.256  26.304  1.00 13.26 ? 110 GLN A CA  1 
ATOM   610  C C   . GLN A 1 78  ? 9.833   -8.287  25.539  1.00 11.96 ? 110 GLN A C   1 
ATOM   611  O O   . GLN A 1 78  ? 10.681  -8.963  26.108  1.00 13.54 ? 110 GLN A O   1 
ATOM   612  C CB  . GLN A 1 78  ? 7.655   -7.910  26.696  1.00 13.31 ? 110 GLN A CB  1 
ATOM   613  C CG  . GLN A 1 78  ? 6.909   -7.204  27.817  1.00 17.12 ? 110 GLN A CG  1 
ATOM   614  C CD  . GLN A 1 78  ? 5.682   -7.969  28.324  1.00 20.36 ? 110 GLN A CD  1 
ATOM   615  O OE1 . GLN A 1 78  ? 4.824   -7.386  29.000  1.00 21.25 ? 110 GLN A OE1 1 
ATOM   616  N NE2 . GLN A 1 78  ? 5.601   -9.269  28.019  1.00 16.13 ? 110 GLN A NE2 1 
ATOM   617  N N   . ARG A 1 79  ? 9.610   -8.404  24.240  1.00 12.58 ? 111 ARG A N   1 
ATOM   618  C CA  . ARG A 1 79  ? 10.363  -9.381  23.444  1.00 13.09 ? 111 ARG A CA  1 
ATOM   619  C C   . ARG A 1 79  ? 11.601  -8.793  22.784  1.00 12.50 ? 111 ARG A C   1 
ATOM   620  O O   . ARG A 1 79  ? 12.308  -9.499  22.092  1.00 13.68 ? 111 ARG A O   1 
ATOM   621  C CB  . ARG A 1 79  ? 9.447   -9.975  22.366  1.00 12.99 ? 111 ARG A CB  1 
ATOM   622  C CG  . ARG A 1 79  ? 8.251   -10.725 22.951  1.00 11.56 ? 111 ARG A CG  1 
ATOM   623  C CD  . ARG A 1 79  ? 7.189   -11.043 21.905  1.00 11.30 ? 111 ARG A CD  1 
ATOM   624  N NE  . ARG A 1 79  ? 7.643   -12.003 20.898  1.00 10.16 ? 111 ARG A NE  1 
ATOM   625  C CZ  . ARG A 1 79  ? 6.937   -12.345 19.825  1.00 11.91 ? 111 ARG A CZ  1 
ATOM   626  N NH1 . ARG A 1 79  ? 5.745   -11.807 19.614  1.00 11.00 ? 111 ARG A NH1 1 
ATOM   627  N NH2 . ARG A 1 79  ? 7.420   -13.224 18.958  1.00 12.47 ? 111 ARG A NH2 1 
ATOM   628  N N   . ASN A 1 80  ? 11.868  -7.515  23.028  1.00 14.21 ? 112 ASN A N   1 
ATOM   629  C CA  . ASN A 1 80  ? 12.990  -6.801  22.411  1.00 15.76 ? 112 ASN A CA  1 
ATOM   630  C C   . ASN A 1 80  ? 12.998  -6.982  20.897  1.00 17.21 ? 112 ASN A C   1 
ATOM   631  O O   . ASN A 1 80  ? 14.034  -7.267  20.290  1.00 17.87 ? 112 ASN A O   1 
ATOM   632  C CB  . ASN A 1 80  ? 14.334  -7.244  22.991  1.00 19.93 ? 112 ASN A CB  1 
ATOM   633  C CG  . ASN A 1 80  ? 15.476  -6.360  22.517  1.00 22.63 ? 112 ASN A CG  1 
ATOM   634  O OD1 . ASN A 1 80  ? 15.285  -5.172  22.272  1.00 25.19 ? 112 ASN A OD1 1 
ATOM   635  N ND2 . ASN A 1 80  ? 16.667  -6.933  22.393  1.00 24.81 ? 112 ASN A ND2 1 
ATOM   636  N N   . ILE A 1 81  ? 11.823  -6.830  20.293  1.00 16.71 ? 113 ILE A N   1 
ATOM   637  C CA  . ILE A 1 81  ? 11.673  -6.958  18.842  1.00 15.70 ? 113 ILE A CA  1 
ATOM   638  C C   . ILE A 1 81  ? 12.194  -5.696  18.154  1.00 16.77 ? 113 ILE A C   1 
ATOM   639  O O   . ILE A 1 81  ? 11.885  -4.580  18.570  1.00 17.02 ? 113 ILE A O   1 
ATOM   640  C CB  . ILE A 1 81  ? 10.192  -7.153  18.474  1.00 14.25 ? 113 ILE A CB  1 
ATOM   641  C CG1 . ILE A 1 81  ? 9.712   -8.505  19.002  1.00 15.19 ? 113 ILE A CG1 1 
ATOM   642  C CG2 . ILE A 1 81  ? 9.992   -7.006  16.970  1.00 14.42 ? 113 ILE A CG2 1 
ATOM   643  C CD1 . ILE A 1 81  ? 8.221   -8.730  18.866  1.00 13.94 ? 113 ILE A CD1 1 
ATOM   644  N N   . PRO A 1 82  ? 12.995  -5.855  17.092  1.00 18.47 ? 114 PRO A N   1 
ATOM   645  C CA  . PRO A 1 82  ? 13.537  -4.694  16.375  1.00 19.54 ? 114 PRO A CA  1 
ATOM   646  C C   . PRO A 1 82  ? 12.483  -4.007  15.500  1.00 20.76 ? 114 PRO A C   1 
ATOM   647  O O   . PRO A 1 82  ? 12.478  -4.153  14.279  1.00 22.25 ? 114 PRO A O   1 
ATOM   648  C CB  . PRO A 1 82  ? 14.681  -5.297  15.565  1.00 21.47 ? 114 PRO A CB  1 
ATOM   649  C CG  . PRO A 1 82  ? 14.167  -6.674  15.255  1.00 20.89 ? 114 PRO A CG  1 
ATOM   650  C CD  . PRO A 1 82  ? 13.554  -7.112  16.568  1.00 18.34 ? 114 PRO A CD  1 
ATOM   651  N N   . LEU A 1 83  ? 11.594  -3.242  16.125  1.00 19.90 ? 115 LEU A N   1 
ATOM   652  C CA  . LEU A 1 83  ? 10.543  -2.567  15.376  1.00 19.02 ? 115 LEU A CA  1 
ATOM   653  C C   . LEU A 1 83  ? 10.129  -1.285  16.069  1.00 19.32 ? 115 LEU A C   1 
ATOM   654  O O   . LEU A 1 83  ? 9.590   -1.323  17.175  1.00 18.20 ? 115 LEU A O   1 
ATOM   655  C CB  . LEU A 1 83  ? 9.326   -3.488  15.247  1.00 19.76 ? 115 LEU A CB  1 
ATOM   656  C CG  . LEU A 1 83  ? 8.078   -2.915  14.562  1.00 21.11 ? 115 LEU A CG  1 
ATOM   657  C CD1 . LEU A 1 83  ? 8.347   -2.727  13.077  1.00 19.94 ? 115 LEU A CD1 1 
ATOM   658  C CD2 . LEU A 1 83  ? 6.892   -3.874  14.771  1.00 22.47 ? 115 LEU A CD2 1 
ATOM   659  N N   . SER A 1 84  ? 10.353  -0.158  15.396  1.00 18.76 ? 116 SER A N   1 
ATOM   660  C CA  . SER A 1 84  ? 10.015  1.152   15.933  1.00 19.74 ? 116 SER A CA  1 
ATOM   661  C C   . SER A 1 84  ? 8.520   1.429   15.877  1.00 22.67 ? 116 SER A C   1 
ATOM   662  O O   . SER A 1 84  ? 7.786   0.800   15.092  1.00 20.45 ? 116 SER A O   1 
ATOM   663  C CB  . SER A 1 84  ? 10.730  2.246   15.140  1.00 20.19 ? 116 SER A CB  1 
ATOM   664  O OG  . SER A 1 84  ? 10.086  2.452   13.892  1.00 18.89 ? 116 SER A OG  1 
ATOM   665  N N   . HIS A 1 85  ? 8.078   2.389   16.689  1.00 23.21 ? 117 HIS A N   1 
ATOM   666  C CA  . HIS A 1 85  ? 6.672   2.759   16.713  1.00 26.86 ? 117 HIS A CA  1 
ATOM   667  C C   . HIS A 1 85  ? 6.297   3.221   15.315  1.00 27.96 ? 117 HIS A C   1 
ATOM   668  O O   . HIS A 1 85  ? 5.256   2.836   14.779  1.00 26.80 ? 117 HIS A O   1 
ATOM   669  C CB  . HIS A 1 85  ? 6.401   3.885   17.731  1.00 30.63 ? 117 HIS A CB  1 
ATOM   670  C CG  . HIS A 1 85  ? 4.963   4.064   18.090  1.00 34.69 ? 117 HIS A CG  1 
ATOM   671  N ND1 . HIS A 1 85  ? 4.531   4.793   19.167  1.00 35.82 ? 117 HIS A ND1 1 
ATOM   672  C CD2 . HIS A 1 85  ? 3.812   3.584   17.501  1.00 36.01 ? 117 HIS A CD2 1 
ATOM   673  C CE1 . HIS A 1 85  ? 3.212   4.768   19.254  1.00 35.21 ? 117 HIS A CE1 1 
ATOM   674  N NE2 . HIS A 1 85  ? 2.765   4.031   18.239  1.00 36.97 ? 117 HIS A NE2 1 
ATOM   675  N N   . LYS A 1 86  ? 7.161   4.021   14.705  1.00 26.66 ? 118 LYS A N   1 
ATOM   676  C CA  . LYS A 1 86  ? 6.872   4.530   13.376  1.00 27.15 ? 118 LYS A CA  1 
ATOM   677  C C   . LYS A 1 86  ? 6.677   3.443   12.317  1.00 25.44 ? 118 LYS A C   1 
ATOM   678  O O   . LYS A 1 86  ? 5.718   3.495   11.544  1.00 23.21 ? 118 LYS A O   1 
ATOM   679  C CB  . LYS A 1 86  ? 7.966   5.492   12.924  1.00 31.09 ? 118 LYS A CB  1 
ATOM   680  C CG  . LYS A 1 86  ? 7.606   6.225   11.648  1.00 37.51 ? 118 LYS A CG  1 
ATOM   681  C CD  . LYS A 1 86  ? 7.960   7.699   11.752  1.00 42.65 ? 118 LYS A CD  1 
ATOM   682  C CE  . LYS A 1 86  ? 7.366   8.497   10.598  1.00 46.20 ? 118 LYS A CE  1 
ATOM   683  N NZ  . LYS A 1 86  ? 7.247   9.949   10.955  1.00 48.93 ? 118 LYS A NZ  1 
ATOM   684  N N   . LYS A 1 87  ? 7.577   2.463   12.277  1.00 20.97 ? 119 LYS A N   1 
ATOM   685  C CA  . LYS A 1 87  ? 7.467   1.391   11.292  1.00 20.38 ? 119 LYS A CA  1 
ATOM   686  C C   . LYS A 1 87  ? 6.241   0.516   11.570  1.00 19.86 ? 119 LYS A C   1 
ATOM   687  O O   . LYS A 1 87  ? 5.614   -0.004  10.647  1.00 19.36 ? 119 LYS A O   1 
ATOM   688  C CB  . LYS A 1 87  ? 8.726   0.533   11.300  1.00 19.89 ? 119 LYS A CB  1 
ATOM   689  C CG  . LYS A 1 87  ? 8.758   -0.526  10.234  1.00 22.25 ? 119 LYS A CG  1 
ATOM   690  C CD  . LYS A 1 87  ? 10.137  -1.175  10.180  1.00 23.57 ? 119 LYS A CD  1 
ATOM   691  C CE  . LYS A 1 87  ? 10.209  -2.249  9.101   1.00 25.71 ? 119 LYS A CE  1 
ATOM   692  N NZ  . LYS A 1 87  ? 11.499  -2.992  9.205   1.00 28.45 ? 119 LYS A NZ  1 
ATOM   693  N N   . LEU A 1 88  ? 5.909   0.352   12.846  1.00 18.60 ? 120 LEU A N   1 
ATOM   694  C CA  . LEU A 1 88  ? 4.738   -0.441  13.226  1.00 19.42 ? 120 LEU A CA  1 
ATOM   695  C C   . LEU A 1 88  ? 3.494   0.271   12.694  1.00 19.17 ? 120 LEU A C   1 
ATOM   696  O O   . LEU A 1 88  ? 2.642   -0.330  12.016  1.00 18.62 ? 120 LEU A O   1 
ATOM   697  C CB  . LEU A 1 88  ? 4.638   -0.548  14.751  1.00 17.99 ? 120 LEU A CB  1 
ATOM   698  C CG  . LEU A 1 88  ? 3.274   -1.024  15.257  1.00 17.24 ? 120 LEU A CG  1 
ATOM   699  C CD1 . LEU A 1 88  ? 3.012   -2.417  14.709  1.00 19.84 ? 120 LEU A CD1 1 
ATOM   700  C CD2 . LEU A 1 88  ? 3.240   -1.048  16.781  1.00 19.13 ? 120 LEU A CD2 1 
ATOM   701  N N   . ARG A 1 89  ? 3.410   1.560   13.010  1.00 19.40 ? 121 ARG A N   1 
ATOM   702  C CA  . ARG A 1 89  ? 2.295   2.410   12.605  1.00 21.57 ? 121 ARG A CA  1 
ATOM   703  C C   . ARG A 1 89  ? 2.130   2.399   11.078  1.00 20.49 ? 121 ARG A C   1 
ATOM   704  O O   . ARG A 1 89  ? 1.018   2.237   10.572  1.00 19.05 ? 121 ARG A O   1 
ATOM   705  C CB  . ARG A 1 89  ? 2.529   3.841   13.118  1.00 24.98 ? 121 ARG A CB  1 
ATOM   706  C CG  . ARG A 1 89  ? 1.286   4.750   13.138  1.00 31.13 ? 121 ARG A CG  1 
ATOM   707  C CD  . ARG A 1 89  ? 1.643   6.199   13.557  1.00 35.77 ? 121 ARG A CD  1 
ATOM   708  N NE  . ARG A 1 89  ? 2.209   6.289   14.907  1.00 39.16 ? 121 ARG A NE  1 
ATOM   709  C CZ  . ARG A 1 89  ? 3.289   7.004   15.219  1.00 41.10 ? 121 ARG A CZ  1 
ATOM   710  N NH1 . ARG A 1 89  ? 3.928   7.698   14.285  1.00 43.39 ? 121 ARG A NH1 1 
ATOM   711  N NH2 . ARG A 1 89  ? 3.737   7.027   16.468  1.00 42.58 ? 121 ARG A NH2 1 
ATOM   712  N N   . ARG A 1 90  ? 3.229   2.545   10.344  1.00 18.95 ? 122 ARG A N   1 
ATOM   713  C CA  . ARG A 1 90  ? 3.158   2.541   8.879   1.00 19.64 ? 122 ARG A CA  1 
ATOM   714  C C   . ARG A 1 90  ? 2.702   1.184   8.312   1.00 18.03 ? 122 ARG A C   1 
ATOM   715  O O   . ARG A 1 90  ? 1.938   1.137   7.355   1.00 16.77 ? 122 ARG A O   1 
ATOM   716  C CB  . ARG A 1 90  ? 4.516   2.930   8.273   1.00 21.48 ? 122 ARG A CB  1 
ATOM   717  C CG  . ARG A 1 90  ? 4.944   4.369   8.587   1.00 25.57 ? 122 ARG A CG  1 
ATOM   718  C CD  . ARG A 1 90  ? 6.434   4.592   8.278   1.00 29.09 ? 122 ARG A CD  1 
ATOM   719  N NE  . ARG A 1 90  ? 6.765   4.284   6.888   1.00 31.14 ? 122 ARG A NE  1 
ATOM   720  C CZ  . ARG A 1 90  ? 6.535   5.104   5.867   1.00 33.60 ? 122 ARG A CZ  1 
ATOM   721  N NH1 . ARG A 1 90  ? 5.979   6.293   6.079   1.00 34.35 ? 122 ARG A NH1 1 
ATOM   722  N NH2 . ARG A 1 90  ? 6.851   4.731   4.632   1.00 34.60 ? 122 ARG A NH2 1 
ATOM   723  N N   . ALA A 1 91  ? 3.176   0.081   8.878   1.00 15.90 ? 123 ALA A N   1 
ATOM   724  C CA  . ALA A 1 91  ? 2.752   -1.217  8.366   1.00 14.89 ? 123 ALA A CA  1 
ATOM   725  C C   . ALA A 1 91  ? 1.252   -1.428  8.617   1.00 14.24 ? 123 ALA A C   1 
ATOM   726  O O   . ALA A 1 91  ? 0.538   -1.951  7.758   1.00 14.46 ? 123 ALA A O   1 
ATOM   727  C CB  . ALA A 1 91  ? 3.558   -2.330  9.019   1.00 15.25 ? 123 ALA A CB  1 
ATOM   728  N N   . MET A 1 92  ? 0.783   -1.031  9.800   1.00 14.17 ? 124 MET A N   1 
ATOM   729  C CA  . MET A 1 92  ? -0.625  -1.171  10.142  1.00 13.52 ? 124 MET A CA  1 
ATOM   730  C C   . MET A 1 92  ? -1.488  -0.338  9.188   1.00 15.29 ? 124 MET A C   1 
ATOM   731  O O   . MET A 1 92  ? -2.568  -0.773  8.767   1.00 13.93 ? 124 MET A O   1 
ATOM   732  C CB  . MET A 1 92  ? -0.860  -0.747  11.603  1.00 13.97 ? 124 MET A CB  1 
ATOM   733  C CG  . MET A 1 92  ? -0.271  -1.734  12.640  1.00 14.78 ? 124 MET A CG  1 
ATOM   734  S SD  . MET A 1 92  ? -0.657  -1.323  14.367  1.00 17.45 ? 124 MET A SD  1 
ATOM   735  C CE  . MET A 1 92  ? -2.463  -1.584  14.363  1.00 14.39 ? 124 MET A CE  1 
ATOM   736  N N   . LYS A 1 93  ? -1.021  0.860   8.840   1.00 16.42 ? 125 LYS A N   1 
ATOM   737  C CA  . LYS A 1 93  ? -1.782  1.715   7.922   1.00 18.68 ? 125 LYS A CA  1 
ATOM   738  C C   . LYS A 1 93  ? -1.878  1.060   6.542   1.00 17.03 ? 125 LYS A C   1 
ATOM   739  O O   . LYS A 1 93  ? -2.949  1.021   5.935   1.00 16.36 ? 125 LYS A O   1 
ATOM   740  C CB  . LYS A 1 93  ? -1.144  3.112   7.816   1.00 22.34 ? 125 LYS A CB  1 
ATOM   741  C CG  . LYS A 1 93  ? -1.709  4.099   8.834   1.00 27.99 ? 125 LYS A CG  1 
ATOM   742  C CD  . LYS A 1 93  ? -1.123  5.509   8.704   1.00 32.56 ? 125 LYS A CD  1 
ATOM   743  C CE  . LYS A 1 93  ? -1.793  6.471   9.689   1.00 34.83 ? 125 LYS A CE  1 
ATOM   744  N NZ  . LYS A 1 93  ? -1.127  7.801   9.774   1.00 36.47 ? 125 LYS A NZ  1 
ATOM   745  N N   . ALA A 1 94  ? -0.766  0.529   6.057   1.00 14.69 ? 126 ALA A N   1 
ATOM   746  C CA  . ALA A 1 94  ? -0.750  -0.131  4.759   1.00 14.39 ? 126 ALA A CA  1 
ATOM   747  C C   . ALA A 1 94  ? -1.758  -1.292  4.763   1.00 15.08 ? 126 ALA A C   1 
ATOM   748  O O   . ALA A 1 94  ? -2.430  -1.553  3.773   1.00 13.65 ? 126 ALA A O   1 
ATOM   749  C CB  . ALA A 1 94  ? 0.639   -0.655  4.462   1.00 15.47 ? 126 ALA A CB  1 
ATOM   750  N N   . ILE A 1 95  ? -1.858  -1.995  5.883   1.00 12.58 ? 127 ILE A N   1 
ATOM   751  C CA  . ILE A 1 95  ? -2.791  -3.110  5.980   1.00 11.89 ? 127 ILE A CA  1 
ATOM   752  C C   . ILE A 1 95  ? -4.259  -2.630  6.025   1.00 10.95 ? 127 ILE A C   1 
ATOM   753  O O   . ILE A 1 95  ? -5.088  -3.071  5.236   1.00 11.83 ? 127 ILE A O   1 
ATOM   754  C CB  . ILE A 1 95  ? -2.459  -3.975  7.246   1.00 12.57 ? 127 ILE A CB  1 
ATOM   755  C CG1 . ILE A 1 95  ? -1.226  -4.841  6.972   1.00 11.67 ? 127 ILE A CG1 1 
ATOM   756  C CG2 . ILE A 1 95  ? -3.651  -4.847  7.662   1.00 10.76 ? 127 ILE A CG2 1 
ATOM   757  C CD1 . ILE A 1 95  ? -0.666  -5.494  8.230   1.00 11.10 ? 127 ILE A CD1 1 
ATOM   758  N N   . THR A 1 96  ? -4.580  -1.703  6.916   1.00 10.07 ? 128 THR A N   1 
ATOM   759  C CA  . THR A 1 96  ? -5.971  -1.288  7.030   1.00 12.82 ? 128 THR A CA  1 
ATOM   760  C C   . THR A 1 96  ? -6.504  -0.496  5.847   1.00 15.43 ? 128 THR A C   1 
ATOM   761  O O   . THR A 1 96  ? -7.711  -0.286  5.736   1.00 15.99 ? 128 THR A O   1 
ATOM   762  C CB  . THR A 1 96  ? -6.213  -0.492  8.325   1.00 11.69 ? 128 THR A CB  1 
ATOM   763  O OG1 . THR A 1 96  ? -5.442  0.713   8.291   1.00 10.64 ? 128 THR A OG1 1 
ATOM   764  C CG2 . THR A 1 96  ? -5.820  -1.345  9.555   1.00 10.68 ? 128 THR A CG2 1 
ATOM   765  N N   . ARG A 1 97  ? -5.609  -0.052  4.969   1.00 16.31 ? 129 ARG A N   1 
ATOM   766  C CA  . ARG A 1 97  ? -6.028  0.683   3.786   1.00 17.34 ? 129 ARG A CA  1 
ATOM   767  C C   . ARG A 1 97  ? -6.017  -0.172  2.527   1.00 13.86 ? 129 ARG A C   1 
ATOM   768  O O   . ARG A 1 97  ? -6.305  0.329   1.437   1.00 14.52 ? 129 ARG A O   1 
ATOM   769  C CB  . ARG A 1 97  ? -5.146  1.923   3.585   1.00 20.62 ? 129 ARG A CB  1 
ATOM   770  C CG  . ARG A 1 97  ? -5.637  3.151   4.352   1.00 28.49 ? 129 ARG A CG  1 
ATOM   771  C CD  . ARG A 1 97  ? -6.090  2.784   5.759   1.00 34.81 ? 129 ARG A CD  1 
ATOM   772  N NE  . ARG A 1 97  ? -6.581  3.925   6.523   1.00 38.39 ? 129 ARG A NE  1 
ATOM   773  C CZ  . ARG A 1 97  ? -6.919  3.866   7.808   1.00 39.88 ? 129 ARG A CZ  1 
ATOM   774  N NH1 . ARG A 1 97  ? -6.820  2.720   8.460   1.00 39.53 ? 129 ARG A NH1 1 
ATOM   775  N NH2 . ARG A 1 97  ? -7.337  4.959   8.443   1.00 41.48 ? 129 ARG A NH2 1 
ATOM   776  N N   . SER A 1 98  ? -5.694  -1.455  2.667   1.00 12.82 ? 130 SER A N   1 
ATOM   777  C CA  . SER A 1 98  ? -5.668  -2.346  1.513   1.00 14.01 ? 130 SER A CA  1 
ATOM   778  C C   . SER A 1 98  ? -7.097  -2.723  1.138   1.00 14.91 ? 130 SER A C   1 
ATOM   779  O O   . SER A 1 98  ? -7.969  -2.802  2.010   1.00 9.85  ? 130 SER A O   1 
ATOM   780  C CB  . SER A 1 98  ? -4.853  -3.616  1.816   1.00 12.85 ? 130 SER A CB  1 
ATOM   781  O OG  . SER A 1 98  ? -5.477  -4.446  2.778   1.00 13.25 ? 130 SER A OG  1 
ATOM   782  N N   . GLU A 1 99  ? -7.329  -2.943  -0.158  1.00 13.20 ? 131 GLU A N   1 
ATOM   783  C CA  . GLU A 1 99  ? -8.653  -3.301  -0.658  1.00 13.48 ? 131 GLU A CA  1 
ATOM   784  C C   . GLU A 1 99  ? -9.215  -4.536  0.020   1.00 13.29 ? 131 GLU A C   1 
ATOM   785  O O   . GLU A 1 99  ? -10.381 -4.565  0.386   1.00 12.20 ? 131 GLU A O   1 
ATOM   786  C CB  . GLU A 1 99  ? -8.610  -3.531  -2.175  1.00 14.28 ? 131 GLU A CB  1 
ATOM   787  C CG  . GLU A 1 99  ? -8.280  -2.265  -2.958  1.00 15.50 ? 131 GLU A CG  1 
ATOM   788  C CD  . GLU A 1 99  ? -8.408  -2.444  -4.463  1.00 16.32 ? 131 GLU A CD  1 
ATOM   789  O OE1 . GLU A 1 99  ? -7.752  -1.680  -5.199  1.00 18.82 ? 131 GLU A OE1 1 
ATOM   790  O OE2 . GLU A 1 99  ? -9.178  -3.322  -4.903  1.00 15.68 ? 131 GLU A OE2 1 
ATOM   791  N N   . SER A 1 100 ? -8.385  -5.552  0.209   1.00 12.56 ? 132 SER A N   1 
ATOM   792  C CA  . SER A 1 100 ? -8.856  -6.780  0.851   1.00 14.57 ? 132 SER A CA  1 
ATOM   793  C C   . SER A 1 100 ? -9.357  -6.573  2.285   1.00 13.88 ? 132 SER A C   1 
ATOM   794  O O   . SER A 1 100 ? -10.387 -7.143  2.694   1.00 13.07 ? 132 SER A O   1 
ATOM   795  C CB  . SER A 1 100 ? -7.740  -7.830  0.819   1.00 19.17 ? 132 SER A CB  1 
ATOM   796  O OG  . SER A 1 100 ? -7.945  -8.838  1.794   1.00 26.79 ? 132 SER A OG  1 
ATOM   797  N N   . TYR A 1 101 ? -8.637  -5.761  3.048   1.00 11.75 ? 133 TYR A N   1 
ATOM   798  C CA  . TYR A 1 101 ? -9.007  -5.477  4.433   1.00 10.31 ? 133 TYR A CA  1 
ATOM   799  C C   . TYR A 1 101 ? -10.340 -4.729  4.436   1.00 10.20 ? 133 TYR A C   1 
ATOM   800  O O   . TYR A 1 101 ? -11.259 -5.090  5.172   1.00 10.05 ? 133 TYR A O   1 
ATOM   801  C CB  . TYR A 1 101 ? -7.914  -4.620  5.087   1.00 9.76  ? 133 TYR A CB  1 
ATOM   802  C CG  . TYR A 1 101 ? -8.047  -4.441  6.591   1.00 9.03  ? 133 TYR A CG  1 
ATOM   803  C CD1 . TYR A 1 101 ? -8.828  -3.413  7.133   1.00 10.01 ? 133 TYR A CD1 1 
ATOM   804  C CD2 . TYR A 1 101 ? -7.367  -5.289  7.469   1.00 10.58 ? 133 TYR A CD2 1 
ATOM   805  C CE1 . TYR A 1 101 ? -8.929  -3.231  8.513   1.00 7.49  ? 133 TYR A CE1 1 
ATOM   806  C CE2 . TYR A 1 101 ? -7.450  -5.114  8.856   1.00 7.97  ? 133 TYR A CE2 1 
ATOM   807  C CZ  . TYR A 1 101 ? -8.229  -4.089  9.370   1.00 9.09  ? 133 TYR A CZ  1 
ATOM   808  O OH  . TYR A 1 101 ? -8.289  -3.914  10.736  1.00 8.50  ? 133 TYR A OH  1 
ATOM   809  N N   . LEU A 1 102 ? -10.439 -3.679  3.616   1.00 9.51  ? 134 LEU A N   1 
ATOM   810  C CA  . LEU A 1 102 ? -11.670 -2.883  3.521   1.00 9.08  ? 134 LEU A CA  1 
ATOM   811  C C   . LEU A 1 102 ? -12.879 -3.729  3.049   1.00 10.23 ? 134 LEU A C   1 
ATOM   812  O O   . LEU A 1 102 ? -14.003 -3.534  3.515   1.00 8.92  ? 134 LEU A O   1 
ATOM   813  C CB  . LEU A 1 102 ? -11.443 -1.695  2.572   1.00 8.89  ? 134 LEU A CB  1 
ATOM   814  C CG  . LEU A 1 102 ? -10.452 -0.652  3.104   1.00 9.30  ? 134 LEU A CG  1 
ATOM   815  C CD1 . LEU A 1 102 ? -10.094 0.353   2.020   1.00 11.53 ? 134 LEU A CD1 1 
ATOM   816  C CD2 . LEU A 1 102 ? -11.070 0.056   4.309   1.00 9.42  ? 134 LEU A CD2 1 
ATOM   817  N N   . CYS A 1 103 ? -12.649 -4.653  2.123   1.00 9.22  ? 135 CYS A N   1 
ATOM   818  C CA  . CYS A 1 103 ? -13.723 -5.515  1.644   1.00 11.69 ? 135 CYS A CA  1 
ATOM   819  C C   . CYS A 1 103 ? -14.211 -6.439  2.772   1.00 11.89 ? 135 CYS A C   1 
ATOM   820  O O   . CYS A 1 103 ? -15.386 -6.815  2.815   1.00 12.02 ? 135 CYS A O   1 
ATOM   821  C CB  . CYS A 1 103 ? -13.246 -6.370  0.461   1.00 14.41 ? 135 CYS A CB  1 
ATOM   822  S SG  . CYS A 1 103 ? -13.141 -5.484  -1.088  1.00 12.56 ? 135 CYS A SG  1 
ATOM   823  N N   . ALA A 1 104 ? -13.310 -6.794  3.688   1.00 8.59  ? 136 ALA A N   1 
ATOM   824  C CA  . ALA A 1 104 ? -13.663 -7.671  4.803   1.00 8.39  ? 136 ALA A CA  1 
ATOM   825  C C   . ALA A 1 104 ? -14.474 -6.957  5.878   1.00 7.90  ? 136 ALA A C   1 
ATOM   826  O O   . ALA A 1 104 ? -15.076 -7.615  6.736   1.00 7.91  ? 136 ALA A O   1 
ATOM   827  C CB  . ALA A 1 104 ? -12.384 -8.288  5.439   1.00 8.33  ? 136 ALA A CB  1 
ATOM   828  N N   . MET A 1 105 ? -14.511 -5.625  5.850   1.00 6.70  ? 137 MET A N   1 
ATOM   829  C CA  . MET A 1 105 ? -15.266 -4.896  6.878   1.00 10.09 ? 137 MET A CA  1 
ATOM   830  C C   . MET A 1 105 ? -16.771 -4.835  6.621   1.00 8.83  ? 137 MET A C   1 
ATOM   831  O O   . MET A 1 105 ? -17.309 -3.817  6.196   1.00 10.62 ? 137 MET A O   1 
ATOM   832  C CB  . MET A 1 105 ? -14.713 -3.476  7.054   1.00 12.93 ? 137 MET A CB  1 
ATOM   833  C CG  . MET A 1 105 ? -13.345 -3.459  7.672   1.00 16.77 ? 137 MET A CG  1 
ATOM   834  S SD  . MET A 1 105 ? -12.691 -1.803  8.035   1.00 27.28 ? 137 MET A SD  1 
ATOM   835  C CE  . MET A 1 105 ? -13.994 -1.159  8.990   1.00 7.16  ? 137 MET A CE  1 
ATOM   836  N N   . LYS A 1 106 ? -17.439 -5.949  6.882   1.00 11.09 ? 138 LYS A N   1 
ATOM   837  C CA  . LYS A 1 106 ? -18.879 -6.078  6.686   1.00 9.65  ? 138 LYS A CA  1 
ATOM   838  C C   . LYS A 1 106 ? -19.509 -6.202  8.080   1.00 10.14 ? 138 LYS A C   1 
ATOM   839  O O   . LYS A 1 106 ? -18.889 -6.743  8.999   1.00 8.23  ? 138 LYS A O   1 
ATOM   840  C CB  . LYS A 1 106 ? -19.175 -7.340  5.877   1.00 12.50 ? 138 LYS A CB  1 
ATOM   841  C CG  . LYS A 1 106 ? -18.366 -7.481  4.580   1.00 17.33 ? 138 LYS A CG  1 
ATOM   842  C CD  . LYS A 1 106 ? -18.627 -8.836  3.898   1.00 22.28 ? 138 LYS A CD  1 
ATOM   843  C CE  . LYS A 1 106 ? -17.857 -8.955  2.578   1.00 29.87 ? 138 LYS A CE  1 
ATOM   844  N NZ  . LYS A 1 106 ? -18.175 -10.209 1.813   1.00 31.89 ? 138 LYS A NZ  1 
ATOM   845  N N   . ALA A 1 107 ? -20.731 -5.699  8.228   1.00 8.45  ? 139 ALA A N   1 
ATOM   846  C CA  . ALA A 1 107 ? -21.443 -5.756  9.506   1.00 8.96  ? 139 ALA A CA  1 
ATOM   847  C C   . ALA A 1 107 ? -21.447 -7.179  10.038  1.00 9.82  ? 139 ALA A C   1 
ATOM   848  O O   . ALA A 1 107 ? -21.722 -8.124  9.307   1.00 10.28 ? 139 ALA A O   1 
ATOM   849  C CB  . ALA A 1 107 ? -22.895 -5.251  9.338   1.00 7.59  ? 139 ALA A CB  1 
ATOM   850  N N   . GLY A 1 108 ? -21.110 -7.326  11.315  1.00 9.17  ? 140 GLY A N   1 
ATOM   851  C CA  . GLY A 1 108 ? -21.081 -8.646  11.922  1.00 8.38  ? 140 GLY A CA  1 
ATOM   852  C C   . GLY A 1 108 ? -19.765 -9.394  11.792  1.00 8.87  ? 140 GLY A C   1 
ATOM   853  O O   . GLY A 1 108 ? -19.646 -10.487 12.354  1.00 8.47  ? 140 GLY A O   1 
ATOM   854  N N   . ALA A 1 109 ? -18.798 -8.841  11.045  1.00 7.37  ? 141 ALA A N   1 
ATOM   855  C CA  . ALA A 1 109 ? -17.497 -9.499  10.868  1.00 8.55  ? 141 ALA A CA  1 
ATOM   856  C C   . ALA A 1 109 ? -16.689 -9.324  12.150  1.00 8.83  ? 141 ALA A C   1 
ATOM   857  O O   . ALA A 1 109 ? -16.919 -8.385  12.904  1.00 9.58  ? 141 ALA A O   1 
ATOM   858  C CB  . ALA A 1 109 ? -16.735 -8.908  9.666   1.00 8.47  ? 141 ALA A CB  1 
ATOM   859  N N   . CYS A 1 110 ? -15.744 -10.228 12.398  1.00 10.19 ? 142 CYS A N   1 
ATOM   860  C CA  . CYS A 1 110 ? -14.964 -10.183 13.643  1.00 10.19 ? 142 CYS A CA  1 
ATOM   861  C C   . CYS A 1 110 ? -13.604 -9.530  13.594  1.00 10.61 ? 142 CYS A C   1 
ATOM   862  O O   . CYS A 1 110 ? -12.843 -9.745  12.645  1.00 8.72  ? 142 CYS A O   1 
ATOM   863  C CB  . CYS A 1 110 ? -14.716 -11.594 14.170  1.00 10.54 ? 142 CYS A CB  1 
ATOM   864  S SG  . CYS A 1 110 ? -16.171 -12.597 14.468  1.00 13.24 ? 142 CYS A SG  1 
ATOM   865  N N   . ARG A 1 111 ? -13.291 -8.778  14.647  1.00 8.40  ? 143 ARG A N   1 
ATOM   866  C CA  . ARG A 1 111 ? -11.960 -8.182  14.795  1.00 8.98  ? 143 ARG A CA  1 
ATOM   867  C C   . ARG A 1 111 ? -11.253 -9.155  15.773  1.00 10.19 ? 143 ARG A C   1 
ATOM   868  O O   . ARG A 1 111 ? -11.905 -9.687  16.676  1.00 10.32 ? 143 ARG A O   1 
ATOM   869  C CB  . ARG A 1 111 ? -12.027 -6.799  15.435  1.00 7.70  ? 143 ARG A CB  1 
ATOM   870  C CG  . ARG A 1 111 ? -12.556 -5.652  14.549  1.00 9.25  ? 143 ARG A CG  1 
ATOM   871  C CD  . ARG A 1 111 ? -12.492 -4.339  15.353  1.00 5.14  ? 143 ARG A CD  1 
ATOM   872  N NE  . ARG A 1 111 ? -13.006 -3.187  14.612  1.00 7.42  ? 143 ARG A NE  1 
ATOM   873  C CZ  . ARG A 1 111 ? -12.331 -2.506  13.688  1.00 9.83  ? 143 ARG A CZ  1 
ATOM   874  N NH1 . ARG A 1 111 ? -11.080 -2.840  13.364  1.00 11.17 ? 143 ARG A NH1 1 
ATOM   875  N NH2 . ARG A 1 111 ? -12.919 -1.497  13.070  1.00 9.11  ? 143 ARG A NH2 1 
ATOM   876  N N   . TYR A 1 112 ? -9.948  -9.376  15.591  1.00 8.98  ? 144 TYR A N   1 
ATOM   877  C CA  . TYR A 1 112 ? -9.167  -10.302 16.412  1.00 10.42 ? 144 TYR A CA  1 
ATOM   878  C C   . TYR A 1 112 ? -7.935  -9.682  17.080  1.00 11.26 ? 144 TYR A C   1 
ATOM   879  O O   . TYR A 1 112 ? -7.339  -8.747  16.547  1.00 10.84 ? 144 TYR A O   1 
ATOM   880  C CB  . TYR A 1 112 ? -8.670  -11.488 15.560  1.00 10.38 ? 144 TYR A CB  1 
ATOM   881  C CG  . TYR A 1 112 ? -9.751  -12.367 14.941  1.00 13.60 ? 144 TYR A CG  1 
ATOM   882  C CD1 . TYR A 1 112 ? -10.354 -12.025 13.723  1.00 11.63 ? 144 TYR A CD1 1 
ATOM   883  C CD2 . TYR A 1 112 ? -10.178 -13.544 15.583  1.00 13.82 ? 144 TYR A CD2 1 
ATOM   884  C CE1 . TYR A 1 112 ? -11.354 -12.827 13.164  1.00 15.46 ? 144 TYR A CE1 1 
ATOM   885  C CE2 . TYR A 1 112 ? -11.184 -14.358 15.028  1.00 11.67 ? 144 TYR A CE2 1 
ATOM   886  C CZ  . TYR A 1 112 ? -11.763 -13.995 13.826  1.00 14.57 ? 144 TYR A CZ  1 
ATOM   887  O OH  . TYR A 1 112 ? -12.738 -14.795 13.265  1.00 15.28 ? 144 TYR A OH  1 
ATOM   888  N N   . ASP A 1 113 ? -7.565  -10.205 18.251  1.00 12.19 ? 145 ASP A N   1 
ATOM   889  C CA  . ASP A 1 113 ? -6.364  -9.747  18.933  1.00 11.31 ? 145 ASP A CA  1 
ATOM   890  C C   . ASP A 1 113 ? -5.292  -10.796 18.617  1.00 12.82 ? 145 ASP A C   1 
ATOM   891  O O   . ASP A 1 113 ? -5.575  -11.789 17.922  1.00 9.32  ? 145 ASP A O   1 
ATOM   892  C CB  . ASP A 1 113 ? -6.589  -9.549  20.443  1.00 10.05 ? 145 ASP A CB  1 
ATOM   893  C CG  . ASP A 1 113 ? -6.846  -10.858 21.213  1.00 11.31 ? 145 ASP A CG  1 
ATOM   894  O OD1 . ASP A 1 113 ? -7.294  -10.755 22.372  1.00 11.78 ? 145 ASP A OD1 1 
ATOM   895  O OD2 . ASP A 1 113 ? -6.600  -11.965 20.699  1.00 11.70 ? 145 ASP A OD2 1 
ATOM   896  N N   . THR A 1 114 ? -4.074  -10.593 19.100  1.00 10.16 ? 146 THR A N   1 
ATOM   897  C CA  . THR A 1 114 ? -2.984  -11.512 18.767  1.00 13.10 ? 146 THR A CA  1 
ATOM   898  C C   . THR A 1 114 ? -3.128  -12.962 19.202  1.00 14.33 ? 146 THR A C   1 
ATOM   899  O O   . THR A 1 114 ? -2.488  -13.840 18.624  1.00 12.84 ? 146 THR A O   1 
ATOM   900  C CB  . THR A 1 114 ? -1.634  -11.008 19.309  1.00 13.86 ? 146 THR A CB  1 
ATOM   901  O OG1 . THR A 1 114 ? -1.693  -10.962 20.733  1.00 13.94 ? 146 THR A OG1 1 
ATOM   902  C CG2 . THR A 1 114 ? -1.326  -9.605  18.780  1.00 13.33 ? 146 THR A CG2 1 
ATOM   903  N N   . GLU A 1 115 ? -3.946  -13.212 20.220  1.00 15.07 ? 147 GLU A N   1 
ATOM   904  C CA  . GLU A 1 115 ? -4.153  -14.571 20.716  1.00 16.77 ? 147 GLU A CA  1 
ATOM   905  C C   . GLU A 1 115 ? -5.290  -15.272 19.969  1.00 16.97 ? 147 GLU A C   1 
ATOM   906  O O   . GLU A 1 115 ? -5.613  -16.410 20.276  1.00 18.18 ? 147 GLU A O   1 
ATOM   907  C CB  . GLU A 1 115 ? -4.518  -14.557 22.200  1.00 20.38 ? 147 GLU A CB  1 
ATOM   908  C CG  . GLU A 1 115 ? -3.573  -13.811 23.116  1.00 28.05 ? 147 GLU A CG  1 
ATOM   909  C CD  . GLU A 1 115 ? -4.249  -13.467 24.440  1.00 32.08 ? 147 GLU A CD  1 
ATOM   910  O OE1 . GLU A 1 115 ? -4.982  -12.441 24.523  1.00 34.98 ? 147 GLU A OE1 1 
ATOM   911  O OE2 . GLU A 1 115 ? -4.062  -14.242 25.394  1.00 33.40 ? 147 GLU A OE2 1 
ATOM   912  N N   . GLY A 1 116 ? -5.901  -14.596 19.001  1.00 15.04 ? 148 GLY A N   1 
ATOM   913  C CA  . GLY A 1 116 ? -6.998  -15.217 18.275  1.00 15.57 ? 148 GLY A CA  1 
ATOM   914  C C   . GLY A 1 116 ? -8.375  -14.996 18.889  1.00 13.29 ? 148 GLY A C   1 
ATOM   915  O O   . GLY A 1 116 ? -9.339  -15.612 18.459  1.00 16.65 ? 148 GLY A O   1 
ATOM   916  N N   . TYR A 1 117 ? -8.492  -14.142 19.901  1.00 13.11 ? 149 TYR A N   1 
ATOM   917  C CA  . TYR A 1 117 ? -9.814  -13.874 20.488  1.00 11.21 ? 149 TYR A CA  1 
ATOM   918  C C   . TYR A 1 117 ? -10.558 -12.834 19.645  1.00 11.67 ? 149 TYR A C   1 
ATOM   919  O O   . TYR A 1 117 ? -9.930  -11.939 19.082  1.00 11.05 ? 149 TYR A O   1 
ATOM   920  C CB  . TYR A 1 117 ? -9.689  -13.323 21.917  1.00 9.61  ? 149 TYR A CB  1 
ATOM   921  C CG  . TYR A 1 117 ? -9.209  -14.353 22.915  1.00 11.09 ? 149 TYR A CG  1 
ATOM   922  C CD1 . TYR A 1 117 ? -7.869  -14.389 23.316  1.00 10.58 ? 149 TYR A CD1 1 
ATOM   923  C CD2 . TYR A 1 117 ? -10.080 -15.336 23.407  1.00 8.22  ? 149 TYR A CD2 1 
ATOM   924  C CE1 . TYR A 1 117 ? -7.400  -15.385 24.182  1.00 8.37  ? 149 TYR A CE1 1 
ATOM   925  C CE2 . TYR A 1 117 ? -9.621  -16.337 24.271  1.00 10.37 ? 149 TYR A CE2 1 
ATOM   926  C CZ  . TYR A 1 117 ? -8.273  -16.348 24.651  1.00 8.91  ? 149 TYR A CZ  1 
ATOM   927  O OH  . TYR A 1 117 ? -7.786  -17.322 25.484  1.00 10.80 ? 149 TYR A OH  1 
ATOM   928  N N   . VAL A 1 118 ? -11.882 -12.956 19.549  1.00 11.38 ? 150 VAL A N   1 
ATOM   929  C CA  . VAL A 1 118 ? -12.684 -11.954 18.823  1.00 10.15 ? 150 VAL A CA  1 
ATOM   930  C C   . VAL A 1 118 ? -12.911 -10.868 19.854  1.00 12.39 ? 150 VAL A C   1 
ATOM   931  O O   . VAL A 1 118 ? -13.382 -11.148 20.953  1.00 14.41 ? 150 VAL A O   1 
ATOM   932  C CB  . VAL A 1 118 ? -14.054 -12.511 18.368  1.00 9.11  ? 150 VAL A CB  1 
ATOM   933  C CG1 . VAL A 1 118 ? -14.888 -11.402 17.697  1.00 6.28  ? 150 VAL A CG1 1 
ATOM   934  C CG2 . VAL A 1 118 ? -13.824 -13.655 17.381  1.00 8.71  ? 150 VAL A CG2 1 
ATOM   935  N N   . THR A 1 119 ? -12.557 -9.630  19.523  1.00 10.77 ? 151 THR A N   1 
ATOM   936  C CA  . THR A 1 119 ? -12.688 -8.529  20.465  1.00 11.70 ? 151 THR A CA  1 
ATOM   937  C C   . THR A 1 119 ? -13.888 -7.616  20.202  1.00 11.37 ? 151 THR A C   1 
ATOM   938  O O   . THR A 1 119 ? -14.393 -6.969  21.111  1.00 12.93 ? 151 THR A O   1 
ATOM   939  C CB  . THR A 1 119 ? -11.421 -7.661  20.428  1.00 13.34 ? 151 THR A CB  1 
ATOM   940  O OG1 . THR A 1 119 ? -11.181 -7.264  19.076  1.00 12.88 ? 151 THR A OG1 1 
ATOM   941  C CG2 . THR A 1 119 ? -10.212 -8.446  20.953  1.00 11.93 ? 151 THR A CG2 1 
ATOM   942  N N   . GLU A 1 120 ? -14.311 -7.544  18.949  1.00 10.66 ? 152 GLU A N   1 
ATOM   943  C CA  . GLU A 1 120 ? -15.447 -6.714  18.548  1.00 11.04 ? 152 GLU A CA  1 
ATOM   944  C C   . GLU A 1 120 ? -16.019 -7.260  17.255  1.00 10.29 ? 152 GLU A C   1 
ATOM   945  O O   . GLU A 1 120 ? -15.364 -8.036  16.557  1.00 8.38  ? 152 GLU A O   1 
ATOM   946  C CB  . GLU A 1 120 ? -15.026 -5.262  18.246  1.00 12.52 ? 152 GLU A CB  1 
ATOM   947  C CG  . GLU A 1 120 ? -14.542 -4.402  19.396  1.00 16.59 ? 152 GLU A CG  1 
ATOM   948  C CD  . GLU A 1 120 ? -13.035 -4.463  19.630  1.00 16.58 ? 152 GLU A CD  1 
ATOM   949  O OE1 . GLU A 1 120 ? -12.272 -4.935  18.751  1.00 14.92 ? 152 GLU A OE1 1 
ATOM   950  O OE2 . GLU A 1 120 ? -12.609 -4.021  20.711  1.00 19.19 ? 152 GLU A OE2 1 
ATOM   951  N N   . HIS A 1 121 ? -17.230 -6.813  16.927  1.00 10.92 ? 153 HIS A N   1 
ATOM   952  C CA  . HIS A 1 121 ? -17.883 -7.168  15.678  1.00 9.47  ? 153 HIS A CA  1 
ATOM   953  C C   . HIS A 1 121 ? -18.047 -5.839  14.921  1.00 10.30 ? 153 HIS A C   1 
ATOM   954  O O   . HIS A 1 121 ? -18.412 -4.833  15.522  1.00 9.05  ? 153 HIS A O   1 
ATOM   955  C CB  . HIS A 1 121 ? -19.251 -7.794  15.941  1.00 10.16 ? 153 HIS A CB  1 
ATOM   956  C CG  . HIS A 1 121 ? -19.165 -9.088  16.717  1.00 10.28 ? 153 HIS A CG  1 
ATOM   957  N ND1 . HIS A 1 121 ? -20.241 -9.578  17.445  1.00 12.05 ? 153 HIS A ND1 1 
ATOM   958  C CD2 . HIS A 1 121 ? -18.169 -9.959  16.868  1.00 9.39  ? 153 HIS A CD2 1 
ATOM   959  C CE1 . HIS A 1 121 ? -19.876 -10.713 18.011  1.00 12.34 ? 153 HIS A CE1 1 
ATOM   960  N NE2 . HIS A 1 121 ? -18.631 -10.981 17.689  1.00 12.42 ? 153 HIS A NE2 1 
ATOM   961  N N   . ILE A 1 122 ? -17.760 -5.853  13.620  1.00 8.93  ? 154 ILE A N   1 
ATOM   962  C CA  . ILE A 1 122 ? -17.870 -4.668  12.768  1.00 9.53  ? 154 ILE A CA  1 
ATOM   963  C C   . ILE A 1 122 ? -19.314 -4.137  12.761  1.00 9.62  ? 154 ILE A C   1 
ATOM   964  O O   . ILE A 1 122 ? -20.262 -4.899  12.563  1.00 6.53  ? 154 ILE A O   1 
ATOM   965  C CB  . ILE A 1 122 ? -17.442 -5.005  11.315  1.00 11.07 ? 154 ILE A CB  1 
ATOM   966  C CG1 . ILE A 1 122 ? -15.951 -5.410  11.283  1.00 10.85 ? 154 ILE A CG1 1 
ATOM   967  C CG2 . ILE A 1 122 ? -17.719 -3.822  10.395  1.00 8.16  ? 154 ILE A CG2 1 
ATOM   968  C CD1 . ILE A 1 122 ? -14.987 -4.398  11.910  1.00 11.39 ? 154 ILE A CD1 1 
ATOM   969  N N   . SER A 1 123 ? -19.475 -2.827  12.964  1.00 8.22  ? 155 SER A N   1 
ATOM   970  C CA  . SER A 1 123 ? -20.809 -2.219  12.996  1.00 9.08  ? 155 SER A CA  1 
ATOM   971  C C   . SER A 1 123 ? -21.298 -1.787  11.606  1.00 10.28 ? 155 SER A C   1 
ATOM   972  O O   . SER A 1 123 ? -20.536 -1.775  10.635  1.00 8.65  ? 155 SER A O   1 
ATOM   973  C CB  . SER A 1 123 ? -20.795 -0.985  13.889  1.00 9.15  ? 155 SER A CB  1 
ATOM   974  O OG  . SER A 1 123 ? -20.040 0.058   13.274  1.00 9.25  ? 155 SER A OG  1 
ATOM   975  N N   . GLN A 1 124 ? -22.567 -1.406  11.526  1.00 11.81 ? 156 GLN A N   1 
ATOM   976  C CA  . GLN A 1 124 ? -23.114 -0.929  10.263  1.00 12.95 ? 156 GLN A CA  1 
ATOM   977  C C   . GLN A 1 124 ? -22.394 0.359   9.885   1.00 11.53 ? 156 GLN A C   1 
ATOM   978  O O   . GLN A 1 124 ? -22.149 0.586   8.719   1.00 11.04 ? 156 GLN A O   1 
ATOM   979  C CB  . GLN A 1 124 ? -24.620 -0.682  10.378  1.00 16.10 ? 156 GLN A CB  1 
ATOM   980  C CG  . GLN A 1 124 ? -25.401 -1.949  10.695  1.00 17.87 ? 156 GLN A CG  1 
ATOM   981  C CD  . GLN A 1 124 ? -26.899 -1.712  10.797  1.00 22.06 ? 156 GLN A CD  1 
ATOM   982  O OE1 . GLN A 1 124 ? -27.574 -2.289  11.652  1.00 22.38 ? 156 GLN A OE1 1 
ATOM   983  N NE2 . GLN A 1 124 ? -27.424 -0.879  9.917   1.00 20.24 ? 156 GLN A NE2 1 
ATOM   984  N N   . GLU A 1 125 ? -22.035 1.188   10.867  1.00 12.07 ? 157 GLU A N   1 
ATOM   985  C CA  . GLU A 1 125 ? -21.328 2.432   10.582  1.00 12.04 ? 157 GLU A CA  1 
ATOM   986  C C   . GLU A 1 125 ? -19.925 2.186   10.032  1.00 11.98 ? 157 GLU A C   1 
ATOM   987  O O   . GLU A 1 125 ? -19.459 2.926   9.165   1.00 10.28 ? 157 GLU A O   1 
ATOM   988  C CB  . GLU A 1 125 ? -21.216 3.310   11.830  1.00 13.45 ? 157 GLU A CB  1 
ATOM   989  C CG  . GLU A 1 125 ? -22.533 3.890   12.354  1.00 18.26 ? 157 GLU A CG  1 
ATOM   990  C CD  . GLU A 1 125 ? -23.453 2.825   12.950  1.00 23.16 ? 157 GLU A CD  1 
ATOM   991  O OE1 . GLU A 1 125 ? -22.956 1.759   13.381  1.00 19.29 ? 157 GLU A OE1 1 
ATOM   992  O OE2 . GLU A 1 125 ? -24.677 3.067   12.996  1.00 26.25 ? 157 GLU A OE2 1 
ATOM   993  N N   . GLU A 1 126 ? -19.243 1.165   10.545  1.00 9.03  ? 158 GLU A N   1 
ATOM   994  C CA  . GLU A 1 126 ? -17.910 0.838   10.065  1.00 8.77  ? 158 GLU A CA  1 
ATOM   995  C C   . GLU A 1 126 ? -17.967 0.240   8.665   1.00 10.43 ? 158 GLU A C   1 
ATOM   996  O O   . GLU A 1 126 ? -17.048 0.414   7.875   1.00 12.02 ? 158 GLU A O   1 
ATOM   997  C CB  . GLU A 1 126 ? -17.229 -0.140  11.022  1.00 8.86  ? 158 GLU A CB  1 
ATOM   998  C CG  . GLU A 1 126 ? -16.735 0.535   12.298  1.00 7.04  ? 158 GLU A CG  1 
ATOM   999  C CD  . GLU A 1 126 ? -16.301 -0.457  13.359  1.00 8.36  ? 158 GLU A CD  1 
ATOM   1000 O OE1 . GLU A 1 126 ? -15.249 -0.230  14.006  1.00 9.81  ? 158 GLU A OE1 1 
ATOM   1001 O OE2 . GLU A 1 126 ? -17.016 -1.453  13.561  1.00 9.29  ? 158 GLU A OE2 1 
ATOM   1002 N N   . GLU A 1 127 ? -19.050 -0.467  8.365   1.00 9.41  ? 159 GLU A N   1 
ATOM   1003 C CA  . GLU A 1 127 ? -19.242 -1.061  7.045   1.00 9.68  ? 159 GLU A CA  1 
ATOM   1004 C C   . GLU A 1 127 ? -19.442 0.053   5.996   1.00 11.13 ? 159 GLU A C   1 
ATOM   1005 O O   . GLU A 1 127 ? -18.893 -0.014  4.882   1.00 9.89  ? 159 GLU A O   1 
ATOM   1006 C CB  . GLU A 1 127 ? -20.455 -1.996  7.108   1.00 9.37  ? 159 GLU A CB  1 
ATOM   1007 C CG  . GLU A 1 127 ? -20.967 -2.514  5.790   1.00 10.84 ? 159 GLU A CG  1 
ATOM   1008 C CD  . GLU A 1 127 ? -22.131 -3.472  6.003   1.00 12.13 ? 159 GLU A CD  1 
ATOM   1009 O OE1 . GLU A 1 127 ? -21.967 -4.667  5.724   1.00 12.90 ? 159 GLU A OE1 1 
ATOM   1010 O OE2 . GLU A 1 127 ? -23.199 -3.023  6.469   1.00 13.60 ? 159 GLU A OE2 1 
ATOM   1011 N N   . VAL A 1 128 ? -20.228 1.072   6.351   1.00 9.05  ? 160 VAL A N   1 
ATOM   1012 C CA  . VAL A 1 128 ? -20.482 2.215   5.447   1.00 8.73  ? 160 VAL A CA  1 
ATOM   1013 C C   . VAL A 1 128 ? -19.164 2.965   5.227   1.00 7.92  ? 160 VAL A C   1 
ATOM   1014 O O   . VAL A 1 128 ? -18.817 3.376   4.110   1.00 6.95  ? 160 VAL A O   1 
ATOM   1015 C CB  . VAL A 1 128 ? -21.540 3.188   6.060   1.00 7.60  ? 160 VAL A CB  1 
ATOM   1016 C CG1 . VAL A 1 128 ? -21.523 4.551   5.329   1.00 7.83  ? 160 VAL A CG1 1 
ATOM   1017 C CG2 . VAL A 1 128 ? -22.940 2.574   5.929   1.00 7.75  ? 160 VAL A CG2 1 
ATOM   1018 N N   . TYR A 1 129 ? -18.437 3.160   6.315   1.00 7.02  ? 161 TYR A N   1 
ATOM   1019 C CA  . TYR A 1 129 ? -17.140 3.824   6.251   1.00 8.75  ? 161 TYR A CA  1 
ATOM   1020 C C   . TYR A 1 129 ? -16.190 3.061   5.311   1.00 9.31  ? 161 TYR A C   1 
ATOM   1021 O O   . TYR A 1 129 ? -15.523 3.646   4.455   1.00 7.45  ? 161 TYR A O   1 
ATOM   1022 C CB  . TYR A 1 129 ? -16.536 3.858   7.656   1.00 9.16  ? 161 TYR A CB  1 
ATOM   1023 C CG  . TYR A 1 129 ? -15.037 3.953   7.656   1.00 13.07 ? 161 TYR A CG  1 
ATOM   1024 C CD1 . TYR A 1 129 ? -14.393 5.188   7.533   1.00 13.54 ? 161 TYR A CD1 1 
ATOM   1025 C CD2 . TYR A 1 129 ? -14.256 2.806   7.743   1.00 12.50 ? 161 TYR A CD2 1 
ATOM   1026 C CE1 . TYR A 1 129 ? -12.995 5.268   7.492   1.00 14.30 ? 161 TYR A CE1 1 
ATOM   1027 C CE2 . TYR A 1 129 ? -12.874 2.877   7.700   1.00 16.14 ? 161 TYR A CE2 1 
ATOM   1028 C CZ  . TYR A 1 129 ? -12.250 4.106   7.569   1.00 16.18 ? 161 TYR A CZ  1 
ATOM   1029 O OH  . TYR A 1 129 ? -10.881 4.147   7.454   1.00 19.38 ? 161 TYR A OH  1 
ATOM   1030 N N   . ALA A 1 130 ? -16.130 1.748   5.480   1.00 7.49  ? 162 ALA A N   1 
ATOM   1031 C CA  . ALA A 1 130 ? -15.224 0.923   4.684   1.00 8.53  ? 162 ALA A CA  1 
ATOM   1032 C C   . ALA A 1 130 ? -15.540 0.940   3.195   1.00 8.29  ? 162 ALA A C   1 
ATOM   1033 O O   . ALA A 1 130 ? -14.631 1.002   2.363   1.00 8.95  ? 162 ALA A O   1 
ATOM   1034 C CB  . ALA A 1 130 ? -15.237 -0.509  5.203   1.00 9.91  ? 162 ALA A CB  1 
ATOM   1035 N N   . ALA A 1 131 ? -16.827 0.866   2.865   1.00 8.71  ? 163 ALA A N   1 
ATOM   1036 C CA  . ALA A 1 131 ? -17.272 0.875   1.472   1.00 7.65  ? 163 ALA A CA  1 
ATOM   1037 C C   . ALA A 1 131 ? -16.828 2.194   0.820   1.00 8.49  ? 163 ALA A C   1 
ATOM   1038 O O   . ALA A 1 131 ? -16.350 2.218   -0.321  1.00 8.45  ? 163 ALA A O   1 
ATOM   1039 C CB  . ALA A 1 131 ? -18.826 0.720   1.401   1.00 3.97  ? 163 ALA A CB  1 
ATOM   1040 N N   . GLU A 1 132 ? -16.982 3.297   1.535   1.00 9.63  ? 164 GLU A N   1 
ATOM   1041 C CA  . GLU A 1 132 ? -16.578 4.585   0.966   1.00 10.12 ? 164 GLU A CA  1 
ATOM   1042 C C   . GLU A 1 132 ? -15.053 4.721   0.823   1.00 9.85  ? 164 GLU A C   1 
ATOM   1043 O O   . GLU A 1 132 ? -14.579 5.243   -0.177  1.00 9.38  ? 164 GLU A O   1 
ATOM   1044 C CB  . GLU A 1 132 ? -17.141 5.746   1.792   1.00 11.38 ? 164 GLU A CB  1 
ATOM   1045 C CG  . GLU A 1 132 ? -17.013 7.125   1.102   1.00 11.68 ? 164 GLU A CG  1 
ATOM   1046 C CD  . GLU A 1 132 ? -15.636 7.768   1.262   1.00 15.04 ? 164 GLU A CD  1 
ATOM   1047 O OE1 . GLU A 1 132 ? -15.210 8.476   0.314   1.00 12.62 ? 164 GLU A OE1 1 
ATOM   1048 O OE2 . GLU A 1 132 ? -14.987 7.587   2.328   1.00 13.29 ? 164 GLU A OE2 1 
ATOM   1049 N N   . ARG A 1 133 ? -14.289 4.250   1.809   1.00 9.31  ? 165 ARG A N   1 
ATOM   1050 C CA  . ARG A 1 133 ? -12.830 4.326   1.717   1.00 9.84  ? 165 ARG A CA  1 
ATOM   1051 C C   . ARG A 1 133 ? -12.371 3.456   0.534   1.00 9.42  ? 165 ARG A C   1 
ATOM   1052 O O   . ARG A 1 133 ? -11.497 3.838   -0.231  1.00 9.76  ? 165 ARG A O   1 
ATOM   1053 C CB  . ARG A 1 133 ? -12.172 3.817   3.009   1.00 11.02 ? 165 ARG A CB  1 
ATOM   1054 C CG  . ARG A 1 133 ? -12.438 4.683   4.237   1.00 15.53 ? 165 ARG A CG  1 
ATOM   1055 C CD  . ARG A 1 133 ? -12.346 6.185   3.900   1.00 17.08 ? 165 ARG A CD  1 
ATOM   1056 N NE  . ARG A 1 133 ? -11.087 6.498   3.250   1.00 18.41 ? 165 ARG A NE  1 
ATOM   1057 C CZ  . ARG A 1 133 ? -10.913 7.506   2.401   1.00 20.40 ? 165 ARG A CZ  1 
ATOM   1058 N NH1 . ARG A 1 133 ? -11.932 8.312   2.104   1.00 18.71 ? 165 ARG A NH1 1 
ATOM   1059 N NH2 . ARG A 1 133 ? -9.724  7.686   1.823   1.00 20.09 ? 165 ARG A NH2 1 
ATOM   1060 N N   . LEU A 1 134 ? -12.990 2.293   0.392   1.00 8.20  ? 166 LEU A N   1 
ATOM   1061 C CA  . LEU A 1 134 ? -12.661 1.364   -0.685  1.00 9.81  ? 166 LEU A CA  1 
ATOM   1062 C C   . LEU A 1 134 ? -12.846 2.038   -2.045  1.00 10.37 ? 166 LEU A C   1 
ATOM   1063 O O   . LEU A 1 134 ? -12.060 1.832   -2.968  1.00 9.01  ? 166 LEU A O   1 
ATOM   1064 C CB  . LEU A 1 134 ? -13.554 0.130   -0.576  1.00 9.15  ? 166 LEU A CB  1 
ATOM   1065 C CG  . LEU A 1 134 ? -13.454 -0.936  -1.659  1.00 11.80 ? 166 LEU A CG  1 
ATOM   1066 C CD1 . LEU A 1 134 ? -12.035 -1.549  -1.704  1.00 12.95 ? 166 LEU A CD1 1 
ATOM   1067 C CD2 . LEU A 1 134 ? -14.513 -1.990  -1.350  1.00 12.25 ? 166 LEU A CD2 1 
ATOM   1068 N N   . ASP A 1 135 ? -13.896 2.850   -2.147  1.00 8.60  ? 167 ASP A N   1 
ATOM   1069 C CA  . ASP A 1 135 ? -14.197 3.568   -3.370  1.00 8.56  ? 167 ASP A CA  1 
ATOM   1070 C C   . ASP A 1 135 ? -13.037 4.484   -3.754  1.00 9.43  ? 167 ASP A C   1 
ATOM   1071 O O   . ASP A 1 135 ? -12.651 4.557   -4.933  1.00 11.04 ? 167 ASP A O   1 
ATOM   1072 C CB  . ASP A 1 135 ? -15.485 4.376   -3.180  1.00 8.17  ? 167 ASP A CB  1 
ATOM   1073 C CG  . ASP A 1 135 ? -15.826 5.242   -4.392  1.00 9.28  ? 167 ASP A CG  1 
ATOM   1074 O OD1 . ASP A 1 135 ? -15.575 6.458   -4.341  1.00 11.45 ? 167 ASP A OD1 1 
ATOM   1075 O OD2 . ASP A 1 135 ? -16.338 4.700   -5.393  1.00 9.45  ? 167 ASP A OD2 1 
ATOM   1076 N N   . LYS A 1 136 ? -12.467 5.171   -2.772  1.00 7.83  ? 168 LYS A N   1 
ATOM   1077 C CA  . LYS A 1 136 ? -11.354 6.070   -3.048  1.00 8.15  ? 168 LYS A CA  1 
ATOM   1078 C C   . LYS A 1 136 ? -10.022 5.314   -3.203  1.00 10.07 ? 168 LYS A C   1 
ATOM   1079 O O   . LYS A 1 136 ? -9.226  5.660   -4.063  1.00 11.02 ? 168 LYS A O   1 
ATOM   1080 C CB  . LYS A 1 136 ? -11.238 7.138   -1.948  1.00 10.11 ? 168 LYS A CB  1 
ATOM   1081 C CG  . LYS A 1 136 ? -12.500 8.003   -1.763  1.00 7.77  ? 168 LYS A CG  1 
ATOM   1082 C CD  . LYS A 1 136 ? -13.004 8.586   -3.103  1.00 10.37 ? 168 LYS A CD  1 
ATOM   1083 C CE  . LYS A 1 136 ? -14.301 9.378   -2.891  1.00 11.24 ? 168 LYS A CE  1 
ATOM   1084 N NZ  . LYS A 1 136 ? -15.390 8.471   -2.401  1.00 10.44 ? 168 LYS A NZ  1 
ATOM   1085 N N   . ILE A 1 137 ? -9.792  4.282   -2.381  1.00 10.39 ? 169 ILE A N   1 
ATOM   1086 C CA  . ILE A 1 137 ? -8.561  3.496   -2.442  1.00 11.55 ? 169 ILE A CA  1 
ATOM   1087 C C   . ILE A 1 137 ? -8.416  2.873   -3.841  1.00 13.40 ? 169 ILE A C   1 
ATOM   1088 O O   . ILE A 1 137 ? -7.317  2.852   -4.403  1.00 12.54 ? 169 ILE A O   1 
ATOM   1089 C CB  . ILE A 1 137 ? -8.550  2.332   -1.384  1.00 11.27 ? 169 ILE A CB  1 
ATOM   1090 C CG1 . ILE A 1 137 ? -8.528  2.892   0.046   1.00 14.61 ? 169 ILE A CG1 1 
ATOM   1091 C CG2 . ILE A 1 137 ? -7.348  1.432   -1.590  1.00 13.63 ? 169 ILE A CG2 1 
ATOM   1092 C CD1 . ILE A 1 137 ? -7.364  3.792   0.358   1.00 17.89 ? 169 ILE A CD1 1 
ATOM   1093 N N   . ARG A 1 138 ? -9.508  2.356   -4.403  1.00 10.87 ? 170 ARG A N   1 
ATOM   1094 C CA  . ARG A 1 138 ? -9.402  1.755   -5.734  1.00 11.33 ? 170 ARG A CA  1 
ATOM   1095 C C   . ARG A 1 138 ? -9.018  2.792   -6.784  1.00 11.40 ? 170 ARG A C   1 
ATOM   1096 O O   . ARG A 1 138 ? -8.256  2.498   -7.714  1.00 9.85  ? 170 ARG A O   1 
ATOM   1097 C CB  . ARG A 1 138 ? -10.703 1.070   -6.140  1.00 12.04 ? 170 ARG A CB  1 
ATOM   1098 C CG  . ARG A 1 138 ? -10.968 -0.212  -5.367  1.00 12.21 ? 170 ARG A CG  1 
ATOM   1099 C CD  . ARG A 1 138 ? -12.116 -0.937  -5.971  1.00 15.74 ? 170 ARG A CD  1 
ATOM   1100 N NE  . ARG A 1 138 ? -12.317 -2.246  -5.369  1.00 15.13 ? 170 ARG A NE  1 
ATOM   1101 C CZ  . ARG A 1 138 ? -13.502 -2.694  -4.983  1.00 16.19 ? 170 ARG A CZ  1 
ATOM   1102 N NH1 . ARG A 1 138 ? -14.572 -1.922  -5.132  1.00 14.90 ? 170 ARG A NH1 1 
ATOM   1103 N NH2 . ARG A 1 138 ? -13.617 -3.917  -4.480  1.00 15.62 ? 170 ARG A NH2 1 
ATOM   1104 N N   . ARG A 1 139 ? -9.529  4.004   -6.644  1.00 10.15 ? 171 ARG A N   1 
ATOM   1105 C CA  . ARG A 1 139 ? -9.177  5.047   -7.605  1.00 13.30 ? 171 ARG A CA  1 
ATOM   1106 C C   . ARG A 1 139 ? -7.697  5.336   -7.492  1.00 14.71 ? 171 ARG A C   1 
ATOM   1107 O O   . ARG A 1 139 ? -7.001  5.486   -8.497  1.00 15.35 ? 171 ARG A O   1 
ATOM   1108 C CB  . ARG A 1 139 ? -9.925  6.335   -7.311  1.00 14.89 ? 171 ARG A CB  1 
ATOM   1109 C CG  . ARG A 1 139 ? -11.409 6.216   -7.386  1.00 13.93 ? 171 ARG A CG  1 
ATOM   1110 C CD  . ARG A 1 139 ? -12.004 7.585   -7.108  1.00 16.62 ? 171 ARG A CD  1 
ATOM   1111 N NE  . ARG A 1 139 ? -13.411 7.504   -6.740  1.00 15.18 ? 171 ARG A NE  1 
ATOM   1112 C CZ  . ARG A 1 139 ? -14.281 8.474   -6.964  1.00 14.17 ? 171 ARG A CZ  1 
ATOM   1113 N NH1 . ARG A 1 139 ? -13.876 9.588   -7.565  1.00 13.56 ? 171 ARG A NH1 1 
ATOM   1114 N NH2 . ARG A 1 139 ? -15.541 8.338   -6.573  1.00 12.60 ? 171 ARG A NH2 1 
ATOM   1115 N N   . GLN A 1 140 ? -7.214  5.443   -6.256  1.00 14.40 ? 172 GLN A N   1 
ATOM   1116 C CA  . GLN A 1 140 ? -5.805  5.719   -6.046  1.00 13.94 ? 172 GLN A CA  1 
ATOM   1117 C C   . GLN A 1 140 ? -4.987  4.583   -6.629  1.00 15.06 ? 172 GLN A C   1 
ATOM   1118 O O   . GLN A 1 140 ? -3.943  4.806   -7.249  1.00 15.39 ? 172 GLN A O   1 
ATOM   1119 C CB  . GLN A 1 140 ? -5.485  5.852   -4.548  1.00 13.36 ? 172 GLN A CB  1 
ATOM   1120 C CG  . GLN A 1 140 ? -6.125  7.047   -3.889  1.00 13.80 ? 172 GLN A CG  1 
ATOM   1121 C CD  . GLN A 1 140 ? -6.024  6.984   -2.378  1.00 18.14 ? 172 GLN A CD  1 
ATOM   1122 O OE1 . GLN A 1 140 ? -5.235  6.210   -1.829  1.00 20.80 ? 172 GLN A OE1 1 
ATOM   1123 N NE2 . GLN A 1 140 ? -6.819  7.802   -1.695  1.00 20.01 ? 172 GLN A NE2 1 
ATOM   1124 N N   . ASN A 1 141 ? -5.456  3.358   -6.425  1.00 13.14 ? 173 ASN A N   1 
ATOM   1125 C CA  . ASN A 1 141 ? -4.723  2.222   -6.932  1.00 14.80 ? 173 ASN A CA  1 
ATOM   1126 C C   . ASN A 1 141 ? -4.645  2.215   -8.451  1.00 15.39 ? 173 ASN A C   1 
ATOM   1127 O O   . ASN A 1 141 ? -3.596  1.908   -9.011  1.00 17.07 ? 173 ASN A O   1 
ATOM   1128 C CB  . ASN A 1 141 ? -5.325  0.920   -6.392  1.00 15.19 ? 173 ASN A CB  1 
ATOM   1129 C CG  . ASN A 1 141 ? -4.884  0.639   -4.965  1.00 15.61 ? 173 ASN A CG  1 
ATOM   1130 O OD1 . ASN A 1 141 ? -3.972  1.296   -4.449  1.00 15.79 ? 173 ASN A OD1 1 
ATOM   1131 N ND2 . ASN A 1 141 ? -5.511  -0.337  -4.326  1.00 15.13 ? 173 ASN A ND2 1 
ATOM   1132 N N   . ARG A 1 142 ? -5.732  2.578   -9.121  1.00 16.38 ? 174 ARG A N   1 
ATOM   1133 C CA  . ARG A 1 142 ? -5.719  2.584   -10.572 1.00 19.52 ? 174 ARG A CA  1 
ATOM   1134 C C   . ARG A 1 142 ? -4.787  3.662   -11.109 1.00 19.96 ? 174 ARG A C   1 
ATOM   1135 O O   . ARG A 1 142 ? -4.148  3.481   -12.147 1.00 19.89 ? 174 ARG A O   1 
ATOM   1136 C CB  . ARG A 1 142 ? -7.139  2.744   -11.110 1.00 21.01 ? 174 ARG A CB  1 
ATOM   1137 C CG  . ARG A 1 142 ? -7.962  1.492   -10.853 1.00 24.95 ? 174 ARG A CG  1 
ATOM   1138 C CD  . ARG A 1 142 ? -9.297  1.542   -11.552 1.00 28.79 ? 174 ARG A CD  1 
ATOM   1139 N NE  . ARG A 1 142 ? -10.216 2.424   -10.850 1.00 30.82 ? 174 ARG A NE  1 
ATOM   1140 C CZ  . ARG A 1 142 ? -11.253 2.007   -10.134 1.00 30.19 ? 174 ARG A CZ  1 
ATOM   1141 N NH1 . ARG A 1 142 ? -11.515 0.710   -10.030 1.00 31.02 ? 174 ARG A NH1 1 
ATOM   1142 N NH2 . ARG A 1 142 ? -12.006 2.888   -9.499  1.00 26.00 ? 174 ARG A NH2 1 
ATOM   1143 N N   . ILE A 1 143 ? -4.700  4.776   -10.388 1.00 19.09 ? 175 ILE A N   1 
ATOM   1144 C CA  . ILE A 1 143 ? -3.808  5.855   -10.777 1.00 18.16 ? 175 ILE A CA  1 
ATOM   1145 C C   . ILE A 1 143 ? -2.347  5.408   -10.625 1.00 18.60 ? 175 ILE A C   1 
ATOM   1146 O O   . ILE A 1 143 ? -1.534  5.612   -11.530 1.00 17.37 ? 175 ILE A O   1 
ATOM   1147 C CB  . ILE A 1 143 ? -4.061  7.129   -9.922  1.00 18.19 ? 175 ILE A CB  1 
ATOM   1148 C CG1 . ILE A 1 143 ? -5.343  7.825   -10.394 1.00 14.96 ? 175 ILE A CG1 1 
ATOM   1149 C CG2 . ILE A 1 143 ? -2.892  8.089   -10.043 1.00 16.83 ? 175 ILE A CG2 1 
ATOM   1150 C CD1 . ILE A 1 143 ? -5.869  8.898   -9.409  1.00 18.02 ? 175 ILE A CD1 1 
ATOM   1151 N N   . LYS A 1 144 ? -1.997  4.773   -9.512  1.00 17.79 ? 176 LYS A N   1 
ATOM   1152 C CA  . LYS A 1 144 ? -0.607  4.385   -9.376  1.00 19.97 ? 176 LYS A CA  1 
ATOM   1153 C C   . LYS A 1 144 ? -0.187  3.225   -10.279 1.00 19.82 ? 176 LYS A C   1 
ATOM   1154 O O   . LYS A 1 144 ? 0.973   3.155   -10.674 1.00 20.53 ? 176 LYS A O   1 
ATOM   1155 C CB  . LYS A 1 144 ? -0.233  4.193   -7.896  1.00 23.08 ? 176 LYS A CB  1 
ATOM   1156 C CG  . LYS A 1 144 ? -0.239  2.832   -7.257  1.00 27.73 ? 176 LYS A CG  1 
ATOM   1157 C CD  . LYS A 1 144 ? 0.122   3.060   -5.758  1.00 29.72 ? 176 LYS A CD  1 
ATOM   1158 C CE  . LYS A 1 144 ? 0.214   1.791   -4.935  1.00 33.09 ? 176 LYS A CE  1 
ATOM   1159 N NZ  . LYS A 1 144 ? 0.187   2.106   -3.463  1.00 34.66 ? 176 LYS A NZ  1 
ATOM   1160 N N   . ALA A 1 145 ? -1.136  2.368   -10.655 1.00 19.50 ? 177 ALA A N   1 
ATOM   1161 C CA  . ALA A 1 145 ? -0.858  1.255   -11.565 1.00 22.25 ? 177 ALA A CA  1 
ATOM   1162 C C   . ALA A 1 145 ? -0.546  1.837   -12.948 1.00 23.01 ? 177 ALA A C   1 
ATOM   1163 O O   . ALA A 1 145 ? 0.386   1.391   -13.627 1.00 23.60 ? 177 ALA A O   1 
ATOM   1164 C CB  . ALA A 1 145 ? -2.071  0.329   -11.668 1.00 20.09 ? 177 ALA A CB  1 
ATOM   1165 N N   . GLU A 1 146 ? -1.331  2.830   -13.362 1.00 23.03 ? 178 GLU A N   1 
ATOM   1166 C CA  . GLU A 1 146 ? -1.129  3.465   -14.667 1.00 23.04 ? 178 GLU A CA  1 
ATOM   1167 C C   . GLU A 1 146 ? 0.214   4.165   -14.708 1.00 23.28 ? 178 GLU A C   1 
ATOM   1168 O O   . GLU A 1 146 ? 0.960   4.037   -15.684 1.00 22.65 ? 178 GLU A O   1 
ATOM   1169 C CB  . GLU A 1 146 ? -2.234  4.479   -14.982 1.00 23.54 ? 178 GLU A CB  1 
ATOM   1170 C CG  . GLU A 1 146 ? -2.079  5.107   -16.373 1.00 26.01 ? 178 GLU A CG  1 
ATOM   1171 C CD  . GLU A 1 146 ? -3.238  6.018   -16.761 1.00 28.67 ? 178 GLU A CD  1 
ATOM   1172 O OE1 . GLU A 1 146 ? -3.390  6.290   -17.969 1.00 31.79 ? 178 GLU A OE1 1 
ATOM   1173 O OE2 . GLU A 1 146 ? -3.994  6.467   -15.874 1.00 28.23 ? 178 GLU A OE2 1 
ATOM   1174 N N   . LEU A 1 147 ? 0.525   4.903   -13.647 1.00 22.50 ? 179 LEU A N   1 
ATOM   1175 C CA  . LEU A 1 147 ? 1.795   5.608   -13.576 1.00 23.37 ? 179 LEU A CA  1 
ATOM   1176 C C   . LEU A 1 147 ? 2.967   4.629   -13.584 1.00 25.87 ? 179 LEU A C   1 
ATOM   1177 O O   . LEU A 1 147 ? 4.007   4.888   -14.202 1.00 25.59 ? 179 LEU A O   1 
ATOM   1178 C CB  . LEU A 1 147 ? 1.864   6.467   -12.316 1.00 22.66 ? 179 LEU A CB  1 
ATOM   1179 C CG  . LEU A 1 147 ? 0.904   7.650   -12.243 1.00 22.53 ? 179 LEU A CG  1 
ATOM   1180 C CD1 . LEU A 1 147 ? 1.027   8.314   -10.863 1.00 21.63 ? 179 LEU A CD1 1 
ATOM   1181 C CD2 . LEU A 1 147 ? 1.223   8.639   -13.367 1.00 24.53 ? 179 LEU A CD2 1 
ATOM   1182 N N   . GLN A 1 148 ? 2.803   3.509   -12.887 1.00 27.19 ? 180 GLN A N   1 
ATOM   1183 C CA  . GLN A 1 148 ? 3.858   2.510   -12.826 1.00 29.36 ? 180 GLN A CA  1 
ATOM   1184 C C   . GLN A 1 148 ? 4.091   1.930   -14.218 1.00 29.92 ? 180 GLN A C   1 
ATOM   1185 O O   . GLN A 1 148 ? 5.231   1.687   -14.607 1.00 31.15 ? 180 GLN A O   1 
ATOM   1186 C CB  . GLN A 1 148 ? 3.481   1.406   -11.832 1.00 30.45 ? 180 GLN A CB  1 
ATOM   1187 C CG  . GLN A 1 148 ? 4.592   0.419   -11.572 1.00 33.66 ? 180 GLN A CG  1 
ATOM   1188 C CD  . GLN A 1 148 ? 5.921   1.107   -11.314 1.00 35.69 ? 180 GLN A CD  1 
ATOM   1189 O OE1 . GLN A 1 148 ? 6.046   1.915   -10.398 1.00 36.88 ? 180 GLN A OE1 1 
ATOM   1190 N NE2 . GLN A 1 148 ? 6.923   0.788   -12.130 1.00 37.16 ? 180 GLN A NE2 1 
ATOM   1191 N N   . ALA A 1 149 ? 3.016   1.721   -14.973 1.00 30.61 ? 181 ALA A N   1 
ATOM   1192 C CA  . ALA A 1 149 ? 3.142   1.184   -16.324 1.00 32.81 ? 181 ALA A CA  1 
ATOM   1193 C C   . ALA A 1 149 ? 3.965   2.126   -17.207 1.00 33.96 ? 181 ALA A C   1 
ATOM   1194 O O   . ALA A 1 149 ? 4.711   1.681   -18.074 1.00 34.68 ? 181 ALA A O   1 
ATOM   1195 C CB  . ALA A 1 149 ? 1.768   0.957   -16.940 1.00 31.76 ? 181 ALA A CB  1 
ATOM   1196 N N   . VAL A 1 150 ? 3.828   3.429   -16.993 1.00 34.98 ? 182 VAL A N   1 
ATOM   1197 C CA  . VAL A 1 150 ? 4.597   4.388   -17.775 1.00 35.53 ? 182 VAL A CA  1 
ATOM   1198 C C   . VAL A 1 150 ? 6.071   4.089   -17.542 1.00 37.51 ? 182 VAL A C   1 
ATOM   1199 O O   . VAL A 1 150 ? 6.869   4.036   -18.482 1.00 38.00 ? 182 VAL A O   1 
ATOM   1200 C CB  . VAL A 1 150 ? 4.277   5.830   -17.356 1.00 34.32 ? 182 VAL A CB  1 
ATOM   1201 C CG1 . VAL A 1 150 ? 5.276   6.790   -17.982 1.00 33.25 ? 182 VAL A CG1 1 
ATOM   1202 C CG2 . VAL A 1 150 ? 2.858   6.178   -17.778 1.00 33.10 ? 182 VAL A CG2 1 
ATOM   1203 N N   . LEU A 1 151 ? 6.426   3.872   -16.282 1.00 37.65 ? 183 LEU A N   1 
ATOM   1204 C CA  . LEU A 1 151 ? 7.795   3.535   -15.914 1.00 38.39 ? 183 LEU A CA  1 
ATOM   1205 C C   . LEU A 1 151 ? 8.366   2.182   -16.426 1.00 40.54 ? 183 LEU A C   1 
ATOM   1206 O O   . LEU A 1 151 ? 9.576   2.117   -16.686 1.00 40.88 ? 183 LEU A O   1 
ATOM   1207 C CB  . LEU A 1 151 ? 7.944   3.675   -14.390 1.00 36.80 ? 183 LEU A CB  1 
ATOM   1208 C CG  . LEU A 1 151 ? 8.316   5.034   -13.761 1.00 36.67 ? 183 LEU A CG  1 
ATOM   1209 C CD1 . LEU A 1 151 ? 8.139   6.172   -14.746 1.00 35.08 ? 183 LEU A CD1 1 
ATOM   1210 C CD2 . LEU A 1 151 ? 7.470   5.260   -12.529 1.00 36.02 ? 183 LEU A CD2 1 
ATOM   1211 N N   . ASP A 1 152 ? 7.494   1.156   -16.598 1.00 42.23 ? 184 ASP A N   1 
ATOM   1212 C CA  . ASP A 1 152 ? 7.827   -0.259  -17.083 1.00 44.40 ? 184 ASP A CA  1 
ATOM   1213 C C   . ASP A 1 152 ? 8.160   -0.911  -18.454 1.00 46.10 ? 184 ASP A C   1 
ATOM   1214 O O   . ASP A 1 152 ? 7.929   -0.349  -19.526 1.00 46.92 ? 184 ASP A O   1 
ATOM   1215 C CB  . ASP A 1 152 ? 6.742   -1.227  -16.460 1.00 44.04 ? 184 ASP A CB  1 
ATOM   1216 C CG  . ASP A 1 152 ? 6.771   -1.309  -14.939 1.00 45.03 ? 184 ASP A CG  1 
ATOM   1217 O OD1 . ASP A 1 152 ? 7.825   -1.197  -14.306 1.00 45.85 ? 184 ASP A OD1 1 
ATOM   1218 O OD2 . ASP A 1 152 ? 5.652   -1.535  -14.407 1.00 45.14 ? 184 ASP A OD2 1 
ATOM   1219 O OXT . ASP A 1 152 ? 8.541   -2.067  -18.282 1.00 49.12 ? 184 ASP A OXT 1 
HETATM 1220 O O   . HOH B 2 .   ? -22.013 -10.369 5.861   1.00 14.07 ? 185 HOH A O   1 
HETATM 1221 O O   . HOH B 2 .   ? -20.228 -10.100 8.038   1.00 11.41 ? 186 HOH A O   1 
HETATM 1222 O O   . HOH B 2 .   ? -15.108 -12.161 10.501  1.00 20.61 ? 187 HOH A O   1 
HETATM 1223 O O   . HOH B 2 .   ? -12.535 -14.579 10.489  1.00 28.28 ? 188 HOH A O   1 
HETATM 1224 O O   . HOH B 2 .   ? -11.062 -10.893 10.162  1.00 24.13 ? 189 HOH A O   1 
HETATM 1225 O O   . HOH B 2 .   ? -7.125  -8.366  4.714   1.00 15.59 ? 190 HOH A O   1 
HETATM 1226 O O   . HOH B 2 .   ? -5.166  -7.225  3.167   1.00 20.23 ? 191 HOH A O   1 
HETATM 1227 O O   . HOH B 2 .   ? -4.411  -9.203  1.440   1.00 16.24 ? 192 HOH A O   1 
HETATM 1228 O O   . HOH B 2 .   ? -4.484  -8.278  -1.060  1.00 23.34 ? 193 HOH A O   1 
HETATM 1229 O O   . HOH B 2 .   ? -5.662  -5.934  -0.910  1.00 14.08 ? 194 HOH A O   1 
HETATM 1230 O O   . HOH B 2 .   ? -4.786  -2.966  -1.907  1.00 17.94 ? 195 HOH A O   1 
HETATM 1231 O O   . HOH B 2 .   ? -2.042  -0.801  1.287   1.00 28.13 ? 196 HOH A O   1 
HETATM 1232 O O   . HOH B 2 .   ? -2.391  -2.370  -0.746  1.00 32.07 ? 197 HOH A O   1 
HETATM 1233 O O   . HOH B 2 .   ? 0.789   -2.941  -1.695  1.00 26.70 ? 198 HOH A O   1 
HETATM 1234 O O   . HOH B 2 .   ? -1.999  -0.217  -7.876  1.00 18.88 ? 199 HOH A O   1 
HETATM 1235 O O   . HOH B 2 .   ? 7.913   7.979   -7.439  1.00 35.62 ? 200 HOH A O   1 
HETATM 1236 O O   . HOH B 2 .   ? 3.689   12.861  -5.645  1.00 17.70 ? 201 HOH A O   1 
HETATM 1237 O O   . HOH B 2 .   ? 4.424   14.778  -3.777  1.00 26.41 ? 202 HOH A O   1 
HETATM 1238 O O   . HOH B 2 .   ? 6.530   16.359  -4.636  1.00 30.69 ? 203 HOH A O   1 
HETATM 1239 O O   . HOH B 2 .   ? 0.314   12.845  -7.594  1.00 12.91 ? 204 HOH A O   1 
HETATM 1240 O O   . HOH B 2 .   ? -5.493  10.155  -5.972  1.00 29.19 ? 205 HOH A O   1 
HETATM 1241 O O   . HOH B 2 .   ? -8.563  6.247   -10.715 1.00 18.10 ? 206 HOH A O   1 
HETATM 1242 O O   . HOH B 2 .   ? -10.978 5.159   -10.960 1.00 25.61 ? 207 HOH A O   1 
HETATM 1243 O O   . HOH B 2 .   ? -7.814  5.867   -13.355 1.00 29.14 ? 208 HOH A O   1 
HETATM 1244 O O   . HOH B 2 .   ? -5.434  5.348   -13.835 1.00 21.14 ? 209 HOH A O   1 
HETATM 1245 O O   . HOH B 2 .   ? -8.935  3.178   -14.726 1.00 35.12 ? 210 HOH A O   1 
HETATM 1246 O O   . HOH B 2 .   ? -5.471  -1.018  -12.098 1.00 19.48 ? 211 HOH A O   1 
HETATM 1247 O O   . HOH B 2 .   ? -5.674  -1.335  -9.196  1.00 38.14 ? 212 HOH A O   1 
HETATM 1248 O O   . HOH B 2 .   ? -7.970  -0.899  -8.089  1.00 37.00 ? 213 HOH A O   1 
HETATM 1249 O O   . HOH B 2 .   ? -10.839 -5.231  -4.269  1.00 31.48 ? 214 HOH A O   1 
HETATM 1250 O O   . HOH B 2 .   ? -10.103 -7.438  -2.404  1.00 31.34 ? 215 HOH A O   1 
HETATM 1251 O O   . HOH B 2 .   ? -11.040 -9.403  -1.034  1.00 34.21 ? 216 HOH A O   1 
HETATM 1252 O O   . HOH B 2 .   ? -11.510 -9.393  1.686   1.00 21.17 ? 217 HOH A O   1 
HETATM 1253 O O   . HOH B 2 .   ? -14.086 -9.963  2.130   1.00 24.63 ? 218 HOH A O   1 
HETATM 1254 O O   . HOH B 2 .   ? -16.734 -5.730  -1.713  1.00 33.70 ? 219 HOH A O   1 
HETATM 1255 O O   . HOH B 2 .   ? -16.323 -4.851  -3.965  1.00 33.49 ? 220 HOH A O   1 
HETATM 1256 O O   . HOH B 2 .   ? -16.898 1.023   -2.846  1.00 10.42 ? 221 HOH A O   1 
HETATM 1257 O O   . HOH B 2 .   ? -17.323 2.182   -5.292  1.00 19.54 ? 222 HOH A O   1 
HETATM 1258 O O   . HOH B 2 .   ? -13.523 3.245   -7.183  1.00 9.38  ? 223 HOH A O   1 
HETATM 1259 O O   . HOH B 2 .   ? 2.247   -5.798  -1.991  1.00 31.31 ? 224 HOH A O   1 
HETATM 1260 O O   . HOH B 2 .   ? -1.795  -10.250 1.850   1.00 21.48 ? 225 HOH A O   1 
HETATM 1261 O O   . HOH B 2 .   ? -4.042  -8.027  10.296  1.00 15.60 ? 226 HOH A O   1 
HETATM 1262 O O   . HOH B 2 .   ? -9.157  -1.544  11.609  1.00 13.77 ? 227 HOH A O   1 
HETATM 1263 O O   . HOH B 2 .   ? -9.669  0.609   10.097  1.00 13.84 ? 228 HOH A O   1 
HETATM 1264 O O   . HOH B 2 .   ? -11.755 0.668   11.695  1.00 11.98 ? 229 HOH A O   1 
HETATM 1265 O O   . HOH B 2 .   ? -13.564 2.983   10.940  1.00 17.28 ? 230 HOH A O   1 
HETATM 1266 O O   . HOH B 2 .   ? -9.772  0.539   7.305   1.00 21.38 ? 231 HOH A O   1 
HETATM 1267 O O   . HOH B 2 .   ? -10.175 6.986   6.559   1.00 25.04 ? 232 HOH A O   1 
HETATM 1268 O O   . HOH B 2 .   ? -15.158 6.586   4.806   1.00 16.09 ? 233 HOH A O   1 
HETATM 1269 O O   . HOH B 2 .   ? -20.516 3.859   2.272   1.00 7.86  ? 234 HOH A O   1 
HETATM 1270 O O   . HOH B 2 .   ? 13.533  7.266   22.872  1.00 16.11 ? 235 HOH A O   1 
HETATM 1271 O O   . HOH B 2 .   ? -20.220 5.413   8.794   1.00 9.63  ? 236 HOH A O   1 
HETATM 1272 O O   . HOH B 2 .   ? -19.090 7.085   10.492  1.00 18.79 ? 237 HOH A O   1 
HETATM 1273 O O   . HOH B 2 .   ? -24.253 -0.678  6.860   1.00 16.61 ? 238 HOH A O   1 
HETATM 1274 O O   . HOH B 2 .   ? -20.684 -5.289  3.226   1.00 35.88 ? 239 HOH A O   1 
HETATM 1275 O O   . HOH B 2 .   ? -18.015 -2.363  3.851   1.00 14.74 ? 240 HOH A O   1 
HETATM 1276 O O   . HOH B 2 .   ? -15.965 -2.587  2.020   1.00 13.14 ? 241 HOH A O   1 
HETATM 1277 O O   . HOH B 2 .   ? -20.800 -14.117 1.574   1.00 28.30 ? 242 HOH A O   1 
HETATM 1278 O O   . HOH B 2 .   ? -25.739 -4.121  12.893  1.00 19.06 ? 243 HOH A O   1 
HETATM 1279 O O   . HOH B 2 .   ? -24.231 -1.984  13.770  1.00 17.35 ? 244 HOH A O   1 
HETATM 1280 O O   . HOH B 2 .   ? -23.057 -2.491  16.133  1.00 23.03 ? 245 HOH A O   1 
HETATM 1281 O O   . HOH B 2 .   ? -21.498 -4.736  15.908  1.00 13.66 ? 246 HOH A O   1 
HETATM 1282 O O   . HOH B 2 .   ? -21.152 -5.177  18.476  1.00 19.37 ? 247 HOH A O   1 
HETATM 1283 O O   . HOH B 2 .   ? -14.911 0.951   -6.414  1.00 25.60 ? 248 HOH A O   1 
HETATM 1284 O O   . HOH B 2 .   ? -18.045 -2.396  16.749  1.00 45.77 ? 249 HOH A O   1 
HETATM 1285 O O   . HOH B 2 .   ? -15.565 -3.002  15.413  1.00 21.46 ? 250 HOH A O   1 
HETATM 1286 O O   . HOH B 2 .   ? -10.191 -4.182  21.639  1.00 13.81 ? 251 HOH A O   1 
HETATM 1287 O O   . HOH B 2 .   ? -6.445  -4.103  21.769  1.00 20.13 ? 252 HOH A O   1 
HETATM 1288 O O   . HOH B 2 .   ? -7.709  -8.535  23.349  1.00 22.14 ? 253 HOH A O   1 
HETATM 1289 O O   . HOH B 2 .   ? -13.942 -14.109 21.913  1.00 19.30 ? 254 HOH A O   1 
HETATM 1290 O O   . HOH B 2 .   ? -12.764 -15.762 20.491  1.00 16.63 ? 255 HOH A O   1 
HETATM 1291 O O   . HOH B 2 .   ? -11.037 -17.276 17.444  1.00 17.62 ? 256 HOH A O   1 
HETATM 1292 O O   . HOH B 2 .   ? -17.638 -13.504 18.496  1.00 16.57 ? 257 HOH A O   1 
HETATM 1293 O O   . HOH B 2 .   ? -6.683  -1.377  15.859  1.00 20.04 ? 258 HOH A O   1 
HETATM 1294 O O   . HOH B 2 .   ? -6.861  -0.560  13.494  1.00 28.83 ? 259 HOH A O   1 
HETATM 1295 O O   . HOH B 2 .   ? -4.731  0.227   17.053  1.00 13.12 ? 260 HOH A O   1 
HETATM 1296 O O   . HOH B 2 .   ? -3.800  1.667   10.886  1.00 26.27 ? 261 HOH A O   1 
HETATM 1297 O O   . HOH B 2 .   ? 9.531   3.645   9.102   1.00 54.48 ? 262 HOH A O   1 
HETATM 1298 O O   . HOH B 2 .   ? 6.372   -0.123  8.002   1.00 24.68 ? 263 HOH A O   1 
HETATM 1299 O O   . HOH B 2 .   ? 6.911   -2.238  6.834   1.00 31.07 ? 264 HOH A O   1 
HETATM 1300 O O   . HOH B 2 .   ? 9.962   -8.288  9.770   1.00 35.83 ? 265 HOH A O   1 
HETATM 1301 O O   . HOH B 2 .   ? 9.374   -6.889  11.878  1.00 21.88 ? 266 HOH A O   1 
HETATM 1302 O O   . HOH B 2 .   ? 12.205  -0.582  13.354  1.00 28.75 ? 267 HOH A O   1 
HETATM 1303 O O   . HOH B 2 .   ? 10.033  5.035   22.433  1.00 31.01 ? 268 HOH A O   1 
HETATM 1304 O O   . HOH B 2 .   ? 11.122  7.148   23.832  1.00 8.08  ? 269 HOH A O   1 
HETATM 1305 O O   . HOH B 2 .   ? 10.442  2.291   22.848  1.00 28.34 ? 270 HOH A O   1 
HETATM 1306 O O   . HOH B 2 .   ? 7.716   1.691   22.822  1.00 23.09 ? 271 HOH A O   1 
HETATM 1307 O O   . HOH B 2 .   ? 7.756   -0.723  21.946  1.00 14.26 ? 272 HOH A O   1 
HETATM 1308 O O   . HOH B 2 .   ? 12.572  -3.331  21.103  1.00 25.99 ? 273 HOH A O   1 
HETATM 1309 O O   . HOH B 2 .   ? 13.043  -6.524  26.916  1.00 14.47 ? 274 HOH A O   1 
HETATM 1310 O O   . HOH B 2 .   ? 3.553   -11.202 29.233  1.00 26.68 ? 275 HOH A O   1 
HETATM 1311 O O   . HOH B 2 .   ? 0.418   -10.919 22.118  1.00 40.05 ? 276 HOH A O   1 
HETATM 1312 O O   . HOH B 2 .   ? 2.447   -12.102 21.337  1.00 29.44 ? 277 HOH A O   1 
HETATM 1313 O O   . HOH B 2 .   ? 2.055   -13.663 18.968  1.00 12.72 ? 278 HOH A O   1 
HETATM 1314 O O   . HOH B 2 .   ? -0.001  -13.807 17.319  1.00 14.36 ? 279 HOH A O   1 
HETATM 1315 O O   . HOH B 2 .   ? 4.042   -15.459 18.170  1.00 14.00 ? 280 HOH A O   1 
HETATM 1316 O O   . HOH B 2 .   ? 4.976   -15.982 11.597  1.00 24.23 ? 281 HOH A O   1 
HETATM 1317 O O   . HOH B 2 .   ? 6.681   5.930   20.198  1.00 35.49 ? 282 HOH A O   1 
HETATM 1318 O O   . HOH B 2 .   ? 7.969   9.551   17.781  1.00 40.68 ? 283 HOH A O   1 
HETATM 1319 O O   . HOH B 2 .   ? -17.371 -9.899  21.521  1.00 33.07 ? 284 HOH A O   1 
HETATM 1320 O O   . HOH B 2 .   ? -18.190 -7.652  20.934  1.00 30.29 ? 285 HOH A O   1 
HETATM 1321 O O   . HOH B 2 .   ? -18.580 -5.465  19.010  1.00 20.68 ? 286 HOH A O   1 
HETATM 1322 O O   . HOH B 2 .   ? -21.790 -7.721  19.190  1.00 26.90 ? 287 HOH A O   1 
HETATM 1323 O O   . HOH B 2 .   ? -20.405 -12.798 20.500  1.00 29.03 ? 288 HOH A O   1 
HETATM 1324 O O   . HOH B 2 .   ? 0.866   12.375  -14.968 1.00 34.62 ? 289 HOH A O   1 
HETATM 1325 O O   . HOH B 2 .   ? -2.872  10.202  -14.063 1.00 25.13 ? 290 HOH A O   1 
HETATM 1326 O O   . HOH B 2 .   ? -4.822  5.205   -20.121 1.00 37.76 ? 291 HOH A O   1 
HETATM 1327 O O   . HOH B 2 .   ? 20.724  9.480   -38.868 1.00 47.23 ? 292 HOH A O   1 
HETATM 1328 O O   . HOH B 2 .   ? 26.585  17.113  -39.130 1.00 41.30 ? 293 HOH A O   1 
HETATM 1329 O O   . HOH B 2 .   ? 25.882  19.573  -39.874 1.00 37.23 ? 294 HOH A O   1 
HETATM 1330 O O   . HOH B 2 .   ? 0.119   -1.071  -19.728 1.00 35.49 ? 295 HOH A O   1 
HETATM 1331 O O   . HOH B 2 .   ? 1.176   -0.969  -13.589 1.00 26.47 ? 296 HOH A O   1 
HETATM 1332 O O   . HOH B 2 .   ? -22.949 5.582   8.896   1.00 28.06 ? 297 HOH A O   1 
HETATM 1333 O O   . HOH B 2 .   ? 1.159   -6.920  25.031  1.00 27.96 ? 298 HOH A O   1 
HETATM 1334 O O   . HOH B 2 .   ? -9.994  10.039  0.418   1.00 21.31 ? 299 HOH A O   1 
HETATM 1335 O O   . HOH B 2 .   ? -10.224 -13.391 10.053  1.00 24.64 ? 300 HOH A O   1 
HETATM 1336 O O   . HOH B 2 .   ? -3.280  -17.802 21.984  1.00 27.52 ? 301 HOH A O   1 
HETATM 1337 O O   . HOH B 2 .   ? -3.764  -8.952  21.447  1.00 33.38 ? 302 HOH A O   1 
HETATM 1338 O O   . HOH B 2 .   ? -26.063 0.516   13.805  1.00 34.90 ? 303 HOH A O   1 
HETATM 1339 O O   . HOH B 2 .   ? 13.472  -8.908  28.250  1.00 40.04 ? 304 HOH A O   1 
HETATM 1340 O O   . HOH B 2 .   ? -14.952 -10.260 7.055   1.00 26.35 ? 305 HOH A O   1 
HETATM 1341 O O   . HOH B 2 .   ? -1.897  2.966   26.242  1.00 31.87 ? 306 HOH A O   1 
HETATM 1342 O O   . HOH B 2 .   ? 8.384   1.893   7.544   1.00 27.86 ? 307 HOH A O   1 
HETATM 1343 O O   . HOH B 2 .   ? -5.835  -11.524 1.170   1.00 33.21 ? 308 HOH A O   1 
HETATM 1344 O O   . HOH B 2 .   ? -9.515  10.496  -12.161 1.00 32.39 ? 309 HOH A O   1 
HETATM 1345 O O   . HOH B 2 .   ? 0.121   -16.537 10.505  1.00 25.81 ? 310 HOH A O   1 
HETATM 1346 O O   . HOH B 2 .   ? 6.835   -5.327  -1.828  1.00 36.13 ? 311 HOH A O   1 
HETATM 1347 O O   . HOH B 2 .   ? -9.506  -10.602 6.760   1.00 28.84 ? 312 HOH A O   1 
HETATM 1348 O O   . HOH B 2 .   ? -3.491  -18.568 19.604  1.00 33.07 ? 313 HOH A O   1 
HETATM 1349 O O   . HOH B 2 .   ? -1.783  -5.271  27.420  1.00 36.94 ? 314 HOH A O   1 
HETATM 1350 O O   . HOH B 2 .   ? -7.669  -7.025  -3.345  1.00 42.72 ? 315 HOH A O   1 
HETATM 1351 O O   . HOH B 2 .   ? -1.119  -18.360 8.971   1.00 37.06 ? 316 HOH A O   1 
HETATM 1352 O O   . HOH B 2 .   ? -1.570  3.132   11.988  1.00 44.31 ? 317 HOH A O   1 
HETATM 1353 O O   . HOH B 2 .   ? -3.457  1.795   14.748  1.00 29.86 ? 318 HOH A O   1 
HETATM 1354 O O   . HOH B 2 .   ? 14.206  4.863   21.507  1.00 42.08 ? 319 HOH A O   1 
HETATM 1355 O O   . HOH B 2 .   ? -13.827 -1.792  21.510  1.00 32.29 ? 320 HOH A O   1 
HETATM 1356 O O   . HOH B 2 .   ? -8.401  5.363   4.445   1.00 33.44 ? 321 HOH A O   1 
HETATM 1357 O O   . HOH B 2 .   ? 13.001  -10.672 25.809  1.00 42.31 ? 322 HOH A O   1 
HETATM 1358 O O   . HOH B 2 .   ? 11.916  2.829   11.487  1.00 51.29 ? 323 HOH A O   1 
HETATM 1359 O O   . HOH B 2 .   ? 3.472   -1.873  -15.188 1.00 31.93 ? 324 HOH A O   1 
HETATM 1360 O O   . HOH B 2 .   ? 8.918   0.165   3.009   1.00 47.28 ? 325 HOH A O   1 
HETATM 1361 O O   . HOH B 2 .   ? -9.658  -6.152  23.593  1.00 42.60 ? 326 HOH A O   1 
HETATM 1362 O O   . HOH B 2 .   ? 3.533   -8.598  25.775  1.00 29.75 ? 327 HOH A O   1 
HETATM 1363 O O   . HOH B 2 .   ? 8.985   0.209   19.639  1.00 58.41 ? 328 HOH A O   1 
HETATM 1364 O O   . HOH B 2 .   ? 6.032   7.911   16.103  1.00 45.98 ? 329 HOH A O   1 
HETATM 1365 O O   . HOH B 2 .   ? 16.844  16.330  -31.003 1.00 45.57 ? 330 HOH A O   1 
HETATM 1366 O O   . HOH B 2 .   ? 8.874   15.640  -17.236 1.00 44.82 ? 331 HOH A O   1 
HETATM 1367 O O   . HOH B 2 .   ? 4.075   11.006  -17.554 1.00 33.69 ? 332 HOH A O   1 
HETATM 1368 O O   . HOH B 2 .   ? 9.186   -1.725  5.188   1.00 41.80 ? 333 HOH A O   1 
HETATM 1369 O O   . HOH B 2 .   ? -5.341  -19.768 9.427   1.00 50.60 ? 334 HOH A O   1 
HETATM 1370 O O   . HOH B 2 .   ? -5.803  -6.470  22.082  1.00 45.48 ? 335 HOH A O   1 
HETATM 1371 O O   . HOH B 2 .   ? -2.522  -16.518 18.046  1.00 40.34 ? 336 HOH A O   1 
HETATM 1372 O O   . HOH B 2 .   ? -3.497  4.930   23.808  1.00 52.03 ? 337 HOH A O   1 
HETATM 1373 O O   . HOH B 2 .   ? 6.352   -11.722 26.476  1.00 50.36 ? 338 HOH A O   1 
HETATM 1374 O O   . HOH B 2 .   ? -3.432  -3.074  -12.640 1.00 36.27 ? 339 HOH A O   1 
HETATM 1375 O O   . HOH B 2 .   ? -2.872  5.845   13.129  1.00 50.03 ? 340 HOH A O   1 
HETATM 1376 O O   . HOH B 2 .   ? -25.137 3.608   9.026   1.00 45.37 ? 341 HOH A O   1 
HETATM 1377 O O   . HOH B 2 .   ? -23.389 -8.250  7.111   1.00 10.97 ? 342 HOH A O   1 
HETATM 1378 O O   . HOH B 2 .   ? -9.764  8.997   -10.370 1.00 44.54 ? 343 HOH A O   1 
HETATM 1379 O O   . HOH B 2 .   ? -6.210  1.788   12.483  1.00 30.68 ? 344 HOH A O   1 
HETATM 1380 O O   . HOH B 2 .   ? 12.546  8.579   -14.211 1.00 44.94 ? 345 HOH A O   1 
HETATM 1381 O O   . HOH B 2 .   ? -5.189  2.447   18.099  1.00 44.38 ? 346 HOH A O   1 
HETATM 1382 O O   . HOH B 2 .   ? -9.145  2.861   5.749   1.00 40.26 ? 347 HOH A O   1 
HETATM 1383 O O   . HOH B 2 .   ? 8.209   -7.405  -0.694  1.00 48.04 ? 348 HOH A O   1 
HETATM 1384 O O   . HOH B 2 .   ? -8.904  -13.100 7.424   1.00 39.04 ? 349 HOH A O   1 
HETATM 1385 O O   . HOH B 2 .   ? -24.570 6.797   10.570  1.00 38.86 ? 350 HOH A O   1 
HETATM 1386 O O   . HOH B 2 .   ? 0.844   -0.327  -8.650  1.00 41.09 ? 351 HOH A O   1 
HETATM 1387 O O   . HOH B 2 .   ? -5.365  1.412   23.238  1.00 38.76 ? 352 HOH A O   1 
HETATM 1388 O O   . HOH B 2 .   ? -12.954 -12.437 5.618   1.00 40.00 ? 353 HOH A O   1 
HETATM 1389 O O   . HOH B 2 .   ? -15.567 -0.212  17.404  1.00 48.80 ? 354 HOH A O   1 
HETATM 1390 O O   . HOH B 2 .   ? 13.422  -2.233  11.574  1.00 51.97 ? 355 HOH A O   1 
HETATM 1391 O O   . HOH B 2 .   ? -11.735 -7.705  24.390  1.00 43.76 ? 356 HOH A O   1 
HETATM 1392 O O   . HOH B 2 .   ? -1.887  -11.880 -0.399  1.00 46.46 ? 357 HOH A O   1 
HETATM 1393 O O   . HOH B 2 .   ? 1.552   6.829   0.408   1.00 47.41 ? 358 HOH A O   1 
HETATM 1394 O O   . HOH B 2 .   ? 0.563   -9.372  0.826   1.00 42.83 ? 359 HOH A O   1 
HETATM 1395 O O   . HOH B 2 .   ? 4.492   8.559   7.850   1.00 47.67 ? 360 HOH A O   1 
HETATM 1396 O O   . HOH B 2 .   ? 2.122   9.921   -16.179 1.00 44.95 ? 361 HOH A O   1 
HETATM 1397 O O   . HOH B 2 .   ? -1.672  -4.573  -3.003  1.00 45.14 ? 362 HOH A O   1 
HETATM 1398 O O   . HOH B 2 .   ? -4.181  5.962   -22.844 1.00 45.91 ? 363 HOH A O   1 
HETATM 1399 O O   . HOH B 2 .   ? 0.613   1.081   0.531   1.00 49.37 ? 364 HOH A O   1 
HETATM 1400 O O   . HOH B 2 .   ? -9.577  -15.138 6.158   1.00 46.91 ? 365 HOH A O   1 
HETATM 1401 O O   . HOH B 2 .   ? 3.299   13.677  -20.140 1.00 52.76 ? 366 HOH A O   1 
HETATM 1402 O O   . HOH B 2 .   ? -1.178  4.287   -2.483  1.00 41.97 ? 367 HOH A O   1 
HETATM 1403 O O   . HOH B 2 .   ? -27.775 3.159   9.140   1.00 49.25 ? 368 HOH A O   1 
HETATM 1404 O O   . HOH B 2 .   ? 3.731   1.598   -1.318  1.00 43.21 ? 369 HOH A O   1 
HETATM 1405 O O   . HOH B 2 .   ? -11.995 7.589   -11.202 1.00 42.80 ? 370 HOH A O   1 
HETATM 1406 O O   . HOH B 2 .   ? -4.534  10.534  -3.436  1.00 48.11 ? 371 HOH A O   1 
HETATM 1407 O O   . HOH B 2 .   ? -20.607 -13.722 5.048   1.00 54.37 ? 372 HOH A O   1 
HETATM 1408 O O   . HOH B 2 .   ? -3.723  1.928   19.887  1.00 44.77 ? 373 HOH A O   1 
HETATM 1409 O O   . HOH B 2 .   ? 4.699   -6.043  -3.406  1.00 49.37 ? 374 HOH A O   1 
HETATM 1410 O O   . HOH B 2 .   ? -9.385  -3.522  -7.547  1.00 44.54 ? 375 HOH A O   1 
HETATM 1411 O O   . HOH B 2 .   ? -18.013 -2.649  19.904  1.00 50.39 ? 376 HOH A O   1 
HETATM 1412 O O   . HOH B 2 .   ? -4.474  0.703   -0.067  1.00 36.47 ? 377 HOH A O   1 
HETATM 1413 O O   . HOH B 2 .   ? -1.773  0.503   -3.202  1.00 39.03 ? 378 HOH A O   1 
HETATM 1414 O O   . HOH B 2 .   ? -3.817  2.873   -2.092  1.00 45.12 ? 379 HOH A O   1 
HETATM 1415 O O   . HOH B 2 .   ? -2.204  -1.846  -5.190  1.00 43.96 ? 380 HOH A O   1 
HETATM 1416 O O   . HOH B 2 .   ? 3.675   1.087   -8.002  1.00 41.64 ? 381 HOH A O   1 
HETATM 1417 O O   . HOH B 2 .   ? 7.962   2.283   -7.459  1.00 43.57 ? 382 HOH A O   1 
HETATM 1418 O O   . HOH B 2 .   ? 4.280   6.762   11.691  1.00 38.49 ? 383 HOH A O   1 
HETATM 1419 O O   . HOH B 2 .   ? 1.947   6.372   9.976   1.00 35.66 ? 384 HOH A O   1 
HETATM 1420 O O   . HOH B 2 .   ? -22.189 0.631   16.576  1.00 44.12 ? 385 HOH A O   1 
HETATM 1421 O O   . HOH B 2 .   ? 13.905  9.393   -37.041 1.00 40.62 ? 386 HOH A O   1 
HETATM 1422 O O   . HOH B 2 .   ? -8.206  -16.225 14.266  1.00 35.58 ? 387 HOH A O   1 
HETATM 1423 O O   . HOH B 2 .   ? -5.141  -0.682  -1.696  1.00 42.40 ? 388 HOH A O   1 
HETATM 1424 O O   . HOH B 2 .   ? -0.594  -2.857  -14.923 1.00 41.11 ? 389 HOH A O   1 
HETATM 1425 O O   . HOH B 2 .   ? 11.333  12.479  -11.324 1.00 39.96 ? 390 HOH A O   1 
HETATM 1426 O O   . HOH B 2 .   ? 4.138   4.617   -21.766 1.00 39.96 ? 391 HOH A O   1 
HETATM 1427 O O   . HOH B 2 .   ? 3.444   -0.787  -19.615 1.00 39.96 ? 392 HOH A O   1 
HETATM 1428 O O   . HOH B 2 .   ? 9.134   5.211   -8.019  1.00 39.96 ? 393 HOH A O   1 
# 
